data_2M7L
#
_entry.id   2M7L
#
_cell.length_a   1.000
_cell.length_b   1.000
_cell.length_c   1.000
_cell.angle_alpha   90.00
_cell.angle_beta   90.00
_cell.angle_gamma   90.00
#
_symmetry.space_group_name_H-M   'P 1'
#
_entity_poly.entity_id   1
_entity_poly.type   'polypeptide(L)'
_entity_poly.pdbx_seq_one_letter_code
;GSSSGVTAEQMQEFKQSFDAFDGNHDGILDKLEFRSCLSSMGLIDIDFTGGEDAQYDAIYNNVTKGENGVSFDNYVQYMK
EKNDENPSPEQLNEIFSTIAAGKDSITETDMQKAGMSAEQIEYVKANLPQKGDGYDYAAWVKTN
;
_entity_poly.pdbx_strand_id   A
#
# COMPACT_ATOMS: atom_id res chain seq x y z
N GLY A 1 -10.67 9.41 -6.88
CA GLY A 1 -11.19 10.72 -6.53
C GLY A 1 -10.54 11.25 -5.28
N SER A 2 -10.64 10.49 -4.21
CA SER A 2 -10.04 10.86 -2.95
C SER A 2 -8.51 10.63 -3.01
N SER A 3 -8.07 9.42 -2.77
CA SER A 3 -6.69 9.11 -2.93
C SER A 3 -6.56 8.36 -4.24
N SER A 4 -6.37 9.09 -5.29
CA SER A 4 -6.31 8.53 -6.59
C SER A 4 -4.91 8.01 -6.87
N GLY A 5 -4.81 6.72 -7.12
CA GLY A 5 -3.54 6.12 -7.40
C GLY A 5 -3.55 4.69 -7.05
N VAL A 6 -4.27 3.96 -7.82
CA VAL A 6 -4.39 2.56 -7.63
C VAL A 6 -3.70 1.94 -8.81
N THR A 7 -3.25 0.74 -8.67
CA THR A 7 -2.58 0.08 -9.73
C THR A 7 -3.46 -1.07 -10.30
N ALA A 8 -3.07 -1.58 -11.46
CA ALA A 8 -3.85 -2.58 -12.17
C ALA A 8 -3.88 -3.88 -11.41
N GLU A 9 -2.77 -4.20 -10.78
CA GLU A 9 -2.64 -5.38 -9.94
C GLU A 9 -3.68 -5.32 -8.83
N GLN A 10 -3.87 -4.13 -8.25
CA GLN A 10 -4.81 -4.01 -7.16
C GLN A 10 -6.15 -4.23 -7.67
N MET A 11 -6.44 -3.65 -8.83
CA MET A 11 -7.74 -3.86 -9.48
C MET A 11 -8.08 -5.33 -9.66
N GLN A 12 -7.08 -6.20 -9.60
CA GLN A 12 -7.33 -7.60 -9.66
C GLN A 12 -7.43 -8.19 -8.24
N GLU A 13 -6.54 -7.78 -7.33
CA GLU A 13 -6.48 -8.45 -6.03
C GLU A 13 -7.58 -7.94 -5.12
N PHE A 14 -7.75 -6.65 -5.12
CA PHE A 14 -8.75 -6.00 -4.30
C PHE A 14 -10.14 -6.42 -4.77
N LYS A 15 -10.20 -6.74 -6.05
CA LYS A 15 -11.37 -7.26 -6.67
C LYS A 15 -11.64 -8.64 -6.08
N GLN A 16 -10.59 -9.43 -5.92
CA GLN A 16 -10.69 -10.77 -5.34
C GLN A 16 -11.08 -10.64 -3.87
N SER A 17 -10.52 -9.63 -3.21
CA SER A 17 -10.79 -9.34 -1.83
C SER A 17 -12.30 -9.07 -1.60
N PHE A 18 -12.95 -8.30 -2.49
CA PHE A 18 -14.38 -8.13 -2.33
C PHE A 18 -15.17 -9.33 -2.86
N ASP A 19 -14.75 -9.87 -4.00
CA ASP A 19 -15.39 -11.02 -4.70
C ASP A 19 -15.55 -12.24 -3.84
N ALA A 20 -14.62 -12.44 -2.93
CA ALA A 20 -14.68 -13.56 -1.99
C ALA A 20 -15.99 -13.52 -1.19
N PHE A 21 -16.46 -12.32 -0.93
CA PHE A 21 -17.68 -12.07 -0.19
C PHE A 21 -18.83 -11.70 -1.14
N ASP A 22 -18.59 -10.72 -1.96
CA ASP A 22 -19.59 -10.14 -2.84
C ASP A 22 -19.72 -10.95 -4.10
N GLY A 23 -20.93 -11.36 -4.39
CA GLY A 23 -21.18 -12.15 -5.56
C GLY A 23 -21.60 -11.34 -6.76
N ASN A 24 -21.64 -10.02 -6.64
CA ASN A 24 -22.08 -9.18 -7.75
C ASN A 24 -20.88 -8.89 -8.60
N HIS A 25 -19.69 -8.97 -7.98
CA HIS A 25 -18.34 -8.86 -8.59
C HIS A 25 -18.19 -7.68 -9.60
N ASP A 26 -19.03 -6.68 -9.41
CA ASP A 26 -19.17 -5.49 -10.31
C ASP A 26 -17.97 -4.55 -10.27
N GLY A 27 -17.24 -4.62 -9.19
CA GLY A 27 -16.17 -3.67 -8.97
C GLY A 27 -16.51 -2.81 -7.80
N ILE A 28 -17.73 -2.95 -7.34
CA ILE A 28 -18.17 -2.29 -6.16
C ILE A 28 -18.72 -3.38 -5.22
N LEU A 29 -18.88 -3.06 -3.96
CA LEU A 29 -19.42 -3.98 -3.00
C LEU A 29 -20.55 -3.27 -2.19
N ASP A 30 -21.56 -4.03 -1.80
CA ASP A 30 -22.66 -3.56 -0.94
C ASP A 30 -22.23 -3.52 0.58
N LYS A 31 -23.01 -2.80 1.39
CA LYS A 31 -22.74 -2.64 2.82
C LYS A 31 -22.74 -3.98 3.55
N LEU A 32 -23.72 -4.83 3.22
CA LEU A 32 -23.92 -6.10 3.93
C LEU A 32 -22.73 -7.01 3.78
N GLU A 33 -22.32 -7.27 2.57
CA GLU A 33 -21.17 -8.14 2.40
C GLU A 33 -19.86 -7.50 2.77
N PHE A 34 -19.72 -6.18 2.58
CA PHE A 34 -18.48 -5.53 2.99
C PHE A 34 -18.35 -5.61 4.51
N ARG A 35 -19.49 -5.70 5.16
CA ARG A 35 -19.55 -5.90 6.59
C ARG A 35 -18.98 -7.29 6.88
N SER A 36 -19.35 -8.28 6.08
CA SER A 36 -18.92 -9.65 6.30
C SER A 36 -17.42 -9.75 6.04
N CYS A 37 -16.95 -8.98 5.06
CA CYS A 37 -15.55 -8.89 4.74
C CYS A 37 -14.76 -8.39 5.95
N LEU A 38 -15.16 -7.24 6.48
CA LEU A 38 -14.49 -6.65 7.63
C LEU A 38 -14.69 -7.47 8.92
N SER A 39 -15.72 -8.26 8.97
CA SER A 39 -15.91 -9.13 10.10
C SER A 39 -14.98 -10.34 10.01
N SER A 40 -14.91 -10.94 8.84
CA SER A 40 -14.07 -12.11 8.62
C SER A 40 -12.59 -11.72 8.61
N MET A 41 -12.32 -10.44 8.38
CA MET A 41 -10.96 -9.91 8.41
C MET A 41 -10.52 -9.68 9.86
N GLY A 42 -11.48 -9.74 10.78
CA GLY A 42 -11.18 -9.53 12.19
C GLY A 42 -11.19 -8.07 12.56
N LEU A 43 -12.03 -7.31 11.91
CA LEU A 43 -12.12 -5.88 12.15
C LEU A 43 -13.38 -5.51 12.90
N ILE A 44 -14.53 -5.77 12.30
CA ILE A 44 -15.77 -5.22 12.85
C ILE A 44 -16.82 -6.26 13.19
N ASP A 45 -17.53 -6.02 14.26
CA ASP A 45 -18.79 -6.71 14.53
C ASP A 45 -19.64 -5.78 15.40
N ILE A 46 -20.81 -6.20 15.80
CA ILE A 46 -21.66 -5.37 16.63
C ILE A 46 -21.26 -5.41 18.08
N ASP A 47 -20.20 -4.69 18.37
CA ASP A 47 -19.68 -4.52 19.72
C ASP A 47 -20.74 -3.86 20.60
N PHE A 48 -21.15 -2.68 20.20
CA PHE A 48 -22.19 -1.99 20.89
C PHE A 48 -23.52 -2.60 20.51
N THR A 49 -24.01 -3.46 21.36
CA THR A 49 -25.27 -4.11 21.16
C THR A 49 -26.42 -3.14 21.37
N GLY A 50 -26.99 -2.69 20.29
CA GLY A 50 -28.07 -1.75 20.34
C GLY A 50 -28.14 -0.97 19.08
N GLY A 51 -26.98 -0.65 18.53
CA GLY A 51 -26.93 0.08 17.29
C GLY A 51 -26.86 -0.88 16.14
N GLU A 52 -27.71 -0.70 15.17
CA GLU A 52 -27.83 -1.56 14.02
C GLU A 52 -26.59 -1.50 13.12
N ASP A 53 -25.58 -2.31 13.46
CA ASP A 53 -24.33 -2.45 12.68
C ASP A 53 -23.50 -1.14 12.71
N ALA A 54 -23.85 -0.28 13.68
CA ALA A 54 -23.29 1.07 13.86
C ALA A 54 -21.76 1.16 13.85
N GLN A 55 -21.07 0.08 14.25
CA GLN A 55 -19.61 0.07 14.22
C GLN A 55 -19.09 0.16 12.79
N TYR A 56 -19.81 -0.45 11.87
CA TYR A 56 -19.47 -0.36 10.48
C TYR A 56 -19.82 1.00 10.01
N ASP A 57 -21.03 1.45 10.34
CA ASP A 57 -21.56 2.74 9.89
C ASP A 57 -20.65 3.90 10.20
N ALA A 58 -19.99 3.85 11.35
CA ALA A 58 -19.01 4.87 11.73
C ALA A 58 -17.81 4.89 10.74
N ILE A 59 -17.51 3.74 10.18
CA ILE A 59 -16.42 3.60 9.22
C ILE A 59 -16.94 3.88 7.81
N TYR A 60 -18.17 3.44 7.54
CA TYR A 60 -18.86 3.65 6.26
C TYR A 60 -18.95 5.11 6.03
N ASN A 61 -19.29 5.79 7.09
CA ASN A 61 -19.32 7.28 7.16
C ASN A 61 -18.04 7.91 6.57
N ASN A 62 -16.92 7.24 6.74
CA ASN A 62 -15.64 7.73 6.25
C ASN A 62 -15.39 7.27 4.81
N VAL A 63 -15.76 6.05 4.49
CA VAL A 63 -15.56 5.53 3.14
C VAL A 63 -16.50 6.18 2.07
N THR A 64 -17.75 6.38 2.40
CA THR A 64 -18.68 7.05 1.51
C THR A 64 -18.69 8.55 1.78
N LYS A 65 -18.63 9.34 0.73
CA LYS A 65 -18.70 10.77 0.86
C LYS A 65 -20.12 11.22 0.59
N GLY A 66 -20.62 10.83 -0.57
CA GLY A 66 -21.98 11.09 -0.94
C GLY A 66 -22.49 9.96 -1.80
N GLU A 67 -21.93 8.80 -1.60
CA GLU A 67 -22.26 7.64 -2.39
C GLU A 67 -22.94 6.62 -1.49
N ASN A 68 -23.29 5.51 -2.04
CA ASN A 68 -23.86 4.42 -1.28
C ASN A 68 -23.16 3.15 -1.72
N GLY A 69 -22.36 2.62 -0.84
CA GLY A 69 -21.69 1.40 -1.12
C GLY A 69 -20.23 1.65 -1.30
N VAL A 70 -19.47 0.62 -1.33
CA VAL A 70 -18.06 0.77 -1.48
C VAL A 70 -17.68 0.49 -2.93
N SER A 71 -17.52 1.54 -3.64
CA SER A 71 -17.22 1.48 -5.02
C SER A 71 -15.73 1.68 -5.29
N PHE A 72 -15.37 1.87 -6.56
CA PHE A 72 -13.96 2.00 -7.00
C PHE A 72 -13.15 3.03 -6.20
N ASP A 73 -13.74 4.17 -5.88
CA ASP A 73 -13.02 5.18 -5.08
C ASP A 73 -13.05 4.78 -3.62
N ASN A 74 -14.27 4.58 -3.18
CA ASN A 74 -14.63 4.30 -1.80
C ASN A 74 -13.87 3.13 -1.21
N TYR A 75 -14.02 1.98 -1.83
CA TYR A 75 -13.43 0.76 -1.35
C TYR A 75 -11.93 0.91 -1.32
N VAL A 76 -11.36 1.27 -2.48
CA VAL A 76 -9.94 1.35 -2.62
C VAL A 76 -9.37 2.33 -1.64
N GLN A 77 -10.02 3.48 -1.45
CA GLN A 77 -9.60 4.43 -0.44
C GLN A 77 -9.47 3.75 0.92
N TYR A 78 -10.47 2.94 1.31
CA TYR A 78 -10.47 2.34 2.62
C TYR A 78 -9.31 1.37 2.77
N MET A 79 -9.12 0.59 1.74
CA MET A 79 -8.12 -0.44 1.70
C MET A 79 -6.72 0.17 1.59
N LYS A 80 -6.55 1.05 0.63
CA LYS A 80 -5.26 1.65 0.37
C LYS A 80 -4.83 2.49 1.52
N GLU A 81 -5.77 3.20 2.15
CA GLU A 81 -5.49 4.01 3.36
C GLU A 81 -4.81 3.15 4.39
N LYS A 82 -5.41 1.99 4.58
CA LYS A 82 -4.99 1.03 5.56
C LYS A 82 -3.66 0.37 5.12
N ASN A 83 -3.37 0.43 3.83
CA ASN A 83 -2.08 -0.02 3.29
C ASN A 83 -1.01 1.10 3.36
N ASP A 84 -1.42 2.35 3.02
CA ASP A 84 -0.54 3.55 2.97
C ASP A 84 0.08 3.82 4.33
N GLU A 85 -0.64 3.42 5.38
CA GLU A 85 -0.17 3.55 6.76
C GLU A 85 1.15 2.77 6.99
N ASN A 86 1.37 1.75 6.19
CA ASN A 86 2.60 0.97 6.27
C ASN A 86 3.54 1.42 5.15
N PRO A 87 4.63 2.13 5.48
CA PRO A 87 5.58 2.64 4.48
C PRO A 87 6.35 1.54 3.75
N SER A 88 6.82 1.87 2.60
CA SER A 88 7.60 1.00 1.79
C SER A 88 9.04 1.58 1.78
N PRO A 89 10.02 1.01 1.06
CA PRO A 89 11.34 1.64 0.97
C PRO A 89 11.37 2.82 -0.05
N GLU A 90 10.18 3.42 -0.30
CA GLU A 90 10.03 4.45 -1.34
C GLU A 90 10.92 5.67 -1.05
N GLN A 91 10.93 6.07 0.20
CA GLN A 91 11.72 7.18 0.68
C GLN A 91 13.22 7.00 0.42
N LEU A 92 13.69 5.73 0.35
CA LEU A 92 15.10 5.49 0.11
C LEU A 92 15.51 5.95 -1.27
N ASN A 93 14.54 6.04 -2.18
CA ASN A 93 14.80 6.54 -3.54
C ASN A 93 15.24 7.98 -3.46
N GLU A 94 14.63 8.72 -2.53
CA GLU A 94 14.91 10.12 -2.38
C GLU A 94 16.29 10.24 -1.78
N ILE A 95 16.53 9.38 -0.79
CA ILE A 95 17.81 9.31 -0.11
C ILE A 95 18.94 9.02 -1.09
N PHE A 96 18.71 8.15 -2.06
CA PHE A 96 19.74 7.87 -3.05
C PHE A 96 20.01 9.12 -3.89
N SER A 97 19.01 9.96 -4.06
CA SER A 97 19.18 11.16 -4.84
C SER A 97 19.72 12.28 -3.94
N THR A 98 19.86 11.97 -2.66
CA THR A 98 20.44 12.87 -1.72
C THR A 98 21.95 12.62 -1.66
N ILE A 99 22.32 11.33 -1.62
CA ILE A 99 23.72 10.92 -1.46
C ILE A 99 24.41 10.78 -2.81
N ALA A 100 23.88 9.86 -3.62
CA ALA A 100 24.46 9.46 -4.89
C ALA A 100 24.12 10.43 -5.99
N ALA A 101 23.72 11.59 -5.56
CA ALA A 101 23.26 12.68 -6.38
C ALA A 101 24.31 13.09 -7.42
N GLY A 102 23.97 12.89 -8.67
CA GLY A 102 24.85 13.27 -9.75
C GLY A 102 25.73 12.13 -10.18
N LYS A 103 25.68 11.06 -9.44
CA LYS A 103 26.46 9.90 -9.74
C LYS A 103 25.56 8.80 -10.26
N ASP A 104 26.15 7.78 -10.79
CA ASP A 104 25.45 6.57 -11.23
C ASP A 104 25.64 5.47 -10.20
N SER A 105 26.80 5.51 -9.61
CA SER A 105 27.26 4.54 -8.71
C SER A 105 27.10 5.03 -7.25
N ILE A 106 26.56 4.17 -6.40
CA ILE A 106 26.40 4.43 -4.97
C ILE A 106 27.13 3.37 -4.14
N THR A 107 28.19 3.78 -3.51
CA THR A 107 29.11 2.90 -2.81
C THR A 107 28.75 2.71 -1.34
N GLU A 108 29.55 1.87 -0.65
CA GLU A 108 29.45 1.67 0.79
C GLU A 108 29.46 3.00 1.45
N THR A 109 30.44 3.78 1.08
CA THR A 109 30.64 5.05 1.68
C THR A 109 29.54 6.04 1.36
N ASP A 110 28.77 5.76 0.33
CA ASP A 110 27.59 6.56 0.07
C ASP A 110 26.56 6.22 1.13
N MET A 111 26.29 4.94 1.28
CA MET A 111 25.20 4.52 2.18
C MET A 111 25.59 4.37 3.68
N GLN A 112 26.58 3.52 3.99
CA GLN A 112 26.94 3.20 5.41
C GLN A 112 27.27 4.44 6.17
N LYS A 113 28.13 5.24 5.59
CA LYS A 113 28.57 6.49 6.19
C LYS A 113 27.36 7.42 6.46
N ALA A 114 26.41 7.46 5.54
CA ALA A 114 25.24 8.33 5.65
C ALA A 114 24.19 7.78 6.63
N GLY A 115 24.62 6.94 7.54
CA GLY A 115 23.73 6.39 8.55
C GLY A 115 22.93 5.16 8.10
N MET A 116 22.97 4.83 6.83
CA MET A 116 22.24 3.67 6.34
C MET A 116 23.00 2.42 6.76
N SER A 117 22.39 1.62 7.59
CA SER A 117 23.07 0.51 8.21
C SER A 117 23.01 -0.78 7.36
N ALA A 118 23.70 -1.83 7.85
CA ALA A 118 23.95 -3.09 7.13
C ALA A 118 22.70 -3.76 6.59
N GLU A 119 21.63 -3.70 7.36
CA GLU A 119 20.36 -4.33 6.99
C GLU A 119 19.78 -3.68 5.74
N GLN A 120 20.07 -2.40 5.59
CA GLN A 120 19.59 -1.67 4.47
C GLN A 120 20.53 -1.94 3.30
N ILE A 121 21.83 -1.89 3.59
CA ILE A 121 22.91 -2.07 2.58
C ILE A 121 22.69 -3.32 1.76
N GLU A 122 22.48 -4.44 2.46
CA GLU A 122 22.30 -5.72 1.80
C GLU A 122 21.01 -5.74 0.97
N TYR A 123 20.01 -4.98 1.39
CA TYR A 123 18.75 -4.97 0.68
C TYR A 123 18.92 -4.17 -0.60
N VAL A 124 19.47 -2.97 -0.43
CA VAL A 124 19.71 -2.06 -1.54
C VAL A 124 20.56 -2.72 -2.61
N LYS A 125 21.60 -3.41 -2.20
CA LYS A 125 22.47 -4.03 -3.18
C LYS A 125 21.92 -5.36 -3.72
N ALA A 126 20.84 -5.84 -3.13
CA ALA A 126 20.20 -7.04 -3.64
C ALA A 126 19.23 -6.64 -4.74
N ASN A 127 18.60 -5.51 -4.56
CA ASN A 127 17.67 -4.98 -5.55
C ASN A 127 18.37 -4.16 -6.62
N LEU A 128 19.41 -3.48 -6.23
CA LEU A 128 20.19 -2.66 -7.15
C LEU A 128 21.49 -3.38 -7.48
N PRO A 129 21.77 -3.58 -8.79
CA PRO A 129 22.93 -4.35 -9.27
C PRO A 129 24.25 -4.04 -8.58
N GLN A 130 24.84 -5.08 -7.98
CA GLN A 130 26.14 -5.01 -7.35
C GLN A 130 27.24 -4.93 -8.40
N LYS A 131 27.46 -3.73 -8.86
CA LYS A 131 28.48 -3.46 -9.82
C LYS A 131 29.72 -3.08 -9.04
N GLY A 132 30.51 -4.10 -8.68
CA GLY A 132 31.64 -3.91 -7.77
C GLY A 132 31.10 -3.35 -6.47
N ASP A 133 31.70 -2.31 -5.97
CA ASP A 133 31.07 -1.56 -4.93
C ASP A 133 30.72 -0.26 -5.58
N GLY A 134 29.57 0.21 -5.33
CA GLY A 134 29.08 1.30 -6.08
C GLY A 134 27.97 0.81 -6.93
N TYR A 135 26.90 0.56 -6.26
CA TYR A 135 25.73 -0.08 -6.78
C TYR A 135 25.07 0.80 -7.81
N ASP A 136 24.48 0.19 -8.80
CA ASP A 136 23.90 0.92 -9.91
C ASP A 136 22.49 1.38 -9.52
N TYR A 137 22.37 2.57 -8.90
CA TYR A 137 21.04 3.04 -8.49
C TYR A 137 20.33 3.54 -9.69
N ALA A 138 21.11 3.81 -10.70
CA ALA A 138 20.62 4.23 -11.93
C ALA A 138 20.03 3.04 -12.69
N ALA A 139 19.92 1.88 -12.02
CA ALA A 139 19.21 0.73 -12.58
C ALA A 139 17.76 1.06 -12.65
N TRP A 140 17.31 1.82 -11.67
CA TRP A 140 15.94 2.26 -11.56
C TRP A 140 15.62 3.24 -12.71
N VAL A 141 16.64 3.94 -13.16
CA VAL A 141 16.51 4.92 -14.22
C VAL A 141 16.75 4.28 -15.62
N LYS A 142 17.81 3.51 -15.73
CA LYS A 142 18.25 2.94 -17.00
C LYS A 142 17.56 1.63 -17.35
N THR A 143 17.06 0.94 -16.34
CA THR A 143 16.46 -0.38 -16.49
C THR A 143 17.53 -1.41 -16.91
N ASN A 144 18.26 -1.91 -15.93
CA ASN A 144 19.31 -2.86 -16.14
C ASN A 144 19.52 -3.66 -14.89
N GLY A 1 -22.32 4.31 -18.86
CA GLY A 1 -22.79 3.30 -17.90
C GLY A 1 -22.03 2.05 -18.15
N SER A 2 -21.78 1.25 -17.11
CA SER A 2 -20.94 0.03 -17.21
C SER A 2 -19.54 0.43 -17.70
N SER A 3 -19.15 1.62 -17.31
CA SER A 3 -17.93 2.22 -17.74
C SER A 3 -16.94 2.17 -16.58
N SER A 4 -15.80 1.56 -16.80
CA SER A 4 -14.80 1.47 -15.79
C SER A 4 -14.17 2.84 -15.52
N GLY A 5 -14.32 3.31 -14.29
CA GLY A 5 -13.69 4.54 -13.88
C GLY A 5 -12.38 4.25 -13.20
N VAL A 6 -12.27 3.05 -12.71
CA VAL A 6 -11.06 2.57 -12.11
C VAL A 6 -10.48 1.52 -13.02
N THR A 7 -9.21 1.25 -12.84
CA THR A 7 -8.49 0.26 -13.59
C THR A 7 -9.20 -1.12 -13.54
N ALA A 8 -9.19 -1.81 -14.68
CA ALA A 8 -9.86 -3.10 -14.79
C ALA A 8 -9.10 -4.11 -13.98
N GLU A 9 -7.80 -3.88 -13.92
CA GLU A 9 -6.89 -4.65 -13.12
C GLU A 9 -7.28 -4.49 -11.66
N GLN A 10 -7.65 -3.25 -11.26
CA GLN A 10 -8.10 -3.03 -9.88
C GLN A 10 -9.31 -3.83 -9.64
N MET A 11 -10.20 -3.83 -10.60
CA MET A 11 -11.43 -4.60 -10.50
C MET A 11 -11.14 -6.09 -10.31
N GLN A 12 -9.95 -6.52 -10.67
CA GLN A 12 -9.54 -7.89 -10.46
C GLN A 12 -8.85 -8.03 -9.10
N GLU A 13 -8.13 -6.99 -8.66
CA GLU A 13 -7.38 -7.11 -7.42
C GLU A 13 -8.25 -6.82 -6.22
N PHE A 14 -9.10 -5.82 -6.33
CA PHE A 14 -9.95 -5.48 -5.23
C PHE A 14 -10.94 -6.60 -5.01
N LYS A 15 -11.18 -7.33 -6.09
CA LYS A 15 -11.95 -8.54 -6.07
C LYS A 15 -11.27 -9.58 -5.21
N GLN A 16 -9.96 -9.74 -5.34
CA GLN A 16 -9.23 -10.76 -4.59
C GLN A 16 -9.18 -10.34 -3.12
N SER A 17 -8.77 -9.10 -2.95
CA SER A 17 -8.64 -8.49 -1.66
C SER A 17 -9.97 -8.49 -0.87
N PHE A 18 -11.11 -8.33 -1.55
CA PHE A 18 -12.35 -8.43 -0.81
C PHE A 18 -12.71 -9.86 -0.56
N ASP A 19 -12.52 -10.67 -1.60
CA ASP A 19 -12.98 -12.09 -1.68
C ASP A 19 -12.44 -12.90 -0.55
N ALA A 20 -11.21 -12.63 -0.19
CA ALA A 20 -10.58 -13.29 0.93
C ALA A 20 -11.39 -13.07 2.22
N PHE A 21 -11.86 -11.85 2.39
CA PHE A 21 -12.57 -11.45 3.59
C PHE A 21 -14.10 -11.33 3.39
N ASP A 22 -14.60 -11.80 2.27
CA ASP A 22 -16.03 -11.68 1.93
C ASP A 22 -16.57 -12.96 1.39
N GLY A 23 -17.62 -13.44 1.99
CA GLY A 23 -18.22 -14.66 1.54
C GLY A 23 -19.35 -14.46 0.55
N ASN A 24 -19.43 -13.30 -0.10
CA ASN A 24 -20.53 -13.10 -1.05
C ASN A 24 -20.00 -13.12 -2.48
N HIS A 25 -18.71 -12.79 -2.64
CA HIS A 25 -17.96 -12.88 -3.92
C HIS A 25 -18.68 -12.16 -5.13
N ASP A 26 -19.61 -11.29 -4.83
CA ASP A 26 -20.51 -10.65 -5.84
C ASP A 26 -19.82 -9.57 -6.68
N GLY A 27 -18.87 -8.92 -6.10
CA GLY A 27 -18.30 -7.73 -6.70
C GLY A 27 -18.66 -6.55 -5.87
N ILE A 28 -19.75 -6.66 -5.16
CA ILE A 28 -20.05 -5.70 -4.13
C ILE A 28 -19.87 -6.44 -2.80
N LEU A 29 -19.78 -5.72 -1.71
CA LEU A 29 -19.49 -6.33 -0.45
C LEU A 29 -20.46 -5.85 0.67
N ASP A 30 -20.70 -6.71 1.65
CA ASP A 30 -21.52 -6.38 2.86
C ASP A 30 -20.73 -5.45 3.84
N LYS A 31 -21.45 -4.81 4.77
CA LYS A 31 -20.87 -3.88 5.75
C LYS A 31 -19.93 -4.62 6.73
N LEU A 32 -20.39 -5.77 7.23
CA LEU A 32 -19.67 -6.49 8.26
C LEU A 32 -18.51 -7.23 7.65
N GLU A 33 -18.76 -7.85 6.52
CA GLU A 33 -17.71 -8.51 5.76
C GLU A 33 -16.63 -7.48 5.36
N PHE A 34 -17.07 -6.28 4.96
CA PHE A 34 -16.12 -5.23 4.56
C PHE A 34 -15.30 -4.81 5.74
N ARG A 35 -15.90 -4.85 6.95
CA ARG A 35 -15.10 -4.64 8.12
C ARG A 35 -14.02 -5.70 8.23
N SER A 36 -14.36 -6.96 7.92
CA SER A 36 -13.42 -8.07 8.06
C SER A 36 -12.20 -7.80 7.16
N CYS A 37 -12.50 -7.29 5.97
CA CYS A 37 -11.48 -6.92 5.01
C CYS A 37 -10.55 -5.84 5.60
N LEU A 38 -11.13 -4.72 6.00
CA LEU A 38 -10.35 -3.58 6.53
C LEU A 38 -9.70 -3.87 7.89
N SER A 39 -10.30 -4.75 8.68
CA SER A 39 -9.73 -5.13 9.94
C SER A 39 -8.47 -5.97 9.74
N SER A 40 -8.57 -7.01 8.93
CA SER A 40 -7.45 -7.88 8.71
C SER A 40 -6.43 -7.24 7.75
N MET A 41 -6.84 -6.17 7.07
CA MET A 41 -5.94 -5.39 6.22
C MET A 41 -5.03 -4.52 7.09
N GLY A 42 -5.42 -4.33 8.35
CA GLY A 42 -4.65 -3.52 9.26
C GLY A 42 -5.11 -2.09 9.28
N LEU A 43 -6.35 -1.87 8.90
CA LEU A 43 -6.91 -0.53 8.87
C LEU A 43 -7.81 -0.26 10.05
N ILE A 44 -8.85 -1.05 10.21
CA ILE A 44 -9.86 -0.69 11.17
C ILE A 44 -10.08 -1.76 12.26
N ASP A 45 -9.72 -1.45 13.47
CA ASP A 45 -10.09 -2.30 14.59
C ASP A 45 -10.18 -1.47 15.86
N ILE A 46 -10.46 -2.09 16.99
CA ILE A 46 -10.65 -1.41 18.27
C ILE A 46 -9.31 -0.87 18.80
N ASP A 47 -8.89 0.22 18.24
CA ASP A 47 -7.69 0.93 18.67
C ASP A 47 -8.10 2.09 19.54
N PHE A 48 -8.78 3.03 18.92
CA PHE A 48 -9.30 4.18 19.60
C PHE A 48 -10.51 3.79 20.42
N THR A 49 -10.28 3.59 21.71
CA THR A 49 -11.32 3.26 22.65
C THR A 49 -12.32 4.40 22.77
N GLY A 50 -13.55 4.11 22.49
CA GLY A 50 -14.58 5.09 22.47
C GLY A 50 -15.11 5.25 21.06
N GLY A 51 -14.42 4.58 20.16
CA GLY A 51 -14.79 4.60 18.78
C GLY A 51 -15.32 3.27 18.37
N GLU A 52 -14.60 2.24 18.77
CA GLU A 52 -14.89 0.85 18.50
C GLU A 52 -15.29 0.54 17.05
N ASP A 53 -16.57 0.37 16.79
CA ASP A 53 -17.03 0.05 15.44
C ASP A 53 -17.40 1.32 14.71
N ALA A 54 -17.86 2.31 15.50
CA ALA A 54 -18.29 3.61 14.97
C ALA A 54 -17.11 4.35 14.38
N GLN A 55 -15.91 3.98 14.85
CA GLN A 55 -14.67 4.52 14.31
C GLN A 55 -14.62 4.22 12.82
N TYR A 56 -14.93 2.99 12.44
CA TYR A 56 -14.96 2.68 11.06
C TYR A 56 -16.22 3.11 10.46
N ASP A 57 -17.28 3.14 11.25
CA ASP A 57 -18.58 3.45 10.71
C ASP A 57 -18.54 4.78 10.03
N ALA A 58 -17.82 5.74 10.62
CA ALA A 58 -17.61 7.06 9.98
C ALA A 58 -16.92 6.93 8.60
N ILE A 59 -16.11 5.88 8.44
CA ILE A 59 -15.42 5.55 7.19
C ILE A 59 -16.43 4.93 6.23
N TYR A 60 -17.27 4.04 6.77
CA TYR A 60 -18.34 3.42 6.00
C TYR A 60 -19.32 4.50 5.57
N ASN A 61 -19.47 5.45 6.44
CA ASN A 61 -20.36 6.63 6.18
C ASN A 61 -19.80 7.47 5.04
N ASN A 62 -18.53 7.32 4.77
CA ASN A 62 -17.90 8.02 3.66
C ASN A 62 -18.09 7.23 2.38
N VAL A 63 -17.86 5.91 2.45
CA VAL A 63 -18.07 5.05 1.28
C VAL A 63 -19.54 5.03 0.79
N THR A 64 -20.46 4.76 1.67
CA THR A 64 -21.84 4.80 1.29
C THR A 64 -22.45 6.15 1.51
N LYS A 65 -23.17 6.61 0.53
CA LYS A 65 -23.80 7.91 0.56
C LYS A 65 -25.16 7.77 1.25
N GLY A 66 -25.98 6.92 0.69
CA GLY A 66 -27.25 6.58 1.29
C GLY A 66 -27.53 5.12 1.04
N GLU A 67 -26.48 4.40 0.74
CA GLU A 67 -26.55 3.01 0.38
C GLU A 67 -26.28 2.14 1.56
N ASN A 68 -26.47 0.90 1.35
CA ASN A 68 -26.28 -0.08 2.34
C ASN A 68 -25.55 -1.24 1.73
N GLY A 69 -24.26 -1.29 1.97
CA GLY A 69 -23.44 -2.28 1.37
C GLY A 69 -22.58 -1.60 0.39
N VAL A 70 -21.40 -2.05 0.22
CA VAL A 70 -20.52 -1.36 -0.64
C VAL A 70 -20.67 -1.86 -2.07
N SER A 71 -21.41 -1.09 -2.81
CA SER A 71 -21.69 -1.31 -4.20
C SER A 71 -20.42 -1.11 -5.04
N PHE A 72 -20.55 -1.23 -6.35
CA PHE A 72 -19.42 -1.09 -7.27
C PHE A 72 -18.85 0.31 -7.18
N ASP A 73 -19.75 1.27 -7.12
CA ASP A 73 -19.38 2.67 -7.02
C ASP A 73 -18.81 2.93 -5.63
N ASN A 74 -19.50 2.42 -4.62
CA ASN A 74 -19.13 2.58 -3.20
C ASN A 74 -17.76 2.05 -2.92
N TYR A 75 -17.54 0.81 -3.28
CA TYR A 75 -16.31 0.13 -2.99
C TYR A 75 -15.16 0.88 -3.64
N VAL A 76 -15.28 1.13 -4.91
CA VAL A 76 -14.25 1.79 -5.66
C VAL A 76 -14.06 3.26 -5.24
N GLN A 77 -15.11 3.83 -4.67
CA GLN A 77 -15.08 5.20 -4.11
C GLN A 77 -14.18 5.20 -2.88
N TYR A 78 -14.05 4.04 -2.24
CA TYR A 78 -13.16 3.90 -1.13
C TYR A 78 -11.78 3.41 -1.59
N MET A 79 -11.81 2.34 -2.35
CA MET A 79 -10.62 1.60 -2.76
C MET A 79 -9.68 2.37 -3.64
N LYS A 80 -10.21 3.01 -4.68
CA LYS A 80 -9.35 3.72 -5.64
C LYS A 80 -8.57 4.81 -4.92
N GLU A 81 -9.28 5.58 -4.13
CA GLU A 81 -8.74 6.66 -3.34
C GLU A 81 -7.68 6.17 -2.34
N LYS A 82 -7.72 4.90 -1.97
CA LYS A 82 -6.69 4.31 -1.10
C LYS A 82 -5.54 3.69 -1.89
N ASN A 83 -5.89 3.00 -2.96
CA ASN A 83 -4.93 2.28 -3.81
C ASN A 83 -4.10 3.22 -4.65
N ASP A 84 -4.78 4.08 -5.36
CA ASP A 84 -4.17 4.99 -6.34
C ASP A 84 -3.57 6.22 -5.64
N GLU A 85 -3.51 6.13 -4.32
CA GLU A 85 -2.97 7.16 -3.45
C GLU A 85 -1.46 6.90 -3.24
N ASN A 86 -0.97 5.86 -3.93
CA ASN A 86 0.44 5.46 -3.88
C ASN A 86 1.39 6.63 -4.22
N PRO A 87 2.48 6.81 -3.44
CA PRO A 87 3.44 7.89 -3.66
C PRO A 87 4.34 7.66 -4.87
N SER A 88 5.18 8.64 -5.12
CA SER A 88 6.18 8.58 -6.14
C SER A 88 7.28 7.58 -5.68
N PRO A 89 8.25 7.18 -6.56
CA PRO A 89 9.38 6.28 -6.18
C PRO A 89 10.33 6.93 -5.13
N GLU A 90 9.93 8.08 -4.64
CA GLU A 90 10.62 8.89 -3.66
C GLU A 90 10.87 8.07 -2.39
N GLN A 91 9.90 7.21 -2.08
CA GLN A 91 9.95 6.33 -0.93
C GLN A 91 11.16 5.39 -0.93
N LEU A 92 11.85 5.24 -2.07
CA LEU A 92 13.09 4.47 -2.10
C LEU A 92 14.04 4.93 -0.97
N ASN A 93 14.01 6.23 -0.66
CA ASN A 93 14.85 6.80 0.41
C ASN A 93 14.37 6.27 1.77
N GLU A 94 13.08 6.09 1.87
CA GLU A 94 12.40 5.62 3.07
C GLU A 94 12.84 4.19 3.37
N ILE A 95 12.61 3.29 2.41
CA ILE A 95 12.97 1.89 2.58
C ILE A 95 14.48 1.72 2.83
N PHE A 96 15.31 2.53 2.15
CA PHE A 96 16.75 2.50 2.41
C PHE A 96 17.06 2.87 3.85
N SER A 97 16.26 3.76 4.42
CA SER A 97 16.50 4.19 5.79
C SER A 97 16.07 3.09 6.78
N THR A 98 15.30 2.13 6.27
CA THR A 98 14.83 1.04 7.08
C THR A 98 15.84 -0.12 7.03
N ILE A 99 16.39 -0.38 5.86
CA ILE A 99 17.32 -1.50 5.71
C ILE A 99 18.76 -1.18 5.94
N ALA A 100 19.10 0.06 5.88
CA ALA A 100 20.47 0.44 6.09
C ALA A 100 20.71 0.72 7.56
N ALA A 101 19.67 0.46 8.31
CA ALA A 101 19.61 0.59 9.73
C ALA A 101 20.68 -0.28 10.40
N GLY A 102 21.69 0.37 10.94
CA GLY A 102 22.73 -0.35 11.65
C GLY A 102 23.92 -0.68 10.79
N LYS A 103 23.87 -0.25 9.55
CA LYS A 103 24.96 -0.49 8.63
C LYS A 103 25.65 0.84 8.33
N ASP A 104 26.73 0.75 7.63
CA ASP A 104 27.41 1.89 7.00
C ASP A 104 27.30 1.66 5.49
N SER A 105 27.61 0.46 5.11
CA SER A 105 27.54 0.02 3.79
C SER A 105 26.37 -0.94 3.64
N ILE A 106 25.49 -0.63 2.72
CA ILE A 106 24.35 -1.47 2.45
C ILE A 106 24.77 -2.46 1.37
N THR A 107 24.17 -3.61 1.32
CA THR A 107 24.53 -4.57 0.32
C THR A 107 23.40 -4.64 -0.72
N GLU A 108 23.69 -5.16 -1.91
CA GLU A 108 22.62 -5.37 -2.89
C GLU A 108 21.59 -6.32 -2.33
N THR A 109 22.09 -7.31 -1.65
CA THR A 109 21.31 -8.28 -0.99
C THR A 109 20.42 -7.62 0.10
N ASP A 110 20.75 -6.42 0.52
CA ASP A 110 19.84 -5.64 1.33
C ASP A 110 18.81 -4.97 0.46
N MET A 111 19.32 -4.29 -0.54
CA MET A 111 18.54 -3.47 -1.46
C MET A 111 17.46 -4.23 -2.26
N GLN A 112 17.84 -5.18 -3.12
CA GLN A 112 16.82 -5.88 -3.95
C GLN A 112 15.93 -6.76 -3.13
N LYS A 113 16.48 -7.23 -2.03
CA LYS A 113 15.74 -8.03 -1.04
C LYS A 113 14.52 -7.26 -0.53
N ALA A 114 14.69 -5.96 -0.35
CA ALA A 114 13.64 -5.09 0.20
C ALA A 114 12.54 -4.75 -0.82
N GLY A 115 12.44 -5.57 -1.86
CA GLY A 115 11.46 -5.36 -2.92
C GLY A 115 11.71 -4.10 -3.73
N MET A 116 12.97 -3.72 -3.82
CA MET A 116 13.35 -2.53 -4.55
C MET A 116 13.51 -2.79 -6.03
N SER A 117 13.08 -1.82 -6.82
CA SER A 117 13.17 -1.83 -8.25
C SER A 117 14.63 -2.03 -8.72
N ALA A 118 14.90 -3.18 -9.33
CA ALA A 118 16.24 -3.62 -9.72
C ALA A 118 16.98 -2.60 -10.59
N GLU A 119 16.26 -1.96 -11.49
CA GLU A 119 16.86 -1.03 -12.43
C GLU A 119 17.26 0.26 -11.71
N GLN A 120 16.61 0.52 -10.59
CA GLN A 120 16.85 1.69 -9.82
C GLN A 120 18.08 1.43 -8.99
N ILE A 121 18.12 0.22 -8.45
CA ILE A 121 19.23 -0.26 -7.64
C ILE A 121 20.52 -0.20 -8.43
N GLU A 122 20.43 -0.51 -9.72
CA GLU A 122 21.58 -0.50 -10.60
C GLU A 122 22.14 0.94 -10.71
N TYR A 123 21.26 1.94 -10.57
CA TYR A 123 21.70 3.33 -10.59
C TYR A 123 22.33 3.66 -9.23
N VAL A 124 21.71 3.14 -8.18
CA VAL A 124 22.20 3.29 -6.82
C VAL A 124 23.65 2.75 -6.73
N LYS A 125 23.90 1.67 -7.46
CA LYS A 125 25.22 1.06 -7.53
C LYS A 125 26.24 2.00 -8.18
N ALA A 126 25.76 2.84 -9.07
CA ALA A 126 26.64 3.74 -9.77
C ALA A 126 26.99 4.93 -8.89
N ASN A 127 26.00 5.42 -8.17
CA ASN A 127 26.25 6.58 -7.32
C ASN A 127 26.95 6.16 -6.02
N LEU A 128 26.39 5.17 -5.33
CA LEU A 128 26.97 4.70 -4.08
C LEU A 128 28.21 3.89 -4.39
N PRO A 129 29.22 3.91 -3.52
CA PRO A 129 30.44 3.25 -3.79
C PRO A 129 30.43 1.72 -3.69
N GLN A 130 30.02 1.07 -4.80
CA GLN A 130 30.37 -0.35 -5.00
C GLN A 130 31.75 -0.34 -5.59
N LYS A 131 32.16 0.88 -5.88
CA LYS A 131 33.47 1.24 -6.26
C LYS A 131 34.25 1.17 -4.96
N GLY A 132 34.74 0.00 -4.66
CA GLY A 132 35.38 -0.25 -3.41
C GLY A 132 34.67 -1.39 -2.71
N ASP A 133 34.24 -1.19 -1.49
CA ASP A 133 33.60 -2.25 -0.71
C ASP A 133 32.14 -1.93 -0.42
N GLY A 134 31.27 -2.89 -0.75
CA GLY A 134 29.83 -2.78 -0.48
C GLY A 134 29.17 -1.60 -1.16
N TYR A 135 28.36 -0.86 -0.41
CA TYR A 135 27.67 0.33 -0.90
C TYR A 135 27.48 1.29 0.25
N ASP A 136 28.43 2.16 0.47
CA ASP A 136 28.31 3.17 1.54
C ASP A 136 27.09 4.08 1.32
N TYR A 137 26.13 4.02 2.23
CA TYR A 137 24.92 4.82 2.06
C TYR A 137 25.20 6.26 2.38
N ALA A 138 26.34 6.52 3.01
CA ALA A 138 26.75 7.84 3.32
C ALA A 138 27.25 8.53 2.04
N ALA A 139 27.20 7.80 0.91
CA ALA A 139 27.44 8.38 -0.39
C ALA A 139 26.50 9.52 -0.61
N TRP A 140 25.25 9.31 -0.24
CA TRP A 140 24.21 10.30 -0.39
C TRP A 140 24.50 11.53 0.50
N VAL A 141 25.26 11.31 1.54
CA VAL A 141 25.61 12.35 2.50
C VAL A 141 26.93 13.08 2.08
N LYS A 142 27.79 12.36 1.39
CA LYS A 142 29.12 12.89 1.00
C LYS A 142 29.20 13.18 -0.50
N THR A 143 28.07 13.06 -1.18
CA THR A 143 27.98 13.12 -2.66
C THR A 143 28.40 11.73 -3.25
N ASN A 144 29.51 11.19 -2.75
CA ASN A 144 29.99 9.85 -3.09
C ASN A 144 30.60 9.25 -1.85
N GLY A 1 -21.39 4.86 -8.80
CA GLY A 1 -21.74 5.19 -10.17
C GLY A 1 -20.49 5.29 -10.99
N SER A 2 -20.48 6.14 -11.97
CA SER A 2 -19.29 6.37 -12.75
C SER A 2 -18.43 7.39 -12.01
N SER A 3 -17.67 6.90 -11.07
CA SER A 3 -16.85 7.71 -10.21
C SER A 3 -15.67 8.31 -11.00
N SER A 4 -15.74 9.60 -11.25
CA SER A 4 -14.69 10.30 -11.93
C SER A 4 -13.45 10.31 -11.06
N GLY A 5 -12.39 9.72 -11.56
CA GLY A 5 -11.18 9.64 -10.82
C GLY A 5 -10.67 8.22 -10.83
N VAL A 6 -11.57 7.30 -11.08
CA VAL A 6 -11.18 5.91 -11.20
C VAL A 6 -11.01 5.62 -12.66
N THR A 7 -10.18 4.68 -12.94
CA THR A 7 -9.90 4.33 -14.28
C THR A 7 -10.48 2.93 -14.61
N ALA A 8 -10.42 2.58 -15.88
CA ALA A 8 -10.98 1.33 -16.38
C ALA A 8 -10.22 0.18 -15.81
N GLU A 9 -8.91 0.35 -15.68
CA GLU A 9 -8.03 -0.61 -15.06
C GLU A 9 -8.55 -0.99 -13.69
N GLN A 10 -8.84 -0.01 -12.82
CA GLN A 10 -9.29 -0.42 -11.52
C GLN A 10 -10.60 -1.02 -11.53
N MET A 11 -11.43 -0.60 -12.45
CA MET A 11 -12.72 -1.23 -12.59
C MET A 11 -12.54 -2.75 -12.91
N GLN A 12 -11.34 -3.12 -13.36
CA GLN A 12 -10.94 -4.49 -13.55
C GLN A 12 -10.31 -5.09 -12.26
N GLU A 13 -9.28 -4.42 -11.61
CA GLU A 13 -8.56 -5.14 -10.51
C GLU A 13 -9.33 -5.05 -9.24
N PHE A 14 -9.82 -3.89 -8.98
CA PHE A 14 -10.52 -3.56 -7.79
C PHE A 14 -11.80 -4.39 -7.74
N LYS A 15 -12.37 -4.63 -8.92
CA LYS A 15 -13.53 -5.46 -9.05
C LYS A 15 -13.27 -6.85 -8.53
N GLN A 16 -12.08 -7.37 -8.72
CA GLN A 16 -11.79 -8.74 -8.29
C GLN A 16 -11.52 -8.72 -6.78
N SER A 17 -10.79 -7.69 -6.39
CA SER A 17 -10.33 -7.53 -5.03
C SER A 17 -11.48 -7.33 -4.02
N PHE A 18 -12.52 -6.58 -4.40
CA PHE A 18 -13.63 -6.40 -3.47
C PHE A 18 -14.53 -7.65 -3.55
N ASP A 19 -14.64 -8.18 -4.77
CA ASP A 19 -15.57 -9.27 -5.13
C ASP A 19 -15.33 -10.48 -4.29
N ALA A 20 -14.05 -10.85 -4.23
CA ALA A 20 -13.60 -12.02 -3.48
C ALA A 20 -14.07 -12.00 -2.02
N PHE A 21 -14.23 -10.81 -1.48
CA PHE A 21 -14.62 -10.64 -0.10
C PHE A 21 -16.09 -10.29 0.09
N ASP A 22 -16.91 -10.35 -0.94
CA ASP A 22 -18.31 -9.94 -0.74
C ASP A 22 -19.28 -11.09 -1.07
N GLY A 23 -20.54 -10.90 -0.71
CA GLY A 23 -21.53 -11.92 -0.93
C GLY A 23 -22.55 -11.54 -2.00
N ASN A 24 -22.65 -10.26 -2.33
CA ASN A 24 -23.60 -9.80 -3.33
C ASN A 24 -22.86 -9.24 -4.55
N HIS A 25 -21.60 -8.85 -4.31
CA HIS A 25 -20.56 -8.43 -5.30
C HIS A 25 -21.06 -7.59 -6.52
N ASP A 26 -22.06 -6.76 -6.29
CA ASP A 26 -22.71 -5.91 -7.33
C ASP A 26 -21.90 -4.65 -7.58
N GLY A 27 -20.79 -4.54 -6.93
CA GLY A 27 -19.99 -3.36 -7.03
C GLY A 27 -19.96 -2.63 -5.73
N ILE A 28 -20.49 -3.25 -4.71
CA ILE A 28 -20.47 -2.71 -3.38
C ILE A 28 -20.00 -3.85 -2.44
N LEU A 29 -19.33 -3.49 -1.34
CA LEU A 29 -18.90 -4.44 -0.33
C LEU A 29 -19.40 -3.92 1.03
N ASP A 30 -19.91 -4.81 1.88
CA ASP A 30 -20.41 -4.42 3.22
C ASP A 30 -19.26 -4.24 4.25
N LYS A 31 -19.52 -3.47 5.30
CA LYS A 31 -18.58 -3.19 6.39
C LYS A 31 -17.94 -4.46 6.95
N LEU A 32 -18.79 -5.45 7.23
CA LEU A 32 -18.38 -6.66 7.91
C LEU A 32 -17.34 -7.43 7.14
N GLU A 33 -17.53 -7.55 5.86
CA GLU A 33 -16.57 -8.27 5.07
C GLU A 33 -15.48 -7.40 4.51
N PHE A 34 -15.72 -6.10 4.45
CA PHE A 34 -14.66 -5.17 4.04
C PHE A 34 -13.57 -5.21 5.12
N ARG A 35 -14.02 -5.54 6.32
CA ARG A 35 -13.17 -5.86 7.45
C ARG A 35 -12.21 -7.01 7.07
N SER A 36 -12.75 -8.04 6.43
CA SER A 36 -11.96 -9.21 6.07
C SER A 36 -11.00 -8.86 4.95
N CYS A 37 -11.46 -8.02 4.04
CA CYS A 37 -10.70 -7.57 2.90
C CYS A 37 -9.41 -6.85 3.34
N LEU A 38 -9.56 -5.83 4.17
CA LEU A 38 -8.40 -5.04 4.61
C LEU A 38 -7.47 -5.80 5.57
N SER A 39 -7.99 -6.82 6.23
CA SER A 39 -7.13 -7.65 7.06
C SER A 39 -6.28 -8.55 6.15
N SER A 40 -6.92 -9.12 5.14
CA SER A 40 -6.24 -10.03 4.23
C SER A 40 -5.23 -9.29 3.35
N MET A 41 -5.48 -8.01 3.10
CA MET A 41 -4.52 -7.20 2.35
C MET A 41 -3.41 -6.65 3.25
N GLY A 42 -3.47 -6.98 4.54
CA GLY A 42 -2.45 -6.57 5.48
C GLY A 42 -2.48 -5.08 5.76
N LEU A 43 -3.67 -4.51 5.77
CA LEU A 43 -3.80 -3.09 6.00
C LEU A 43 -4.20 -2.91 7.45
N ILE A 44 -5.19 -3.66 7.87
CA ILE A 44 -5.71 -3.52 9.20
C ILE A 44 -5.51 -4.81 9.97
N ASP A 45 -5.21 -4.71 11.23
CA ASP A 45 -4.99 -5.89 12.06
C ASP A 45 -6.28 -6.29 12.77
N ILE A 46 -7.18 -6.84 12.03
CA ILE A 46 -8.41 -7.26 12.64
C ILE A 46 -8.35 -8.73 12.75
N ASP A 47 -7.34 -9.14 13.47
CA ASP A 47 -7.10 -10.57 13.75
C ASP A 47 -8.23 -11.11 14.57
N PHE A 48 -8.60 -10.35 15.55
CA PHE A 48 -9.70 -10.66 16.38
C PHE A 48 -10.82 -9.73 16.00
N THR A 49 -11.94 -10.27 15.64
CA THR A 49 -13.04 -9.42 15.32
C THR A 49 -14.03 -9.40 16.49
N GLY A 50 -13.94 -8.37 17.30
CA GLY A 50 -14.86 -8.18 18.38
C GLY A 50 -14.93 -6.74 18.80
N GLY A 51 -13.90 -6.28 19.46
CA GLY A 51 -13.84 -4.90 19.91
C GLY A 51 -12.78 -4.14 19.13
N GLU A 52 -11.96 -4.90 18.46
CA GLU A 52 -10.84 -4.44 17.67
C GLU A 52 -11.33 -3.78 16.40
N ASP A 53 -12.61 -4.01 16.09
CA ASP A 53 -13.28 -3.49 14.89
C ASP A 53 -13.08 -1.97 14.75
N ALA A 54 -13.09 -1.27 15.90
CA ALA A 54 -12.93 0.19 15.98
C ALA A 54 -11.65 0.68 15.27
N GLN A 55 -10.62 -0.19 15.26
CA GLN A 55 -9.32 0.07 14.63
C GLN A 55 -9.56 0.51 13.21
N TYR A 56 -10.23 -0.32 12.43
CA TYR A 56 -10.52 0.05 11.09
C TYR A 56 -11.73 0.92 11.02
N ASP A 57 -12.60 0.87 12.03
CA ASP A 57 -13.85 1.62 11.98
C ASP A 57 -13.57 3.09 11.78
N ALA A 58 -12.51 3.58 12.43
CA ALA A 58 -12.08 4.98 12.22
C ALA A 58 -11.66 5.23 10.73
N ILE A 59 -11.29 4.16 10.06
CA ILE A 59 -10.87 4.18 8.66
C ILE A 59 -12.11 4.00 7.74
N TYR A 60 -13.01 3.14 8.16
CA TYR A 60 -14.24 2.89 7.45
C TYR A 60 -15.10 4.11 7.55
N ASN A 61 -14.94 4.76 8.65
CA ASN A 61 -15.59 6.06 8.95
C ASN A 61 -15.11 7.14 7.96
N ASN A 62 -13.86 7.01 7.51
CA ASN A 62 -13.29 7.92 6.50
C ASN A 62 -13.95 7.63 5.16
N VAL A 63 -14.03 6.34 4.81
CA VAL A 63 -14.71 5.95 3.56
C VAL A 63 -16.24 6.20 3.60
N THR A 64 -16.96 5.52 4.46
CA THR A 64 -18.37 5.74 4.58
C THR A 64 -18.64 6.80 5.61
N LYS A 65 -19.36 7.78 5.19
CA LYS A 65 -19.53 9.03 5.91
C LYS A 65 -20.92 9.08 6.52
N GLY A 66 -21.61 7.98 6.43
CA GLY A 66 -22.95 7.90 6.93
C GLY A 66 -23.69 6.75 6.30
N GLU A 67 -23.22 6.35 5.13
CA GLU A 67 -23.79 5.22 4.46
C GLU A 67 -23.06 3.95 4.87
N ASN A 68 -23.49 2.85 4.32
CA ASN A 68 -22.84 1.59 4.54
C ASN A 68 -22.60 0.99 3.19
N GLY A 69 -21.42 0.50 2.97
CA GLY A 69 -21.14 -0.13 1.73
C GLY A 69 -20.18 0.66 0.90
N VAL A 70 -19.12 0.01 0.58
CA VAL A 70 -18.10 0.58 -0.24
C VAL A 70 -18.34 0.20 -1.69
N SER A 71 -18.80 1.13 -2.43
CA SER A 71 -19.14 0.92 -3.80
C SER A 71 -18.00 1.29 -4.71
N PHE A 72 -18.25 1.31 -6.03
CA PHE A 72 -17.27 1.78 -7.03
C PHE A 72 -16.75 3.16 -6.62
N ASP A 73 -17.62 3.89 -6.00
CA ASP A 73 -17.35 5.22 -5.55
C ASP A 73 -16.56 5.15 -4.25
N ASN A 74 -17.24 4.71 -3.19
CA ASN A 74 -16.66 4.69 -1.84
C ASN A 74 -15.39 3.86 -1.69
N TYR A 75 -15.37 2.67 -2.26
CA TYR A 75 -14.23 1.76 -2.12
C TYR A 75 -13.01 2.39 -2.77
N VAL A 76 -13.16 2.79 -4.01
CA VAL A 76 -12.04 3.32 -4.75
C VAL A 76 -11.66 4.68 -4.20
N GLN A 77 -12.63 5.42 -3.72
CA GLN A 77 -12.37 6.67 -3.04
C GLN A 77 -11.55 6.50 -1.79
N TYR A 78 -11.48 5.29 -1.27
CA TYR A 78 -10.58 5.01 -0.18
C TYR A 78 -9.21 4.56 -0.70
N MET A 79 -9.22 3.55 -1.52
CA MET A 79 -7.98 2.94 -1.99
C MET A 79 -7.18 3.89 -2.88
N LYS A 80 -7.84 4.51 -3.83
CA LYS A 80 -7.17 5.38 -4.75
C LYS A 80 -6.84 6.70 -4.04
N GLU A 81 -7.61 7.04 -2.99
CA GLU A 81 -7.33 8.19 -2.09
C GLU A 81 -5.94 8.01 -1.52
N LYS A 82 -5.75 6.85 -0.92
CA LYS A 82 -4.50 6.47 -0.32
C LYS A 82 -3.38 6.38 -1.35
N ASN A 83 -3.75 6.06 -2.58
CA ASN A 83 -2.79 6.07 -3.70
C ASN A 83 -2.41 7.52 -4.11
N ASP A 84 -3.37 8.46 -4.04
CA ASP A 84 -3.06 9.89 -4.34
C ASP A 84 -2.21 10.44 -3.21
N GLU A 85 -2.58 10.05 -2.00
CA GLU A 85 -1.94 10.45 -0.76
C GLU A 85 -0.49 9.95 -0.70
N ASN A 86 -0.33 8.65 -0.81
CA ASN A 86 0.97 8.03 -0.69
C ASN A 86 1.54 7.71 -2.04
N PRO A 87 2.71 8.30 -2.37
CA PRO A 87 3.40 8.06 -3.65
C PRO A 87 3.72 6.58 -3.93
N SER A 88 4.29 6.36 -5.06
CA SER A 88 4.59 5.06 -5.56
C SER A 88 6.10 4.79 -5.39
N PRO A 89 6.65 3.61 -5.82
CA PRO A 89 8.10 3.33 -5.71
C PRO A 89 9.00 4.34 -6.44
N GLU A 90 8.40 5.27 -7.21
CA GLU A 90 9.17 6.27 -7.94
C GLU A 90 9.92 7.22 -7.01
N GLN A 91 9.42 7.33 -5.76
CA GLN A 91 10.09 8.14 -4.77
C GLN A 91 11.50 7.61 -4.50
N LEU A 92 11.69 6.29 -4.66
CA LEU A 92 13.00 5.67 -4.47
C LEU A 92 13.99 6.20 -5.50
N ASN A 93 13.48 6.62 -6.65
CA ASN A 93 14.33 7.13 -7.71
C ASN A 93 14.84 8.51 -7.35
N GLU A 94 14.14 9.16 -6.45
CA GLU A 94 14.56 10.43 -5.94
C GLU A 94 15.49 10.15 -4.77
N ILE A 95 14.94 9.44 -3.80
CA ILE A 95 15.61 9.09 -2.58
C ILE A 95 17.01 8.47 -2.76
N PHE A 96 17.15 7.47 -3.64
CA PHE A 96 18.49 6.88 -3.86
C PHE A 96 19.49 7.91 -4.35
N SER A 97 19.02 8.89 -5.07
CA SER A 97 19.87 9.91 -5.62
C SER A 97 20.24 10.92 -4.53
N THR A 98 19.48 10.93 -3.46
CA THR A 98 19.73 11.79 -2.34
C THR A 98 20.64 11.10 -1.30
N ILE A 99 20.42 9.82 -1.11
CA ILE A 99 21.17 9.05 -0.12
C ILE A 99 22.50 8.58 -0.67
N ALA A 100 22.45 7.84 -1.77
CA ALA A 100 23.60 7.15 -2.32
C ALA A 100 24.40 8.05 -3.23
N ALA A 101 24.12 9.31 -3.11
CA ALA A 101 24.72 10.35 -3.85
C ALA A 101 26.25 10.38 -3.69
N GLY A 102 26.95 9.91 -4.71
CA GLY A 102 28.40 9.97 -4.71
C GLY A 102 29.05 8.67 -4.30
N LYS A 103 28.27 7.71 -3.88
CA LYS A 103 28.81 6.44 -3.44
C LYS A 103 28.44 5.35 -4.45
N ASP A 104 28.86 4.13 -4.19
CA ASP A 104 28.50 2.98 -5.02
C ASP A 104 27.92 1.91 -4.12
N SER A 105 28.72 1.47 -3.20
CA SER A 105 28.28 0.53 -2.23
C SER A 105 27.72 1.32 -1.02
N ILE A 106 26.50 1.03 -0.68
CA ILE A 106 25.80 1.70 0.40
C ILE A 106 25.47 0.70 1.52
N THR A 107 25.87 0.99 2.72
CA THR A 107 25.62 0.08 3.82
C THR A 107 24.27 0.39 4.46
N GLU A 108 23.67 -0.58 5.15
CA GLU A 108 22.39 -0.32 5.80
C GLU A 108 22.48 0.81 6.80
N THR A 109 23.56 0.86 7.49
CA THR A 109 23.81 1.88 8.46
C THR A 109 23.74 3.30 7.81
N ASP A 110 23.97 3.37 6.50
CA ASP A 110 23.81 4.60 5.71
C ASP A 110 22.31 4.74 5.36
N MET A 111 21.74 3.64 4.87
CA MET A 111 20.31 3.49 4.48
C MET A 111 19.31 3.88 5.58
N GLN A 112 19.39 3.20 6.75
CA GLN A 112 18.48 3.43 7.92
C GLN A 112 18.53 4.89 8.25
N LYS A 113 19.75 5.31 8.27
CA LYS A 113 20.15 6.64 8.73
C LYS A 113 19.49 7.75 7.90
N ALA A 114 19.26 7.51 6.64
CA ALA A 114 18.68 8.51 5.74
C ALA A 114 17.17 8.68 5.95
N GLY A 115 16.69 8.27 7.12
CA GLY A 115 15.29 8.38 7.46
C GLY A 115 14.40 7.45 6.66
N MET A 116 14.92 6.28 6.35
CA MET A 116 14.18 5.33 5.55
C MET A 116 13.34 4.42 6.43
N SER A 117 12.16 4.15 5.98
CA SER A 117 11.24 3.30 6.67
C SER A 117 11.63 1.82 6.48
N ALA A 118 11.50 1.01 7.56
CA ALA A 118 11.88 -0.43 7.58
C ALA A 118 11.31 -1.19 6.37
N GLU A 119 10.06 -0.89 6.06
CA GLU A 119 9.34 -1.45 4.89
C GLU A 119 10.17 -1.34 3.60
N GLN A 120 10.81 -0.20 3.41
CA GLN A 120 11.56 0.03 2.23
C GLN A 120 13.00 -0.42 2.41
N ILE A 121 13.50 -0.32 3.65
CA ILE A 121 14.85 -0.79 3.98
C ILE A 121 15.02 -2.23 3.58
N GLU A 122 14.02 -3.05 3.90
CA GLU A 122 14.05 -4.46 3.55
C GLU A 122 14.04 -4.64 2.04
N TYR A 123 13.46 -3.70 1.30
CA TYR A 123 13.47 -3.80 -0.15
C TYR A 123 14.88 -3.58 -0.64
N VAL A 124 15.47 -2.50 -0.19
CA VAL A 124 16.81 -2.10 -0.58
C VAL A 124 17.80 -3.22 -0.24
N LYS A 125 17.66 -3.74 0.93
CA LYS A 125 18.52 -4.77 1.46
C LYS A 125 18.24 -6.15 0.82
N ALA A 126 17.13 -6.28 0.10
CA ALA A 126 16.79 -7.54 -0.53
C ALA A 126 17.13 -7.53 -2.04
N ASN A 127 16.99 -6.37 -2.65
CA ASN A 127 17.25 -6.20 -4.09
C ASN A 127 18.73 -5.89 -4.33
N LEU A 128 19.33 -5.19 -3.40
CA LEU A 128 20.72 -4.84 -3.49
C LEU A 128 21.54 -5.86 -2.70
N PRO A 129 22.48 -6.55 -3.35
CA PRO A 129 23.28 -7.54 -2.69
C PRO A 129 24.57 -6.96 -2.12
N GLN A 130 25.32 -7.78 -1.41
CA GLN A 130 26.57 -7.38 -0.82
C GLN A 130 27.67 -7.41 -1.86
N LYS A 131 28.22 -6.27 -2.13
CA LYS A 131 29.27 -6.11 -3.09
C LYS A 131 30.52 -5.72 -2.34
N GLY A 132 31.26 -6.72 -1.90
CA GLY A 132 32.40 -6.46 -1.04
C GLY A 132 31.93 -6.20 0.39
N ASP A 133 31.20 -5.11 0.54
CA ASP A 133 30.57 -4.69 1.77
C ASP A 133 29.34 -3.87 1.38
N GLY A 134 28.42 -3.74 2.28
CA GLY A 134 27.23 -2.98 2.04
C GLY A 134 26.32 -3.58 1.00
N TYR A 135 25.63 -2.71 0.32
CA TYR A 135 24.64 -3.05 -0.66
C TYR A 135 24.93 -2.27 -1.94
N ASP A 136 24.78 -2.92 -3.04
CA ASP A 136 25.10 -2.34 -4.34
C ASP A 136 23.91 -1.67 -5.02
N TYR A 137 23.88 -0.34 -5.07
CA TYR A 137 22.74 0.32 -5.69
C TYR A 137 22.85 0.30 -7.20
N ALA A 138 23.94 -0.24 -7.69
CA ALA A 138 24.08 -0.43 -9.10
C ALA A 138 23.18 -1.61 -9.52
N ALA A 139 22.87 -2.49 -8.54
CA ALA A 139 21.94 -3.58 -8.76
C ALA A 139 20.54 -3.03 -8.86
N TRP A 140 20.37 -1.87 -8.27
CA TRP A 140 19.13 -1.14 -8.31
C TRP A 140 18.97 -0.47 -9.69
N VAL A 141 20.08 -0.13 -10.29
CA VAL A 141 20.07 0.39 -11.65
C VAL A 141 19.68 -0.77 -12.59
N LYS A 142 20.15 -1.95 -12.23
CA LYS A 142 19.78 -3.17 -12.91
C LYS A 142 18.28 -3.54 -12.67
N THR A 143 17.84 -3.51 -11.45
CA THR A 143 16.49 -3.88 -11.11
C THR A 143 15.89 -2.82 -10.18
N ASN A 144 14.84 -2.19 -10.63
CA ASN A 144 14.17 -1.15 -9.87
C ASN A 144 12.85 -1.72 -9.36
N GLY A 1 -22.63 8.14 -21.93
CA GLY A 1 -22.16 6.77 -22.20
C GLY A 1 -20.74 6.67 -21.82
N SER A 2 -20.24 5.45 -21.64
CA SER A 2 -18.86 5.19 -21.22
C SER A 2 -18.59 5.72 -19.79
N SER A 3 -17.38 5.59 -19.34
CA SER A 3 -17.00 6.06 -18.03
C SER A 3 -15.53 6.44 -18.09
N SER A 4 -15.10 7.29 -17.20
CA SER A 4 -13.75 7.77 -17.21
C SER A 4 -12.87 6.86 -16.33
N GLY A 5 -11.88 6.25 -16.94
CA GLY A 5 -10.93 5.43 -16.22
C GLY A 5 -11.47 4.05 -15.89
N VAL A 6 -12.43 4.00 -15.02
CA VAL A 6 -12.99 2.77 -14.57
C VAL A 6 -14.35 2.53 -15.19
N THR A 7 -14.47 1.38 -15.74
CA THR A 7 -15.66 0.93 -16.39
C THR A 7 -16.74 0.48 -15.37
N ALA A 8 -18.02 0.68 -15.73
CA ALA A 8 -19.17 0.30 -14.88
C ALA A 8 -19.21 -1.22 -14.73
N GLU A 9 -18.59 -1.85 -15.67
CA GLU A 9 -18.36 -3.27 -15.73
C GLU A 9 -17.50 -3.68 -14.52
N GLN A 10 -16.40 -2.94 -14.31
CA GLN A 10 -15.54 -3.19 -13.16
C GLN A 10 -16.31 -2.92 -11.93
N MET A 11 -17.13 -1.89 -12.01
CA MET A 11 -17.96 -1.50 -10.89
C MET A 11 -18.89 -2.63 -10.45
N GLN A 12 -19.10 -3.59 -11.32
CA GLN A 12 -19.84 -4.76 -10.99
C GLN A 12 -18.87 -5.86 -10.48
N GLU A 13 -17.68 -5.96 -11.10
CA GLU A 13 -16.71 -7.02 -10.73
C GLU A 13 -16.13 -6.76 -9.34
N PHE A 14 -15.50 -5.59 -9.25
CA PHE A 14 -14.69 -5.19 -8.10
C PHE A 14 -15.58 -5.10 -6.93
N LYS A 15 -16.81 -4.75 -7.20
CA LYS A 15 -17.78 -4.61 -6.21
C LYS A 15 -18.00 -5.94 -5.56
N GLN A 16 -18.22 -6.99 -6.36
CA GLN A 16 -18.54 -8.31 -5.83
C GLN A 16 -17.35 -8.82 -5.02
N SER A 17 -16.17 -8.51 -5.52
CA SER A 17 -14.93 -8.88 -4.89
C SER A 17 -14.82 -8.26 -3.48
N PHE A 18 -15.17 -6.98 -3.35
CA PHE A 18 -15.11 -6.37 -2.05
C PHE A 18 -16.33 -6.75 -1.22
N ASP A 19 -17.49 -6.87 -1.90
CA ASP A 19 -18.81 -7.21 -1.34
C ASP A 19 -18.71 -8.38 -0.43
N ALA A 20 -18.02 -9.40 -0.92
CA ALA A 20 -17.80 -10.62 -0.16
C ALA A 20 -17.22 -10.33 1.24
N PHE A 21 -16.37 -9.33 1.32
CA PHE A 21 -15.71 -8.97 2.55
C PHE A 21 -16.31 -7.74 3.25
N ASP A 22 -17.47 -7.25 2.81
CA ASP A 22 -18.06 -6.07 3.48
C ASP A 22 -19.46 -6.39 3.99
N GLY A 23 -19.82 -5.74 5.07
CA GLY A 23 -21.06 -6.01 5.73
C GLY A 23 -22.31 -5.46 5.05
N ASN A 24 -22.22 -4.28 4.42
CA ASN A 24 -23.45 -3.70 3.84
C ASN A 24 -23.30 -3.50 2.33
N HIS A 25 -22.05 -3.43 1.88
CA HIS A 25 -21.63 -3.40 0.47
C HIS A 25 -22.51 -2.60 -0.52
N ASP A 26 -22.67 -1.32 -0.27
CA ASP A 26 -23.47 -0.40 -1.12
C ASP A 26 -22.71 0.00 -2.37
N GLY A 27 -21.50 -0.46 -2.47
CA GLY A 27 -20.60 -0.02 -3.52
C GLY A 27 -19.50 0.77 -2.88
N ILE A 28 -19.63 0.93 -1.59
CA ILE A 28 -18.63 1.55 -0.77
C ILE A 28 -18.23 0.50 0.27
N LEU A 29 -17.10 0.64 0.87
CA LEU A 29 -16.58 -0.33 1.80
C LEU A 29 -16.09 0.33 3.11
N ASP A 30 -16.34 -0.35 4.23
CA ASP A 30 -15.89 0.07 5.56
C ASP A 30 -14.37 -0.19 5.78
N LYS A 31 -13.77 0.53 6.71
CA LYS A 31 -12.35 0.41 6.98
C LYS A 31 -11.99 -0.96 7.60
N LEU A 32 -12.75 -1.36 8.61
CA LEU A 32 -12.45 -2.56 9.36
C LEU A 32 -12.56 -3.78 8.48
N GLU A 33 -13.58 -3.78 7.65
CA GLU A 33 -13.79 -4.88 6.77
C GLU A 33 -12.90 -4.88 5.55
N PHE A 34 -12.54 -3.71 5.02
CA PHE A 34 -11.58 -3.67 3.90
C PHE A 34 -10.24 -4.20 4.39
N ARG A 35 -10.02 -4.03 5.68
CA ARG A 35 -8.85 -4.56 6.33
C ARG A 35 -8.89 -6.10 6.31
N SER A 36 -10.08 -6.67 6.43
CA SER A 36 -10.25 -8.10 6.42
C SER A 36 -10.18 -8.59 4.95
N CYS A 37 -10.60 -7.73 4.05
CA CYS A 37 -10.55 -7.97 2.63
C CYS A 37 -9.10 -8.12 2.15
N LEU A 38 -8.27 -7.09 2.42
CA LEU A 38 -6.88 -7.08 1.92
C LEU A 38 -6.00 -8.17 2.52
N SER A 39 -6.39 -8.68 3.66
CA SER A 39 -5.66 -9.76 4.25
C SER A 39 -6.11 -11.09 3.63
N SER A 40 -7.41 -11.31 3.58
CA SER A 40 -7.93 -12.54 3.00
C SER A 40 -7.74 -12.56 1.45
N MET A 41 -7.35 -11.42 0.90
CA MET A 41 -7.03 -11.30 -0.53
C MET A 41 -5.59 -11.74 -0.79
N GLY A 42 -4.79 -11.75 0.26
CA GLY A 42 -3.39 -12.11 0.11
C GLY A 42 -2.52 -10.92 -0.21
N LEU A 43 -2.81 -9.79 0.43
CA LEU A 43 -1.98 -8.61 0.25
C LEU A 43 -1.28 -8.27 1.50
N ILE A 44 -2.05 -8.03 2.50
CA ILE A 44 -1.51 -7.66 3.75
C ILE A 44 -1.65 -8.83 4.72
N ASP A 45 -0.57 -9.46 5.03
CA ASP A 45 -0.59 -10.61 5.89
C ASP A 45 0.48 -10.55 6.92
N ILE A 46 0.49 -11.53 7.81
CA ILE A 46 1.37 -11.55 9.00
C ILE A 46 2.85 -11.84 8.60
N ASP A 47 3.10 -11.78 7.32
CA ASP A 47 4.43 -11.98 6.77
C ASP A 47 5.17 -10.67 6.84
N PHE A 48 4.42 -9.61 6.94
CA PHE A 48 4.99 -8.31 7.09
C PHE A 48 4.90 -7.93 8.54
N THR A 49 5.98 -8.11 9.24
CA THR A 49 6.05 -7.81 10.62
C THR A 49 6.48 -6.35 10.80
N GLY A 50 6.24 -5.80 11.95
CA GLY A 50 6.65 -4.45 12.24
C GLY A 50 5.52 -3.50 12.00
N GLY A 51 4.76 -3.79 10.96
CA GLY A 51 3.59 -3.02 10.66
C GLY A 51 2.36 -3.65 11.27
N GLU A 52 2.45 -4.97 11.48
CA GLU A 52 1.39 -5.80 12.04
C GLU A 52 0.06 -5.62 11.28
N ASP A 53 -0.88 -4.90 11.88
CA ASP A 53 -2.19 -4.62 11.24
C ASP A 53 -2.22 -3.16 10.79
N ALA A 54 -1.39 -2.35 11.46
CA ALA A 54 -1.33 -0.89 11.24
C ALA A 54 -0.71 -0.55 9.88
N GLN A 55 -0.11 -1.57 9.25
CA GLN A 55 0.42 -1.42 7.91
C GLN A 55 -0.73 -1.04 7.00
N TYR A 56 -1.89 -1.67 7.24
CA TYR A 56 -3.11 -1.34 6.54
C TYR A 56 -3.48 0.07 6.82
N ASP A 57 -3.48 0.41 8.10
CA ASP A 57 -3.93 1.72 8.57
C ASP A 57 -3.30 2.81 7.77
N ALA A 58 -1.99 2.78 7.66
CA ALA A 58 -1.30 3.79 6.87
C ALA A 58 -1.64 3.72 5.37
N ILE A 59 -1.76 2.49 4.82
CA ILE A 59 -2.14 2.30 3.39
C ILE A 59 -3.52 2.89 3.11
N TYR A 60 -4.47 2.48 3.90
CA TYR A 60 -5.84 2.84 3.72
C TYR A 60 -6.05 4.28 4.02
N ASN A 61 -5.51 4.74 5.14
CA ASN A 61 -5.56 6.19 5.46
C ASN A 61 -4.96 7.03 4.33
N ASN A 62 -4.03 6.45 3.58
CA ASN A 62 -3.44 7.12 2.43
C ASN A 62 -4.38 7.08 1.22
N VAL A 63 -5.13 5.97 1.03
CA VAL A 63 -6.05 5.88 -0.12
C VAL A 63 -7.20 6.88 0.07
N THR A 64 -7.61 7.08 1.31
CA THR A 64 -8.76 7.88 1.60
C THR A 64 -8.62 9.36 1.29
N LYS A 65 -9.50 9.83 0.41
CA LYS A 65 -9.55 11.23 -0.11
C LYS A 65 -10.08 12.21 0.96
N GLY A 66 -9.94 11.87 2.20
CA GLY A 66 -10.57 12.61 3.26
C GLY A 66 -11.81 11.87 3.68
N GLU A 67 -12.38 11.18 2.71
CA GLU A 67 -13.46 10.26 2.92
C GLU A 67 -12.84 9.00 3.48
N ASN A 68 -12.91 8.82 4.77
CA ASN A 68 -12.38 7.61 5.32
C ASN A 68 -13.49 6.60 5.26
N GLY A 69 -13.24 5.54 4.56
CA GLY A 69 -14.33 4.66 4.16
C GLY A 69 -14.40 4.80 2.69
N VAL A 70 -14.09 3.77 2.00
CA VAL A 70 -13.89 3.89 0.59
C VAL A 70 -15.17 3.86 -0.15
N SER A 71 -15.30 4.82 -0.95
CA SER A 71 -16.39 4.93 -1.79
C SER A 71 -16.08 4.25 -3.12
N PHE A 72 -17.03 4.28 -4.06
CA PHE A 72 -16.89 3.64 -5.38
C PHE A 72 -15.54 3.96 -6.01
N ASP A 73 -15.28 5.24 -6.14
CA ASP A 73 -14.09 5.72 -6.78
C ASP A 73 -12.89 5.59 -5.87
N ASN A 74 -13.08 5.69 -4.54
CA ASN A 74 -11.94 5.61 -3.62
C ASN A 74 -11.35 4.22 -3.65
N TYR A 75 -12.22 3.24 -3.74
CA TYR A 75 -11.79 1.88 -3.81
C TYR A 75 -11.05 1.66 -5.12
N VAL A 76 -11.63 2.15 -6.19
CA VAL A 76 -11.03 2.01 -7.51
C VAL A 76 -9.68 2.72 -7.58
N GLN A 77 -9.57 3.82 -6.87
CA GLN A 77 -8.30 4.55 -6.73
C GLN A 77 -7.23 3.64 -6.09
N TYR A 78 -7.67 2.71 -5.24
CA TYR A 78 -6.74 1.79 -4.64
C TYR A 78 -6.54 0.59 -5.55
N MET A 79 -7.52 0.30 -6.36
CA MET A 79 -7.45 -0.87 -7.22
C MET A 79 -6.82 -0.58 -8.61
N LYS A 80 -7.51 0.23 -9.41
CA LYS A 80 -7.11 0.47 -10.77
C LYS A 80 -5.80 1.22 -10.80
N GLU A 81 -5.74 2.34 -10.09
CA GLU A 81 -4.51 3.14 -9.97
C GLU A 81 -3.35 2.32 -9.39
N LYS A 82 -3.66 1.28 -8.66
CA LYS A 82 -2.63 0.43 -8.12
C LYS A 82 -2.08 -0.46 -9.23
N ASN A 83 -2.94 -0.81 -10.15
CA ASN A 83 -2.55 -1.58 -11.31
C ASN A 83 -1.83 -0.70 -12.37
N ASP A 84 -2.36 0.50 -12.61
CA ASP A 84 -1.79 1.38 -13.65
C ASP A 84 -0.87 2.49 -13.12
N GLU A 85 -1.46 3.46 -12.45
CA GLU A 85 -0.79 4.67 -11.92
C GLU A 85 0.47 4.38 -11.06
N ASN A 86 0.27 3.85 -9.87
CA ASN A 86 1.35 3.74 -8.92
C ASN A 86 1.97 2.35 -8.85
N PRO A 87 3.34 2.28 -8.87
CA PRO A 87 4.07 1.02 -8.71
C PRO A 87 3.81 0.35 -7.36
N SER A 88 4.36 -0.79 -7.18
CA SER A 88 4.17 -1.56 -5.99
C SER A 88 5.49 -1.55 -5.20
N PRO A 89 5.60 -2.22 -4.04
CA PRO A 89 6.88 -2.36 -3.36
C PRO A 89 7.71 -3.53 -3.94
N GLU A 90 7.48 -3.87 -5.21
CA GLU A 90 8.12 -5.04 -5.83
C GLU A 90 9.64 -4.83 -5.86
N GLN A 91 10.05 -3.70 -6.41
CA GLN A 91 11.45 -3.32 -6.47
C GLN A 91 12.01 -3.12 -5.06
N LEU A 92 11.12 -2.87 -4.09
CA LEU A 92 11.52 -2.60 -2.73
C LEU A 92 12.02 -3.88 -2.08
N ASN A 93 11.66 -5.00 -2.67
CA ASN A 93 12.15 -6.27 -2.21
C ASN A 93 13.45 -6.60 -2.95
N GLU A 94 13.56 -6.09 -4.17
CA GLU A 94 14.67 -6.47 -5.04
C GLU A 94 15.86 -5.52 -4.88
N ILE A 95 15.69 -4.31 -5.39
CA ILE A 95 16.75 -3.32 -5.46
C ILE A 95 17.19 -2.89 -4.10
N PHE A 96 16.26 -2.79 -3.20
CA PHE A 96 16.55 -2.38 -1.84
C PHE A 96 17.50 -3.40 -1.18
N SER A 97 17.36 -4.67 -1.56
CA SER A 97 18.19 -5.71 -1.00
C SER A 97 19.52 -5.78 -1.74
N THR A 98 19.58 -5.07 -2.86
CA THR A 98 20.77 -5.01 -3.66
C THR A 98 21.64 -3.85 -3.17
N ILE A 99 20.99 -2.75 -2.80
CA ILE A 99 21.70 -1.55 -2.40
C ILE A 99 22.02 -1.44 -0.95
N ALA A 100 21.14 -1.91 -0.10
CA ALA A 100 21.31 -1.75 1.34
C ALA A 100 22.32 -2.76 1.91
N ALA A 101 22.91 -3.47 0.99
CA ALA A 101 23.91 -4.46 1.19
C ALA A 101 25.06 -3.96 2.07
N GLY A 102 25.04 -4.35 3.33
CA GLY A 102 26.15 -4.06 4.23
C GLY A 102 26.01 -2.74 4.97
N LYS A 103 24.92 -2.04 4.79
CA LYS A 103 24.77 -0.77 5.49
C LYS A 103 23.68 -0.89 6.54
N ASP A 104 23.50 0.14 7.34
CA ASP A 104 22.42 0.16 8.32
C ASP A 104 21.38 1.19 7.87
N SER A 105 21.89 2.30 7.38
CA SER A 105 21.09 3.40 6.94
C SER A 105 21.16 3.52 5.43
N ILE A 106 20.02 3.50 4.80
CA ILE A 106 19.91 3.66 3.37
C ILE A 106 19.40 5.07 3.03
N THR A 107 20.24 5.85 2.38
CA THR A 107 19.94 7.25 2.10
C THR A 107 19.03 7.45 0.89
N GLU A 108 18.44 8.66 0.77
CA GLU A 108 17.58 9.05 -0.36
C GLU A 108 18.28 8.71 -1.65
N THR A 109 19.44 9.29 -1.78
CA THR A 109 20.26 9.17 -2.91
C THR A 109 20.57 7.72 -3.20
N ASP A 110 20.63 6.88 -2.17
CA ASP A 110 20.97 5.50 -2.38
C ASP A 110 19.80 4.76 -3.00
N MET A 111 18.62 5.18 -2.61
CA MET A 111 17.39 4.60 -3.15
C MET A 111 17.07 5.14 -4.54
N GLN A 112 16.74 6.44 -4.62
CA GLN A 112 16.24 7.00 -5.90
C GLN A 112 17.24 6.94 -7.02
N LYS A 113 18.53 7.08 -6.71
CA LYS A 113 19.53 6.92 -7.79
C LYS A 113 19.48 5.48 -8.38
N ALA A 114 19.13 4.52 -7.54
CA ALA A 114 19.14 3.11 -7.93
C ALA A 114 17.86 2.72 -8.65
N GLY A 115 17.19 3.70 -9.22
CA GLY A 115 15.95 3.47 -9.94
C GLY A 115 14.72 3.32 -9.05
N MET A 116 14.89 3.43 -7.74
CA MET A 116 13.77 3.31 -6.81
C MET A 116 12.91 4.56 -6.89
N SER A 117 11.66 4.38 -7.23
CA SER A 117 10.78 5.50 -7.48
C SER A 117 10.25 6.11 -6.15
N ALA A 118 9.85 7.37 -6.23
CA ALA A 118 9.46 8.17 -5.08
C ALA A 118 8.28 7.59 -4.33
N GLU A 119 7.36 7.02 -5.06
CA GLU A 119 6.15 6.39 -4.52
C GLU A 119 6.53 5.25 -3.57
N GLN A 120 7.64 4.61 -3.84
CA GLN A 120 8.07 3.49 -3.04
C GLN A 120 8.79 4.06 -1.82
N ILE A 121 9.58 5.10 -2.07
CA ILE A 121 10.31 5.83 -1.04
C ILE A 121 9.32 6.44 -0.02
N GLU A 122 8.13 6.76 -0.49
CA GLU A 122 7.04 7.26 0.34
C GLU A 122 6.72 6.23 1.43
N TYR A 123 6.73 4.95 1.07
CA TYR A 123 6.47 3.92 2.05
C TYR A 123 7.68 3.79 2.95
N VAL A 124 8.86 3.86 2.33
CA VAL A 124 10.13 3.75 3.05
C VAL A 124 10.20 4.79 4.18
N LYS A 125 9.85 6.02 3.89
CA LYS A 125 9.90 7.07 4.89
C LYS A 125 8.73 7.04 5.86
N ALA A 126 7.74 6.22 5.58
CA ALA A 126 6.60 6.11 6.46
C ALA A 126 6.77 4.93 7.41
N ASN A 127 7.62 4.00 7.02
CA ASN A 127 7.84 2.81 7.83
C ASN A 127 9.26 2.75 8.42
N LEU A 128 10.22 3.39 7.75
CA LEU A 128 11.61 3.40 8.20
C LEU A 128 12.04 4.83 8.53
N PRO A 129 12.69 5.05 9.68
CA PRO A 129 13.18 6.38 10.06
C PRO A 129 14.60 6.65 9.52
N GLN A 130 14.86 7.88 9.16
CA GLN A 130 16.16 8.26 8.64
C GLN A 130 16.95 9.05 9.67
N LYS A 131 18.24 8.73 9.81
CA LYS A 131 19.08 9.46 10.76
C LYS A 131 19.61 10.67 10.02
N GLY A 132 18.86 11.76 10.04
CA GLY A 132 19.17 12.89 9.15
C GLY A 132 18.69 12.50 7.77
N ASP A 133 19.45 11.63 7.15
CA ASP A 133 19.09 10.89 5.98
C ASP A 133 19.75 9.56 6.14
N GLY A 134 19.18 8.55 5.59
CA GLY A 134 19.67 7.26 5.84
C GLY A 134 18.69 6.51 6.68
N TYR A 135 17.82 5.86 6.01
CA TYR A 135 16.76 5.10 6.58
C TYR A 135 17.31 3.85 7.23
N ASP A 136 17.12 3.76 8.52
CA ASP A 136 17.56 2.63 9.30
C ASP A 136 16.65 1.47 8.98
N TYR A 137 17.04 0.63 8.02
CA TYR A 137 16.16 -0.48 7.61
C TYR A 137 16.12 -1.51 8.69
N ALA A 138 17.09 -1.42 9.55
CA ALA A 138 17.20 -2.28 10.66
C ALA A 138 16.11 -1.98 11.67
N ALA A 139 15.41 -0.84 11.52
CA ALA A 139 14.29 -0.44 12.41
C ALA A 139 13.25 -1.52 12.43
N TRP A 140 13.13 -2.21 11.31
CA TRP A 140 12.25 -3.32 11.17
C TRP A 140 12.67 -4.41 12.18
N VAL A 141 13.92 -4.82 12.08
CA VAL A 141 14.47 -5.90 12.90
C VAL A 141 14.77 -5.40 14.36
N LYS A 142 14.62 -4.09 14.58
CA LYS A 142 14.73 -3.51 15.94
C LYS A 142 13.39 -3.71 16.66
N THR A 143 12.36 -4.01 15.88
CA THR A 143 11.02 -4.07 16.39
C THR A 143 10.44 -5.49 16.29
N ASN A 144 10.34 -6.01 15.07
CA ASN A 144 9.74 -7.30 14.80
C ASN A 144 10.02 -7.63 13.35
N GLY A 1 6.12 3.24 -1.21
CA GLY A 1 6.41 4.46 -1.94
C GLY A 1 5.12 5.14 -2.31
N SER A 2 4.56 4.74 -3.43
CA SER A 2 3.30 5.24 -3.91
C SER A 2 2.87 4.40 -5.10
N SER A 3 2.09 3.38 -4.85
CA SER A 3 1.62 2.56 -5.90
C SER A 3 0.25 3.03 -6.34
N SER A 4 0.25 3.95 -7.25
CA SER A 4 -0.95 4.50 -7.79
C SER A 4 -1.50 3.58 -8.86
N GLY A 5 -2.81 3.47 -8.90
CA GLY A 5 -3.43 2.50 -9.77
C GLY A 5 -3.56 1.19 -9.03
N VAL A 6 -4.01 0.16 -9.64
CA VAL A 6 -4.13 -1.09 -8.93
C VAL A 6 -3.11 -2.02 -9.51
N THR A 7 -2.47 -2.72 -8.67
CA THR A 7 -1.45 -3.62 -9.08
C THR A 7 -1.93 -5.09 -8.88
N ALA A 8 -1.11 -6.03 -9.34
CA ALA A 8 -1.44 -7.44 -9.31
C ALA A 8 -1.54 -7.93 -7.89
N GLU A 9 -0.61 -7.47 -7.07
CA GLU A 9 -0.57 -7.77 -5.64
C GLU A 9 -1.89 -7.42 -4.99
N GLN A 10 -2.44 -6.24 -5.30
CA GLN A 10 -3.69 -5.85 -4.69
C GLN A 10 -4.75 -6.76 -5.16
N MET A 11 -4.74 -7.04 -6.45
CA MET A 11 -5.69 -7.96 -7.05
C MET A 11 -5.64 -9.34 -6.39
N GLN A 12 -4.54 -9.63 -5.69
CA GLN A 12 -4.43 -10.86 -4.96
C GLN A 12 -4.97 -10.69 -3.54
N GLU A 13 -4.63 -9.58 -2.86
CA GLU A 13 -4.99 -9.48 -1.44
C GLU A 13 -6.39 -9.00 -1.25
N PHE A 14 -6.73 -8.00 -1.97
CA PHE A 14 -8.00 -7.35 -1.89
C PHE A 14 -9.09 -8.33 -2.31
N LYS A 15 -8.75 -9.15 -3.29
CA LYS A 15 -9.59 -10.21 -3.74
C LYS A 15 -9.80 -11.22 -2.62
N GLN A 16 -8.75 -11.52 -1.86
CA GLN A 16 -8.84 -12.55 -0.82
C GLN A 16 -9.63 -12.02 0.36
N SER A 17 -9.35 -10.79 0.72
CA SER A 17 -9.96 -10.15 1.85
C SER A 17 -11.47 -9.95 1.66
N PHE A 18 -11.94 -9.64 0.45
CA PHE A 18 -13.39 -9.60 0.30
C PHE A 18 -13.98 -10.99 0.13
N ASP A 19 -13.23 -11.87 -0.52
CA ASP A 19 -13.68 -13.22 -0.96
C ASP A 19 -14.05 -14.07 0.20
N ALA A 20 -13.20 -14.04 1.22
CA ALA A 20 -13.39 -14.83 2.42
C ALA A 20 -14.71 -14.53 3.13
N PHE A 21 -15.20 -13.32 2.98
CA PHE A 21 -16.41 -12.89 3.65
C PHE A 21 -17.64 -12.88 2.73
N ASP A 22 -17.47 -12.32 1.55
CA ASP A 22 -18.56 -12.12 0.60
C ASP A 22 -19.08 -13.44 0.03
N GLY A 23 -20.38 -13.49 -0.25
CA GLY A 23 -21.00 -14.72 -0.69
C GLY A 23 -21.04 -14.91 -2.20
N ASN A 24 -20.70 -13.90 -2.96
CA ASN A 24 -20.73 -14.04 -4.43
C ASN A 24 -19.38 -13.82 -5.11
N HIS A 25 -18.46 -13.20 -4.38
CA HIS A 25 -17.07 -12.90 -4.77
C HIS A 25 -16.88 -12.45 -6.23
N ASP A 26 -17.78 -11.57 -6.64
CA ASP A 26 -17.87 -11.00 -8.00
C ASP A 26 -16.70 -10.07 -8.30
N GLY A 27 -16.07 -9.64 -7.26
CA GLY A 27 -15.03 -8.67 -7.38
C GLY A 27 -15.46 -7.40 -6.74
N ILE A 28 -16.74 -7.26 -6.56
CA ILE A 28 -17.25 -6.17 -5.79
C ILE A 28 -17.82 -6.77 -4.49
N LEU A 29 -18.04 -5.93 -3.52
CA LEU A 29 -18.65 -6.35 -2.28
C LEU A 29 -19.79 -5.37 -1.96
N ASP A 30 -20.80 -5.88 -1.31
CA ASP A 30 -21.93 -5.09 -0.83
C ASP A 30 -21.58 -4.40 0.51
N LYS A 31 -22.29 -3.33 0.82
CA LYS A 31 -22.09 -2.55 2.03
C LYS A 31 -22.30 -3.41 3.29
N LEU A 32 -23.40 -4.14 3.31
CA LEU A 32 -23.83 -4.86 4.50
C LEU A 32 -22.86 -5.96 4.87
N GLU A 33 -22.31 -6.63 3.87
CA GLU A 33 -21.38 -7.69 4.17
C GLU A 33 -19.95 -7.17 4.33
N PHE A 34 -19.57 -6.13 3.58
CA PHE A 34 -18.24 -5.52 3.75
C PHE A 34 -18.12 -5.02 5.19
N ARG A 35 -19.26 -4.68 5.73
CA ARG A 35 -19.39 -4.33 7.11
C ARG A 35 -18.92 -5.48 8.02
N SER A 36 -19.44 -6.69 7.76
CA SER A 36 -19.14 -7.85 8.59
C SER A 36 -17.66 -8.23 8.40
N CYS A 37 -17.20 -8.04 7.17
CA CYS A 37 -15.82 -8.22 6.79
C CYS A 37 -14.91 -7.35 7.66
N LEU A 38 -15.22 -6.05 7.75
CA LEU A 38 -14.39 -5.14 8.52
C LEU A 38 -14.43 -5.40 10.02
N SER A 39 -15.53 -5.96 10.50
CA SER A 39 -15.62 -6.32 11.89
C SER A 39 -14.67 -7.50 12.17
N SER A 40 -14.78 -8.53 11.36
CA SER A 40 -14.00 -9.74 11.54
C SER A 40 -12.51 -9.51 11.16
N MET A 41 -12.26 -8.46 10.39
CA MET A 41 -10.90 -8.07 10.01
C MET A 41 -10.20 -7.37 11.17
N GLY A 42 -10.99 -6.89 12.12
CA GLY A 42 -10.46 -6.14 13.23
C GLY A 42 -10.23 -4.70 12.85
N LEU A 43 -10.96 -4.27 11.84
CA LEU A 43 -10.87 -2.92 11.35
C LEU A 43 -11.81 -2.08 12.18
N ILE A 44 -13.00 -2.60 12.35
CA ILE A 44 -14.01 -1.90 13.07
C ILE A 44 -14.54 -2.75 14.21
N ASP A 45 -14.84 -2.12 15.30
CA ASP A 45 -15.43 -2.79 16.45
C ASP A 45 -16.42 -1.79 17.05
N ILE A 46 -17.09 -2.15 18.09
CA ILE A 46 -18.12 -1.31 18.64
C ILE A 46 -17.51 -0.44 19.72
N ASP A 47 -16.65 0.43 19.29
CA ASP A 47 -15.98 1.37 20.19
C ASP A 47 -17.02 2.32 20.76
N PHE A 48 -17.59 3.14 19.90
CA PHE A 48 -18.71 3.93 20.28
C PHE A 48 -19.92 3.00 20.37
N THR A 49 -20.22 2.61 21.57
CA THR A 49 -21.28 1.71 21.82
C THR A 49 -22.52 2.49 22.30
N GLY A 50 -23.64 1.82 22.30
CA GLY A 50 -24.89 2.42 22.70
C GLY A 50 -25.85 2.28 21.58
N GLY A 51 -25.31 2.42 20.40
CA GLY A 51 -26.04 2.21 19.21
C GLY A 51 -25.53 0.97 18.53
N GLU A 52 -25.64 0.93 17.24
CA GLU A 52 -25.19 -0.18 16.46
C GLU A 52 -23.79 0.11 15.92
N ASP A 53 -23.28 -0.75 15.06
CA ASP A 53 -21.94 -0.61 14.47
C ASP A 53 -21.89 0.42 13.32
N ALA A 54 -22.57 1.55 13.57
CA ALA A 54 -22.66 2.71 12.65
C ALA A 54 -21.28 3.34 12.41
N GLN A 55 -20.30 2.88 13.18
CA GLN A 55 -18.92 3.25 13.02
C GLN A 55 -18.49 2.92 11.59
N TYR A 56 -18.97 1.78 11.09
CA TYR A 56 -18.73 1.41 9.70
C TYR A 56 -19.37 2.37 8.81
N ASP A 57 -20.64 2.67 9.10
CA ASP A 57 -21.47 3.48 8.24
C ASP A 57 -20.78 4.75 7.89
N ALA A 58 -20.26 5.44 8.89
CA ALA A 58 -19.51 6.67 8.67
C ALA A 58 -18.25 6.44 7.81
N ILE A 59 -17.63 5.28 7.93
CA ILE A 59 -16.46 4.92 7.13
C ILE A 59 -16.85 4.65 5.68
N TYR A 60 -17.87 3.79 5.48
CA TYR A 60 -18.39 3.49 4.14
C TYR A 60 -18.81 4.74 3.48
N ASN A 61 -19.59 5.50 4.20
CA ASN A 61 -20.06 6.82 3.69
C ASN A 61 -18.91 7.70 3.19
N ASN A 62 -17.71 7.49 3.72
CA ASN A 62 -16.51 8.19 3.26
C ASN A 62 -15.77 7.44 2.14
N VAL A 63 -15.92 6.11 2.06
CA VAL A 63 -15.26 5.33 0.97
C VAL A 63 -15.93 5.67 -0.36
N THR A 64 -17.21 5.91 -0.30
CA THR A 64 -17.96 6.31 -1.44
C THR A 64 -17.96 7.82 -1.52
N LYS A 65 -17.54 8.35 -2.62
CA LYS A 65 -17.46 9.79 -2.75
C LYS A 65 -18.79 10.27 -3.34
N GLY A 66 -19.19 9.62 -4.40
CA GLY A 66 -20.50 9.81 -4.99
C GLY A 66 -20.99 8.51 -5.61
N GLU A 67 -20.42 7.42 -5.13
CA GLU A 67 -20.67 6.09 -5.65
C GLU A 67 -21.43 5.26 -4.58
N ASN A 68 -21.72 3.99 -4.88
CA ASN A 68 -22.48 3.13 -3.95
C ASN A 68 -21.95 1.69 -3.99
N GLY A 69 -21.51 1.19 -2.84
CA GLY A 69 -21.03 -0.17 -2.73
C GLY A 69 -19.56 -0.14 -2.54
N VAL A 70 -18.94 -1.28 -2.57
CA VAL A 70 -17.52 -1.29 -2.64
C VAL A 70 -17.12 -2.22 -3.75
N SER A 71 -16.90 -1.62 -4.85
CA SER A 71 -16.66 -2.27 -6.07
C SER A 71 -15.23 -2.11 -6.55
N PHE A 72 -14.93 -2.47 -7.79
CA PHE A 72 -13.58 -2.31 -8.36
C PHE A 72 -13.12 -0.86 -8.22
N ASP A 73 -14.05 0.03 -8.29
CA ASP A 73 -13.80 1.42 -8.04
C ASP A 73 -13.79 1.73 -6.52
N ASN A 74 -14.95 1.67 -5.86
CA ASN A 74 -15.10 1.98 -4.41
C ASN A 74 -14.23 1.20 -3.47
N TYR A 75 -14.22 -0.11 -3.61
CA TYR A 75 -13.48 -0.96 -2.69
C TYR A 75 -12.01 -0.65 -2.84
N VAL A 76 -11.54 -0.76 -4.06
CA VAL A 76 -10.14 -0.54 -4.37
C VAL A 76 -9.71 0.86 -3.98
N GLN A 77 -10.60 1.82 -4.17
CA GLN A 77 -10.36 3.18 -3.74
C GLN A 77 -10.18 3.22 -2.24
N TYR A 78 -11.03 2.47 -1.49
CA TYR A 78 -10.93 2.44 -0.04
C TYR A 78 -9.61 1.83 0.35
N MET A 79 -9.29 0.74 -0.31
CA MET A 79 -8.13 0.00 0.01
C MET A 79 -6.88 0.74 -0.40
N LYS A 80 -6.98 1.63 -1.37
CA LYS A 80 -5.81 2.37 -1.76
C LYS A 80 -5.66 3.66 -0.99
N GLU A 81 -6.71 4.11 -0.30
CA GLU A 81 -6.55 5.25 0.62
C GLU A 81 -5.78 4.75 1.87
N LYS A 82 -5.69 3.43 1.94
CA LYS A 82 -4.89 2.69 2.90
C LYS A 82 -3.48 2.37 2.31
N ASN A 83 -3.51 1.80 1.10
CA ASN A 83 -2.33 1.19 0.42
C ASN A 83 -1.50 2.11 -0.53
N ASP A 84 -2.09 3.11 -1.17
CA ASP A 84 -1.40 3.82 -2.31
C ASP A 84 -0.13 4.51 -1.82
N GLU A 85 -0.29 5.25 -0.76
CA GLU A 85 0.75 6.06 -0.15
C GLU A 85 1.64 5.24 0.79
N ASN A 86 1.50 3.89 0.72
CA ASN A 86 2.28 2.94 1.57
C ASN A 86 3.76 3.35 1.75
N PRO A 87 4.30 3.12 3.00
CA PRO A 87 5.62 3.54 3.49
C PRO A 87 6.70 3.92 2.46
N SER A 88 7.27 5.05 2.71
CA SER A 88 8.34 5.62 1.98
C SER A 88 9.68 4.82 2.28
N PRO A 89 10.85 5.18 1.71
CA PRO A 89 12.05 4.37 1.84
C PRO A 89 12.84 4.53 3.17
N GLU A 90 12.23 5.05 4.22
CA GLU A 90 12.91 5.21 5.52
C GLU A 90 13.50 3.88 5.99
N GLN A 91 12.68 2.84 5.95
CA GLN A 91 13.10 1.49 6.39
C GLN A 91 14.26 0.97 5.53
N LEU A 92 14.33 1.45 4.28
CA LEU A 92 15.33 1.03 3.32
C LEU A 92 16.71 1.32 3.84
N ASN A 93 16.79 2.35 4.71
CA ASN A 93 18.05 2.81 5.33
C ASN A 93 18.86 1.65 5.88
N GLU A 94 18.16 0.66 6.44
CA GLU A 94 18.83 -0.46 7.07
C GLU A 94 19.53 -1.33 6.04
N ILE A 95 18.74 -1.96 5.17
CA ILE A 95 19.26 -2.91 4.19
C ILE A 95 20.19 -2.17 3.19
N PHE A 96 19.92 -0.89 2.98
CA PHE A 96 20.70 -0.04 2.09
C PHE A 96 22.15 0.04 2.59
N SER A 97 22.31 0.00 3.91
CA SER A 97 23.60 0.10 4.52
C SER A 97 24.35 -1.23 4.43
N THR A 98 23.63 -2.28 4.08
CA THR A 98 24.22 -3.58 3.87
C THR A 98 24.61 -3.74 2.39
N ILE A 99 23.79 -3.17 1.52
CA ILE A 99 23.97 -3.25 0.08
C ILE A 99 25.13 -2.38 -0.40
N ALA A 100 25.06 -1.09 -0.10
CA ALA A 100 26.05 -0.11 -0.60
C ALA A 100 27.30 -0.09 0.25
N ALA A 101 27.33 -0.98 1.19
CA ALA A 101 28.36 -1.11 2.18
C ALA A 101 29.77 -1.25 1.59
N GLY A 102 30.55 -0.20 1.72
CA GLY A 102 31.94 -0.25 1.31
C GLY A 102 32.16 0.24 -0.10
N LYS A 103 31.11 0.67 -0.75
CA LYS A 103 31.20 1.16 -2.11
C LYS A 103 30.99 2.66 -2.14
N ASP A 104 31.04 3.24 -3.30
CA ASP A 104 30.72 4.65 -3.49
C ASP A 104 29.48 4.74 -4.38
N SER A 105 29.41 3.79 -5.27
CA SER A 105 28.42 3.68 -6.26
C SER A 105 27.35 2.65 -5.89
N ILE A 106 26.22 2.76 -6.55
CA ILE A 106 25.12 1.82 -6.39
C ILE A 106 24.23 1.91 -7.63
N THR A 107 23.96 0.79 -8.25
CA THR A 107 23.17 0.77 -9.45
C THR A 107 21.81 0.14 -9.20
N GLU A 108 20.91 0.26 -10.21
CA GLU A 108 19.60 -0.37 -10.11
C GLU A 108 19.77 -1.81 -9.77
N THR A 109 20.47 -2.54 -10.60
CA THR A 109 20.69 -3.95 -10.39
C THR A 109 21.40 -4.25 -9.05
N ASP A 110 22.10 -3.27 -8.48
CA ASP A 110 22.78 -3.45 -7.21
C ASP A 110 21.71 -3.52 -6.11
N MET A 111 20.63 -2.76 -6.31
CA MET A 111 19.46 -2.80 -5.42
C MET A 111 18.42 -3.86 -5.88
N GLN A 112 18.01 -3.72 -7.11
CA GLN A 112 17.01 -4.53 -7.82
C GLN A 112 17.31 -6.01 -7.81
N LYS A 113 18.54 -6.35 -7.93
CA LYS A 113 18.89 -7.77 -7.85
C LYS A 113 18.95 -8.28 -6.41
N ALA A 114 19.11 -7.38 -5.45
CA ALA A 114 19.24 -7.73 -4.02
C ALA A 114 17.89 -8.11 -3.36
N GLY A 115 16.93 -8.50 -4.20
CA GLY A 115 15.60 -8.89 -3.71
C GLY A 115 14.76 -7.72 -3.24
N MET A 116 15.00 -6.56 -3.81
CA MET A 116 14.28 -5.37 -3.44
C MET A 116 12.98 -5.22 -4.22
N SER A 117 12.02 -4.56 -3.60
CA SER A 117 10.73 -4.32 -4.18
C SER A 117 10.74 -3.08 -5.09
N ALA A 118 10.27 -3.28 -6.35
CA ALA A 118 10.24 -2.23 -7.42
C ALA A 118 9.71 -0.89 -6.91
N GLU A 119 8.65 -0.94 -6.12
CA GLU A 119 8.01 0.22 -5.46
C GLU A 119 9.06 1.15 -4.83
N GLN A 120 9.99 0.59 -4.09
CA GLN A 120 10.97 1.39 -3.42
C GLN A 120 12.11 1.72 -4.38
N ILE A 121 12.53 0.71 -5.14
CA ILE A 121 13.66 0.81 -6.07
C ILE A 121 13.50 1.99 -7.02
N GLU A 122 12.34 2.10 -7.63
CA GLU A 122 12.08 3.11 -8.63
C GLU A 122 12.06 4.50 -7.97
N TYR A 123 11.78 4.54 -6.68
CA TYR A 123 11.80 5.79 -5.99
C TYR A 123 13.24 6.20 -5.78
N VAL A 124 14.06 5.24 -5.36
CA VAL A 124 15.50 5.47 -5.10
C VAL A 124 16.17 5.98 -6.37
N LYS A 125 15.76 5.40 -7.50
CA LYS A 125 16.26 5.76 -8.82
C LYS A 125 15.93 7.21 -9.19
N ALA A 126 14.87 7.76 -8.59
CA ALA A 126 14.48 9.13 -8.87
C ALA A 126 14.95 10.07 -7.77
N ASN A 127 15.27 9.49 -6.63
CA ASN A 127 15.67 10.27 -5.45
C ASN A 127 17.18 10.54 -5.43
N LEU A 128 17.97 9.54 -5.76
CA LEU A 128 19.41 9.68 -5.74
C LEU A 128 19.95 10.24 -7.05
N PRO A 129 20.82 11.25 -6.97
CA PRO A 129 21.41 11.85 -8.15
C PRO A 129 22.46 10.93 -8.78
N GLN A 130 22.74 11.17 -10.03
CA GLN A 130 23.68 10.36 -10.75
C GLN A 130 25.05 11.02 -10.78
N LYS A 131 25.87 10.62 -9.85
CA LYS A 131 27.25 11.04 -9.75
C LYS A 131 28.04 9.88 -9.20
N GLY A 132 29.25 9.73 -9.66
CA GLY A 132 30.02 8.55 -9.34
C GLY A 132 29.69 7.49 -10.36
N ASP A 133 29.04 6.44 -9.94
CA ASP A 133 28.54 5.43 -10.85
C ASP A 133 27.15 5.03 -10.42
N GLY A 134 26.25 5.01 -11.38
CA GLY A 134 24.89 4.68 -11.10
C GLY A 134 24.20 5.77 -10.33
N TYR A 135 24.00 5.52 -9.08
CA TYR A 135 23.35 6.44 -8.19
C TYR A 135 24.29 6.75 -7.06
N ASP A 136 24.30 7.99 -6.67
CA ASP A 136 25.22 8.46 -5.66
C ASP A 136 24.66 8.31 -4.27
N TYR A 137 25.06 7.27 -3.57
CA TYR A 137 24.54 7.08 -2.23
C TYR A 137 25.26 7.99 -1.25
N ALA A 138 26.19 8.77 -1.76
CA ALA A 138 26.85 9.76 -0.97
C ALA A 138 25.90 10.91 -0.71
N ALA A 139 24.82 11.01 -1.53
CA ALA A 139 23.76 11.98 -1.29
C ALA A 139 23.04 11.61 0.00
N TRP A 140 23.00 10.33 0.26
CA TRP A 140 22.36 9.79 1.43
C TRP A 140 23.22 9.98 2.68
N VAL A 141 24.47 9.54 2.60
CA VAL A 141 25.34 9.58 3.78
C VAL A 141 25.96 10.97 4.02
N LYS A 142 26.42 11.63 2.99
CA LYS A 142 27.08 12.90 3.17
C LYS A 142 26.34 14.08 2.64
N THR A 143 25.21 13.85 1.98
CA THR A 143 24.38 14.89 1.34
C THR A 143 25.21 15.76 0.37
N ASN A 144 26.15 15.13 -0.34
CA ASN A 144 27.01 15.84 -1.27
C ASN A 144 27.31 15.00 -2.51
N GLY A 1 -12.59 2.22 -9.92
CA GLY A 1 -13.30 1.82 -11.13
C GLY A 1 -14.63 2.49 -11.12
N SER A 2 -15.52 2.10 -12.06
CA SER A 2 -16.85 2.70 -12.20
C SER A 2 -16.74 4.14 -12.70
N SER A 3 -16.51 5.07 -11.82
CA SER A 3 -16.36 6.43 -12.19
C SER A 3 -14.90 6.67 -12.61
N SER A 4 -14.71 7.70 -13.39
CA SER A 4 -13.42 8.08 -13.85
C SER A 4 -12.77 8.93 -12.77
N GLY A 5 -11.46 9.05 -12.81
CA GLY A 5 -10.76 9.79 -11.80
C GLY A 5 -9.69 8.94 -11.19
N VAL A 6 -9.80 7.65 -11.41
CA VAL A 6 -8.82 6.72 -10.91
C VAL A 6 -7.80 6.55 -11.99
N THR A 7 -6.60 6.37 -11.61
CA THR A 7 -5.54 6.25 -12.53
C THR A 7 -4.99 4.79 -12.53
N ALA A 8 -4.12 4.52 -13.48
CA ALA A 8 -3.55 3.19 -13.68
C ALA A 8 -2.70 2.78 -12.50
N GLU A 9 -1.99 3.76 -11.97
CA GLU A 9 -1.16 3.60 -10.79
C GLU A 9 -1.98 3.01 -9.66
N GLN A 10 -3.16 3.61 -9.38
CA GLN A 10 -3.97 3.12 -8.28
C GLN A 10 -4.46 1.78 -8.57
N MET A 11 -4.84 1.56 -9.83
CA MET A 11 -5.33 0.26 -10.25
C MET A 11 -4.27 -0.84 -9.99
N GLN A 12 -3.01 -0.43 -9.81
CA GLN A 12 -1.97 -1.35 -9.44
C GLN A 12 -1.78 -1.38 -7.90
N GLU A 13 -1.87 -0.20 -7.24
CA GLU A 13 -1.61 -0.11 -5.79
C GLU A 13 -2.72 -0.83 -5.04
N PHE A 14 -3.89 -0.32 -5.29
CA PHE A 14 -5.11 -0.65 -4.63
C PHE A 14 -5.50 -2.09 -4.89
N LYS A 15 -5.12 -2.57 -6.06
CA LYS A 15 -5.30 -3.94 -6.44
C LYS A 15 -4.53 -4.84 -5.49
N GLN A 16 -3.31 -4.45 -5.15
CA GLN A 16 -2.49 -5.25 -4.25
C GLN A 16 -2.98 -5.11 -2.81
N SER A 17 -3.42 -3.91 -2.47
CA SER A 17 -3.93 -3.61 -1.15
C SER A 17 -5.13 -4.50 -0.79
N PHE A 18 -6.08 -4.67 -1.73
CA PHE A 18 -7.17 -5.58 -1.41
C PHE A 18 -6.73 -7.01 -1.52
N ASP A 19 -5.98 -7.32 -2.58
CA ASP A 19 -5.54 -8.68 -2.96
C ASP A 19 -4.92 -9.42 -1.80
N ALA A 20 -4.09 -8.72 -1.06
CA ALA A 20 -3.42 -9.27 0.09
C ALA A 20 -4.43 -9.80 1.12
N PHE A 21 -5.48 -9.05 1.34
CA PHE A 21 -6.46 -9.37 2.35
C PHE A 21 -7.78 -9.94 1.77
N ASP A 22 -7.79 -10.21 0.49
CA ASP A 22 -8.99 -10.68 -0.22
C ASP A 22 -8.76 -12.03 -0.82
N GLY A 23 -9.73 -12.90 -0.68
CA GLY A 23 -9.58 -14.24 -1.15
C GLY A 23 -10.30 -14.51 -2.45
N ASN A 24 -10.86 -13.50 -3.06
CA ASN A 24 -11.60 -13.72 -4.29
C ASN A 24 -10.91 -13.04 -5.52
N HIS A 25 -10.09 -12.01 -5.26
CA HIS A 25 -9.19 -11.37 -6.25
C HIS A 25 -9.90 -10.83 -7.56
N ASP A 26 -11.23 -10.65 -7.52
CA ASP A 26 -11.99 -10.19 -8.74
C ASP A 26 -11.82 -8.68 -8.94
N GLY A 27 -11.37 -8.03 -7.90
CA GLY A 27 -11.21 -6.62 -7.92
C GLY A 27 -12.13 -5.89 -6.98
N ILE A 28 -12.92 -6.62 -6.22
CA ILE A 28 -13.68 -6.00 -5.15
C ILE A 28 -13.25 -6.68 -3.85
N LEU A 29 -13.72 -6.16 -2.74
CA LEU A 29 -13.42 -6.76 -1.46
C LEU A 29 -14.72 -6.91 -0.64
N ASP A 30 -14.87 -8.00 0.10
CA ASP A 30 -16.02 -8.20 1.01
C ASP A 30 -15.85 -7.35 2.28
N LYS A 31 -16.96 -7.10 2.98
CA LYS A 31 -17.00 -6.29 4.17
C LYS A 31 -16.19 -6.93 5.32
N LEU A 32 -16.31 -8.23 5.47
CA LEU A 32 -15.67 -8.93 6.57
C LEU A 32 -14.20 -9.13 6.30
N GLU A 33 -13.88 -9.38 5.05
CA GLU A 33 -12.48 -9.46 4.65
C GLU A 33 -11.84 -8.07 4.82
N PHE A 34 -12.57 -7.03 4.40
CA PHE A 34 -12.09 -5.65 4.46
C PHE A 34 -11.85 -5.21 5.90
N ARG A 35 -12.61 -5.80 6.84
CA ARG A 35 -12.35 -5.57 8.26
C ARG A 35 -10.90 -6.01 8.58
N SER A 36 -10.50 -7.15 8.03
CA SER A 36 -9.19 -7.70 8.28
C SER A 36 -8.14 -6.86 7.55
N CYS A 37 -8.51 -6.41 6.36
CA CYS A 37 -7.69 -5.55 5.54
C CYS A 37 -7.33 -4.29 6.29
N LEU A 38 -8.34 -3.56 6.74
CA LEU A 38 -8.13 -2.31 7.43
C LEU A 38 -7.42 -2.47 8.76
N SER A 39 -7.50 -3.64 9.35
CA SER A 39 -6.75 -3.89 10.54
C SER A 39 -5.26 -4.03 10.24
N SER A 40 -4.92 -5.00 9.42
CA SER A 40 -3.52 -5.31 9.19
C SER A 40 -2.84 -4.31 8.24
N MET A 41 -3.60 -3.43 7.60
CA MET A 41 -3.02 -2.42 6.73
C MET A 41 -2.74 -1.13 7.52
N GLY A 42 -3.08 -1.13 8.81
CA GLY A 42 -2.74 -0.01 9.67
C GLY A 42 -3.81 1.06 9.79
N LEU A 43 -5.07 0.64 9.83
CA LEU A 43 -6.15 1.59 10.04
C LEU A 43 -6.80 1.34 11.38
N ILE A 44 -7.47 0.24 11.47
CA ILE A 44 -8.20 -0.11 12.65
C ILE A 44 -7.48 -1.27 13.36
N ASP A 45 -6.88 -0.99 14.48
CA ASP A 45 -6.11 -2.03 15.15
C ASP A 45 -6.83 -2.51 16.40
N ILE A 46 -6.48 -3.69 16.86
CA ILE A 46 -7.15 -4.38 17.95
C ILE A 46 -6.69 -3.86 19.32
N ASP A 47 -6.19 -2.64 19.30
CA ASP A 47 -5.76 -1.91 20.50
C ASP A 47 -6.95 -1.79 21.43
N PHE A 48 -8.02 -1.25 20.88
CA PHE A 48 -9.27 -1.22 21.56
C PHE A 48 -9.99 -2.50 21.20
N THR A 49 -9.92 -3.46 22.08
CA THR A 49 -10.52 -4.73 21.86
C THR A 49 -11.91 -4.80 22.48
N GLY A 50 -12.89 -4.61 21.64
CA GLY A 50 -14.26 -4.66 22.03
C GLY A 50 -15.13 -4.60 20.82
N GLY A 51 -15.92 -3.57 20.73
CA GLY A 51 -16.79 -3.38 19.59
C GLY A 51 -16.33 -2.19 18.78
N GLU A 52 -15.12 -1.76 19.07
CA GLU A 52 -14.55 -0.56 18.52
C GLU A 52 -14.08 -0.74 17.07
N ASP A 53 -14.21 -1.94 16.54
CA ASP A 53 -13.83 -2.19 15.15
C ASP A 53 -14.93 -1.66 14.24
N ALA A 54 -16.12 -1.45 14.84
CA ALA A 54 -17.30 -0.87 14.15
C ALA A 54 -17.02 0.57 13.70
N GLN A 55 -15.89 1.12 14.15
CA GLN A 55 -15.43 2.40 13.68
C GLN A 55 -15.17 2.35 12.19
N TYR A 56 -14.88 1.14 11.66
CA TYR A 56 -14.73 1.03 10.23
C TYR A 56 -16.06 1.02 9.61
N ASP A 57 -17.05 0.44 10.30
CA ASP A 57 -18.40 0.39 9.77
C ASP A 57 -18.89 1.75 9.51
N ALA A 58 -18.55 2.68 10.39
CA ALA A 58 -18.86 4.09 10.15
C ALA A 58 -18.19 4.61 8.84
N ILE A 59 -16.96 4.16 8.58
CA ILE A 59 -16.19 4.53 7.38
C ILE A 59 -16.80 3.85 6.13
N TYR A 60 -16.86 2.52 6.19
CA TYR A 60 -17.43 1.66 5.16
C TYR A 60 -18.81 2.15 4.78
N ASN A 61 -19.57 2.46 5.80
CA ASN A 61 -20.95 3.05 5.64
C ASN A 61 -20.94 4.23 4.67
N ASN A 62 -19.92 5.06 4.79
CA ASN A 62 -19.77 6.24 3.95
C ASN A 62 -19.23 5.87 2.57
N VAL A 63 -18.42 4.81 2.50
CA VAL A 63 -17.89 4.37 1.20
C VAL A 63 -19.01 3.77 0.33
N THR A 64 -20.04 3.27 0.98
CA THR A 64 -21.17 2.72 0.32
C THR A 64 -22.25 3.76 0.05
N LYS A 65 -22.86 3.67 -1.10
CA LYS A 65 -23.94 4.56 -1.50
C LYS A 65 -25.25 3.80 -1.41
N GLY A 66 -25.15 2.59 -0.93
CA GLY A 66 -26.28 1.71 -0.84
C GLY A 66 -25.89 0.29 -1.16
N GLU A 67 -24.69 0.12 -1.70
CA GLU A 67 -24.19 -1.19 -2.03
C GLU A 67 -23.66 -1.88 -0.77
N ASN A 68 -23.23 -3.09 -0.93
CA ASN A 68 -22.67 -3.86 0.15
C ASN A 68 -21.32 -4.35 -0.28
N GLY A 69 -20.29 -3.92 0.41
CA GLY A 69 -18.99 -4.35 0.07
C GLY A 69 -18.26 -3.22 -0.54
N VAL A 70 -17.03 -3.42 -0.79
CA VAL A 70 -16.27 -2.41 -1.43
C VAL A 70 -15.92 -2.88 -2.80
N SER A 71 -16.69 -2.41 -3.71
CA SER A 71 -16.57 -2.79 -5.06
C SER A 71 -15.71 -1.78 -5.83
N PHE A 72 -15.63 -1.95 -7.14
CA PHE A 72 -14.79 -1.13 -8.02
C PHE A 72 -15.04 0.37 -7.81
N ASP A 73 -16.27 0.70 -7.52
CA ASP A 73 -16.66 2.07 -7.22
C ASP A 73 -16.31 2.40 -5.77
N ASN A 74 -17.04 1.74 -4.87
CA ASN A 74 -16.98 1.94 -3.40
C ASN A 74 -15.58 1.96 -2.83
N TYR A 75 -14.80 0.97 -3.21
CA TYR A 75 -13.47 0.79 -2.66
C TYR A 75 -12.61 1.98 -3.01
N VAL A 76 -12.60 2.32 -4.27
CA VAL A 76 -11.76 3.38 -4.76
C VAL A 76 -12.24 4.73 -4.24
N GLN A 77 -13.56 4.85 -4.06
CA GLN A 77 -14.17 6.04 -3.49
C GLN A 77 -13.67 6.20 -2.04
N TYR A 78 -13.26 5.09 -1.43
CA TYR A 78 -12.71 5.13 -0.12
C TYR A 78 -11.21 5.44 -0.18
N MET A 79 -10.51 4.72 -1.02
CA MET A 79 -9.06 4.73 -1.01
C MET A 79 -8.38 5.83 -1.83
N LYS A 80 -8.96 6.27 -2.94
CA LYS A 80 -8.26 7.25 -3.79
C LYS A 80 -8.03 8.53 -3.03
N GLU A 81 -9.09 9.08 -2.49
CA GLU A 81 -9.05 10.27 -1.64
C GLU A 81 -8.08 10.10 -0.45
N LYS A 82 -7.86 8.86 -0.03
CA LYS A 82 -6.91 8.57 1.05
C LYS A 82 -5.47 8.54 0.51
N ASN A 83 -5.32 8.23 -0.76
CA ASN A 83 -4.01 8.24 -1.43
C ASN A 83 -3.63 9.66 -1.82
N ASP A 84 -4.60 10.42 -2.37
CA ASP A 84 -4.38 11.85 -2.79
C ASP A 84 -4.01 12.70 -1.57
N GLU A 85 -4.43 12.22 -0.42
CA GLU A 85 -4.18 12.84 0.87
C GLU A 85 -2.70 12.80 1.25
N ASN A 86 -2.06 11.68 0.99
CA ASN A 86 -0.75 11.42 1.52
C ASN A 86 0.35 11.68 0.49
N PRO A 87 1.55 12.11 0.94
CA PRO A 87 2.68 12.39 0.04
C PRO A 87 3.14 11.16 -0.76
N SER A 88 3.68 11.43 -1.90
CA SER A 88 4.18 10.46 -2.83
C SER A 88 5.57 9.87 -2.37
N PRO A 89 6.16 8.87 -3.13
CA PRO A 89 7.46 8.20 -2.81
C PRO A 89 8.72 9.09 -2.65
N GLU A 90 8.58 10.39 -2.40
CA GLU A 90 9.74 11.26 -2.13
C GLU A 90 10.50 10.72 -0.93
N GLN A 91 9.70 10.23 0.03
CA GLN A 91 10.17 9.59 1.27
C GLN A 91 11.17 8.48 0.98
N LEU A 92 11.03 7.82 -0.19
CA LEU A 92 11.88 6.71 -0.58
C LEU A 92 13.33 7.18 -0.64
N ASN A 93 13.53 8.40 -1.10
CA ASN A 93 14.86 8.97 -1.21
C ASN A 93 15.40 9.31 0.17
N GLU A 94 14.49 9.64 1.07
CA GLU A 94 14.85 10.09 2.38
C GLU A 94 15.27 8.92 3.25
N ILE A 95 14.44 7.88 3.29
CA ILE A 95 14.75 6.69 4.07
C ILE A 95 16.05 6.03 3.54
N PHE A 96 16.24 6.07 2.23
CA PHE A 96 17.49 5.56 1.61
C PHE A 96 18.69 6.34 2.07
N SER A 97 18.49 7.62 2.42
CA SER A 97 19.60 8.44 2.87
C SER A 97 19.94 8.10 4.33
N THR A 98 19.03 7.39 4.99
CA THR A 98 19.23 6.99 6.35
C THR A 98 19.91 5.61 6.41
N ILE A 99 19.41 4.67 5.62
CA ILE A 99 19.93 3.30 5.66
C ILE A 99 21.08 3.00 4.71
N ALA A 100 21.00 3.49 3.51
CA ALA A 100 22.02 3.20 2.50
C ALA A 100 23.18 4.16 2.63
N ALA A 101 23.14 4.86 3.73
CA ALA A 101 24.04 5.87 4.14
C ALA A 101 25.49 5.36 4.21
N GLY A 102 26.26 5.71 3.20
CA GLY A 102 27.66 5.39 3.19
C GLY A 102 27.97 4.05 2.55
N LYS A 103 26.95 3.41 2.02
CA LYS A 103 27.14 2.13 1.38
C LYS A 103 27.12 2.29 -0.12
N ASP A 104 27.46 1.24 -0.79
CA ASP A 104 27.41 1.18 -2.25
C ASP A 104 26.03 0.74 -2.70
N SER A 105 25.48 -0.21 -1.99
CA SER A 105 24.23 -0.79 -2.34
C SER A 105 23.34 -0.89 -1.10
N ILE A 106 22.16 -1.44 -1.27
CA ILE A 106 21.21 -1.57 -0.20
C ILE A 106 20.50 -2.96 -0.23
N THR A 107 20.82 -3.81 0.74
CA THR A 107 20.24 -5.14 0.86
C THR A 107 18.74 -5.14 1.22
N GLU A 108 18.06 -6.26 0.94
CA GLU A 108 16.66 -6.47 1.30
C GLU A 108 16.46 -6.21 2.78
N THR A 109 17.29 -6.87 3.56
CA THR A 109 17.26 -6.77 4.97
C THR A 109 17.53 -5.32 5.43
N ASP A 110 18.10 -4.52 4.58
CA ASP A 110 18.26 -3.14 4.89
C ASP A 110 16.94 -2.39 4.58
N MET A 111 16.34 -2.75 3.45
CA MET A 111 15.10 -2.13 2.92
C MET A 111 13.84 -2.49 3.70
N GLN A 112 13.39 -3.76 3.60
CA GLN A 112 12.11 -4.19 4.20
C GLN A 112 12.09 -3.91 5.69
N LYS A 113 13.26 -4.09 6.29
CA LYS A 113 13.52 -3.76 7.70
C LYS A 113 13.00 -2.36 8.07
N ALA A 114 13.18 -1.40 7.18
CA ALA A 114 12.87 0.02 7.43
C ALA A 114 11.35 0.31 7.38
N GLY A 115 10.54 -0.72 7.55
CA GLY A 115 9.10 -0.55 7.53
C GLY A 115 8.57 -0.25 6.14
N MET A 116 9.24 -0.79 5.15
CA MET A 116 8.85 -0.56 3.78
C MET A 116 7.82 -1.58 3.35
N SER A 117 6.86 -1.16 2.55
CA SER A 117 5.82 -2.06 2.12
C SER A 117 6.23 -2.73 0.78
N ALA A 118 5.73 -3.95 0.58
CA ALA A 118 6.14 -4.85 -0.51
C ALA A 118 6.04 -4.21 -1.89
N GLU A 119 4.97 -3.46 -2.10
CA GLU A 119 4.70 -2.72 -3.35
C GLU A 119 5.93 -1.92 -3.79
N GLN A 120 6.61 -1.33 -2.82
CA GLN A 120 7.75 -0.53 -3.12
C GLN A 120 9.01 -1.37 -3.12
N ILE A 121 9.09 -2.31 -2.18
CA ILE A 121 10.27 -3.16 -2.02
C ILE A 121 10.59 -3.90 -3.31
N GLU A 122 9.57 -4.50 -3.92
CA GLU A 122 9.76 -5.24 -5.15
C GLU A 122 10.12 -4.31 -6.29
N TYR A 123 9.74 -3.04 -6.17
CA TYR A 123 10.02 -2.08 -7.22
C TYR A 123 11.51 -1.78 -7.20
N VAL A 124 12.01 -1.55 -6.00
CA VAL A 124 13.41 -1.29 -5.79
C VAL A 124 14.24 -2.47 -6.30
N LYS A 125 13.83 -3.66 -5.93
CA LYS A 125 14.53 -4.89 -6.35
C LYS A 125 14.30 -5.20 -7.84
N ALA A 126 13.40 -4.48 -8.47
CA ALA A 126 13.12 -4.70 -9.87
C ALA A 126 13.97 -3.76 -10.72
N ASN A 127 14.31 -2.60 -10.18
CA ASN A 127 15.18 -1.65 -10.91
C ASN A 127 16.66 -1.82 -10.51
N LEU A 128 16.90 -2.12 -9.26
CA LEU A 128 18.27 -2.23 -8.75
C LEU A 128 18.80 -3.65 -8.92
N PRO A 129 19.98 -3.78 -9.55
CA PRO A 129 20.58 -5.06 -9.79
C PRO A 129 21.30 -5.60 -8.55
N GLN A 130 21.37 -6.91 -8.46
CA GLN A 130 21.98 -7.56 -7.31
C GLN A 130 23.52 -7.55 -7.41
N LYS A 131 24.11 -6.54 -6.78
CA LYS A 131 25.56 -6.32 -6.65
C LYS A 131 25.83 -5.66 -5.31
N GLY A 132 27.10 -5.71 -4.88
CA GLY A 132 27.52 -5.07 -3.62
C GLY A 132 26.70 -5.50 -2.44
N ASP A 133 26.26 -4.55 -1.64
CA ASP A 133 25.31 -4.81 -0.54
C ASP A 133 23.93 -5.09 -1.11
N GLY A 134 23.78 -6.22 -1.74
CA GLY A 134 22.51 -6.68 -2.24
C GLY A 134 22.01 -5.98 -3.50
N TYR A 135 21.58 -4.75 -3.37
CA TYR A 135 20.92 -4.03 -4.45
C TYR A 135 21.59 -2.70 -4.73
N ASP A 136 22.23 -2.60 -5.88
CA ASP A 136 23.02 -1.42 -6.29
C ASP A 136 22.20 -0.14 -6.47
N TYR A 137 22.22 0.72 -5.45
CA TYR A 137 21.43 1.92 -5.52
C TYR A 137 22.09 2.97 -6.38
N ALA A 138 23.30 2.69 -6.83
CA ALA A 138 23.95 3.60 -7.71
C ALA A 138 23.32 3.46 -9.09
N ALA A 139 22.73 2.26 -9.36
CA ALA A 139 22.02 2.06 -10.61
C ALA A 139 20.77 2.91 -10.57
N TRP A 140 20.21 2.99 -9.40
CA TRP A 140 19.04 3.79 -9.10
C TRP A 140 19.35 5.28 -9.28
N VAL A 141 20.49 5.71 -8.76
CA VAL A 141 20.95 7.09 -8.91
C VAL A 141 21.26 7.37 -10.39
N LYS A 142 21.59 6.34 -11.12
CA LYS A 142 21.85 6.51 -12.50
C LYS A 142 20.56 6.54 -13.32
N THR A 143 19.65 5.63 -13.09
CA THR A 143 18.41 5.55 -13.84
C THR A 143 17.27 4.92 -13.01
N ASN A 144 16.11 5.51 -13.11
CA ASN A 144 14.89 5.05 -12.52
C ASN A 144 13.86 5.66 -13.39
N GLY A 1 -9.67 -6.84 -20.46
CA GLY A 1 -8.66 -5.86 -20.84
C GLY A 1 -8.73 -4.68 -19.94
N SER A 2 -7.68 -3.91 -19.87
CA SER A 2 -7.65 -2.76 -19.06
C SER A 2 -8.41 -1.60 -19.71
N SER A 3 -8.95 -0.76 -18.88
CA SER A 3 -9.71 0.37 -19.33
C SER A 3 -9.36 1.56 -18.45
N SER A 4 -9.99 2.70 -18.70
CA SER A 4 -9.74 3.88 -17.92
C SER A 4 -10.04 3.64 -16.42
N GLY A 5 -9.02 3.80 -15.61
CA GLY A 5 -9.17 3.67 -14.19
C GLY A 5 -9.09 2.22 -13.71
N VAL A 6 -10.09 1.46 -14.05
CA VAL A 6 -10.20 0.07 -13.61
C VAL A 6 -9.98 -0.83 -14.81
N THR A 7 -9.72 -2.08 -14.56
CA THR A 7 -9.56 -3.03 -15.60
C THR A 7 -10.79 -4.02 -15.56
N ALA A 8 -11.15 -4.56 -16.72
CA ALA A 8 -12.33 -5.44 -16.85
C ALA A 8 -12.17 -6.69 -15.99
N GLU A 9 -10.94 -7.10 -15.82
CA GLU A 9 -10.59 -8.24 -14.99
C GLU A 9 -11.02 -7.97 -13.55
N GLN A 10 -10.77 -6.74 -13.08
CA GLN A 10 -11.10 -6.39 -11.72
C GLN A 10 -12.55 -6.37 -11.58
N MET A 11 -13.21 -5.86 -12.61
CA MET A 11 -14.67 -5.84 -12.64
C MET A 11 -15.27 -7.25 -12.43
N GLN A 12 -14.46 -8.28 -12.65
CA GLN A 12 -14.84 -9.63 -12.35
C GLN A 12 -14.37 -10.06 -10.95
N GLU A 13 -13.12 -9.71 -10.57
CA GLU A 13 -12.53 -10.22 -9.32
C GLU A 13 -13.20 -9.54 -8.14
N PHE A 14 -13.14 -8.25 -8.21
CA PHE A 14 -13.58 -7.33 -7.22
C PHE A 14 -15.06 -7.44 -7.07
N LYS A 15 -15.69 -7.79 -8.15
CA LYS A 15 -17.09 -8.01 -8.15
C LYS A 15 -17.42 -9.20 -7.30
N GLN A 16 -16.66 -10.29 -7.43
CA GLN A 16 -16.95 -11.49 -6.66
C GLN A 16 -16.76 -11.18 -5.20
N SER A 17 -15.76 -10.35 -4.95
CA SER A 17 -15.45 -9.92 -3.61
C SER A 17 -16.63 -9.16 -2.94
N PHE A 18 -17.22 -8.17 -3.63
CA PHE A 18 -18.32 -7.44 -3.00
C PHE A 18 -19.64 -8.21 -3.09
N ASP A 19 -19.88 -8.85 -4.22
CA ASP A 19 -21.10 -9.64 -4.52
C ASP A 19 -21.33 -10.73 -3.51
N ALA A 20 -20.23 -11.38 -3.10
CA ALA A 20 -20.30 -12.46 -2.13
C ALA A 20 -20.95 -12.03 -0.82
N PHE A 21 -20.77 -10.78 -0.47
CA PHE A 21 -21.29 -10.24 0.77
C PHE A 21 -22.57 -9.43 0.59
N ASP A 22 -22.53 -8.43 -0.31
CA ASP A 22 -23.63 -7.48 -0.45
C ASP A 22 -24.87 -8.15 -0.98
N GLY A 23 -25.99 -7.77 -0.41
CA GLY A 23 -27.24 -8.39 -0.72
C GLY A 23 -27.87 -7.93 -2.03
N ASN A 24 -27.56 -6.73 -2.49
CA ASN A 24 -28.21 -6.26 -3.72
C ASN A 24 -27.16 -5.96 -4.79
N HIS A 25 -25.91 -5.72 -4.32
CA HIS A 25 -24.69 -5.56 -5.15
C HIS A 25 -24.85 -4.83 -6.51
N ASP A 26 -25.32 -3.59 -6.45
CA ASP A 26 -25.55 -2.70 -7.64
C ASP A 26 -24.22 -2.16 -8.19
N GLY A 27 -23.18 -2.92 -8.02
CA GLY A 27 -21.86 -2.44 -8.37
C GLY A 27 -21.31 -1.65 -7.21
N ILE A 28 -21.94 -1.84 -6.07
CA ILE A 28 -21.58 -1.15 -4.87
C ILE A 28 -21.74 -2.11 -3.70
N LEU A 29 -21.15 -1.77 -2.59
CA LEU A 29 -21.31 -2.49 -1.37
C LEU A 29 -21.61 -1.43 -0.29
N ASP A 30 -22.63 -1.65 0.50
CA ASP A 30 -22.98 -0.67 1.57
C ASP A 30 -22.02 -0.74 2.78
N LYS A 31 -21.92 0.37 3.52
CA LYS A 31 -21.04 0.52 4.67
C LYS A 31 -21.36 -0.49 5.76
N LEU A 32 -22.64 -0.75 5.99
CA LEU A 32 -23.06 -1.63 7.06
C LEU A 32 -22.66 -3.06 6.78
N GLU A 33 -22.72 -3.45 5.53
CA GLU A 33 -22.29 -4.78 5.16
C GLU A 33 -20.78 -4.83 5.02
N PHE A 34 -20.17 -3.80 4.43
CA PHE A 34 -18.71 -3.79 4.25
C PHE A 34 -17.99 -3.83 5.62
N ARG A 35 -18.72 -3.37 6.64
CA ARG A 35 -18.33 -3.47 8.04
C ARG A 35 -18.12 -4.95 8.44
N SER A 36 -19.00 -5.79 7.96
CA SER A 36 -18.98 -7.21 8.22
C SER A 36 -18.00 -7.90 7.24
N CYS A 37 -17.90 -7.34 6.05
CA CYS A 37 -17.01 -7.85 5.02
C CYS A 37 -15.54 -7.85 5.47
N LEU A 38 -15.05 -6.69 5.91
CA LEU A 38 -13.62 -6.56 6.25
C LEU A 38 -13.23 -7.32 7.52
N SER A 39 -14.20 -7.61 8.33
CA SER A 39 -13.98 -8.37 9.51
C SER A 39 -13.95 -9.87 9.17
N SER A 40 -14.95 -10.32 8.42
CA SER A 40 -15.05 -11.73 8.01
C SER A 40 -13.95 -12.08 6.97
N MET A 41 -13.39 -11.05 6.34
CA MET A 41 -12.30 -11.22 5.38
C MET A 41 -10.98 -11.47 6.11
N GLY A 42 -10.97 -11.15 7.40
CA GLY A 42 -9.78 -11.36 8.18
C GLY A 42 -8.89 -10.16 8.23
N LEU A 43 -9.44 -8.98 7.95
CA LEU A 43 -8.64 -7.77 8.04
C LEU A 43 -8.73 -7.19 9.40
N ILE A 44 -9.92 -6.92 9.78
CA ILE A 44 -10.14 -6.27 11.02
C ILE A 44 -10.81 -7.22 12.01
N ASP A 45 -10.07 -7.63 13.01
CA ASP A 45 -10.58 -8.59 13.98
C ASP A 45 -11.14 -7.86 15.19
N ILE A 46 -12.05 -8.50 15.88
CA ILE A 46 -12.81 -7.89 16.96
C ILE A 46 -12.05 -8.08 18.28
N ASP A 47 -10.73 -7.95 18.21
CA ASP A 47 -9.86 -8.10 19.39
C ASP A 47 -10.20 -7.05 20.44
N PHE A 48 -9.91 -5.81 20.13
CA PHE A 48 -10.30 -4.73 21.00
C PHE A 48 -11.72 -4.35 20.67
N THR A 49 -12.66 -4.83 21.45
CA THR A 49 -14.02 -4.47 21.24
C THR A 49 -14.22 -3.03 21.73
N GLY A 50 -14.90 -2.25 20.93
CA GLY A 50 -15.03 -0.84 21.17
C GLY A 50 -14.01 -0.12 20.30
N GLY A 51 -13.09 -0.90 19.78
CA GLY A 51 -12.05 -0.41 18.92
C GLY A 51 -12.24 -0.89 17.51
N GLU A 52 -13.06 -1.89 17.36
CA GLU A 52 -13.29 -2.52 16.08
C GLU A 52 -14.05 -1.56 15.18
N ASP A 53 -14.82 -0.70 15.82
CA ASP A 53 -15.55 0.34 15.14
C ASP A 53 -14.59 1.29 14.43
N ALA A 54 -13.77 1.94 15.23
CA ALA A 54 -12.85 2.93 14.73
C ALA A 54 -11.77 2.33 13.82
N GLN A 55 -11.40 1.07 14.04
CA GLN A 55 -10.38 0.46 13.18
C GLN A 55 -10.91 0.35 11.75
N TYR A 56 -12.22 0.14 11.63
CA TYR A 56 -12.84 0.11 10.33
C TYR A 56 -13.00 1.50 9.86
N ASP A 57 -13.65 2.30 10.67
CA ASP A 57 -14.05 3.62 10.25
C ASP A 57 -12.92 4.56 9.90
N ALA A 58 -11.73 4.32 10.43
CA ALA A 58 -10.55 5.05 10.00
C ALA A 58 -10.17 4.63 8.56
N ILE A 59 -10.33 3.35 8.29
CA ILE A 59 -10.07 2.79 6.97
C ILE A 59 -11.17 3.23 5.99
N TYR A 60 -12.40 3.23 6.48
CA TYR A 60 -13.54 3.66 5.69
C TYR A 60 -13.39 5.10 5.35
N ASN A 61 -13.04 5.86 6.35
CA ASN A 61 -12.72 7.31 6.17
C ASN A 61 -11.68 7.49 5.03
N ASN A 62 -10.78 6.53 4.88
CA ASN A 62 -9.77 6.56 3.81
C ASN A 62 -10.39 6.23 2.45
N VAL A 63 -11.19 5.17 2.39
CA VAL A 63 -11.85 4.77 1.12
C VAL A 63 -12.89 5.77 0.63
N THR A 64 -13.76 6.20 1.49
CA THR A 64 -14.82 7.05 1.05
C THR A 64 -14.49 8.53 1.11
N LYS A 65 -14.66 9.19 -0.02
CA LYS A 65 -14.44 10.64 -0.16
C LYS A 65 -15.69 11.43 0.32
N GLY A 66 -16.38 10.89 1.30
CA GLY A 66 -17.60 11.51 1.80
C GLY A 66 -18.84 10.90 1.18
N GLU A 67 -18.75 9.65 0.83
CA GLU A 67 -19.85 8.94 0.20
C GLU A 67 -20.19 7.76 1.11
N ASN A 68 -21.41 7.26 1.07
CA ASN A 68 -21.79 6.15 1.93
C ASN A 68 -21.72 4.85 1.17
N GLY A 69 -20.71 4.07 1.46
CA GLY A 69 -20.62 2.81 0.88
C GLY A 69 -19.50 2.76 -0.07
N VAL A 70 -19.08 1.61 -0.36
CA VAL A 70 -18.01 1.44 -1.24
C VAL A 70 -18.56 1.07 -2.59
N SER A 71 -18.63 2.04 -3.41
CA SER A 71 -19.19 1.90 -4.68
C SER A 71 -18.10 1.58 -5.69
N PHE A 72 -18.47 1.49 -6.97
CA PHE A 72 -17.52 1.23 -8.06
C PHE A 72 -16.34 2.21 -8.05
N ASP A 73 -16.59 3.41 -7.53
CA ASP A 73 -15.55 4.40 -7.37
C ASP A 73 -14.74 4.10 -6.09
N ASN A 74 -15.39 4.28 -4.95
CA ASN A 74 -14.76 4.13 -3.61
C ASN A 74 -14.05 2.79 -3.43
N TYR A 75 -14.75 1.70 -3.74
CA TYR A 75 -14.25 0.37 -3.50
C TYR A 75 -13.00 0.15 -4.33
N VAL A 76 -13.13 0.32 -5.64
CA VAL A 76 -12.04 0.06 -6.54
C VAL A 76 -10.85 0.91 -6.24
N GLN A 77 -11.07 2.19 -6.04
CA GLN A 77 -9.99 3.10 -5.70
C GLN A 77 -9.30 2.70 -4.40
N TYR A 78 -10.03 2.05 -3.48
CA TYR A 78 -9.44 1.59 -2.25
C TYR A 78 -8.56 0.40 -2.57
N MET A 79 -9.10 -0.48 -3.36
CA MET A 79 -8.48 -1.74 -3.69
C MET A 79 -7.22 -1.54 -4.56
N LYS A 80 -7.34 -0.76 -5.61
CA LYS A 80 -6.25 -0.55 -6.54
C LYS A 80 -5.08 0.17 -5.88
N GLU A 81 -5.37 1.14 -5.04
CA GLU A 81 -4.32 1.84 -4.32
C GLU A 81 -3.81 1.04 -3.12
N LYS A 82 -4.61 0.10 -2.63
CA LYS A 82 -4.16 -0.82 -1.60
C LYS A 82 -3.54 -2.07 -2.17
N ASN A 83 -3.55 -2.18 -3.47
CA ASN A 83 -2.87 -3.28 -4.16
C ASN A 83 -1.35 -3.02 -4.22
N ASP A 84 -0.95 -1.82 -3.81
CA ASP A 84 0.47 -1.34 -3.86
C ASP A 84 1.36 -1.97 -2.75
N GLU A 85 0.82 -2.98 -2.06
CA GLU A 85 1.51 -3.74 -0.96
C GLU A 85 2.69 -4.59 -1.51
N ASN A 86 3.07 -4.36 -2.75
CA ASN A 86 4.09 -5.13 -3.45
C ASN A 86 5.50 -4.87 -2.89
N PRO A 87 6.46 -5.81 -3.13
CA PRO A 87 7.87 -5.66 -2.70
C PRO A 87 8.49 -4.33 -3.13
N SER A 88 9.48 -3.94 -2.38
CA SER A 88 10.16 -2.71 -2.55
C SER A 88 11.46 -2.96 -3.36
N PRO A 89 12.32 -1.93 -3.64
CA PRO A 89 13.61 -2.10 -4.34
C PRO A 89 14.64 -2.99 -3.60
N GLU A 90 14.20 -4.11 -2.99
CA GLU A 90 15.02 -5.08 -2.20
C GLU A 90 16.39 -5.39 -2.82
N GLN A 91 16.45 -5.41 -4.15
CA GLN A 91 17.69 -5.67 -4.90
C GLN A 91 18.83 -4.71 -4.49
N LEU A 92 18.44 -3.52 -4.02
CA LEU A 92 19.37 -2.47 -3.66
C LEU A 92 20.29 -2.92 -2.55
N ASN A 93 19.81 -3.85 -1.72
CA ASN A 93 20.53 -4.31 -0.56
C ASN A 93 21.80 -5.05 -0.96
N GLU A 94 21.78 -5.68 -2.14
CA GLU A 94 22.92 -6.46 -2.63
C GLU A 94 24.11 -5.54 -2.86
N ILE A 95 23.96 -4.57 -3.75
CA ILE A 95 25.05 -3.68 -4.08
C ILE A 95 25.41 -2.80 -2.86
N PHE A 96 24.41 -2.53 -2.01
CA PHE A 96 24.65 -1.75 -0.78
C PHE A 96 25.58 -2.48 0.17
N SER A 97 25.66 -3.80 0.04
CA SER A 97 26.54 -4.60 0.85
C SER A 97 28.01 -4.33 0.44
N THR A 98 28.21 -3.91 -0.80
CA THR A 98 29.53 -3.60 -1.29
C THR A 98 29.84 -2.10 -1.05
N ILE A 99 28.83 -1.28 -1.20
CA ILE A 99 28.94 0.16 -1.07
C ILE A 99 29.04 0.62 0.40
N ALA A 100 28.05 0.26 1.19
CA ALA A 100 27.98 0.68 2.58
C ALA A 100 28.57 -0.41 3.44
N ALA A 101 29.54 -1.05 2.85
CA ALA A 101 30.26 -2.16 3.41
C ALA A 101 30.82 -1.88 4.79
N GLY A 102 30.04 -2.24 5.80
CA GLY A 102 30.44 -2.07 7.17
C GLY A 102 30.20 -0.67 7.71
N LYS A 103 29.83 0.25 6.85
CA LYS A 103 29.66 1.63 7.24
C LYS A 103 28.20 2.02 7.16
N ASP A 104 27.76 2.86 8.07
CA ASP A 104 26.34 3.28 8.12
C ASP A 104 26.06 4.32 7.05
N SER A 105 27.10 4.86 6.53
CA SER A 105 27.06 5.95 5.62
C SER A 105 26.97 5.50 4.17
N ILE A 106 26.15 6.21 3.43
CA ILE A 106 25.95 5.98 2.02
C ILE A 106 25.38 7.25 1.39
N THR A 107 26.17 7.91 0.61
CA THR A 107 25.76 9.13 -0.02
C THR A 107 25.41 8.87 -1.49
N GLU A 108 25.00 9.93 -2.21
CA GLU A 108 24.72 9.79 -3.61
C GLU A 108 25.97 9.33 -4.32
N THR A 109 27.11 9.80 -3.88
CA THR A 109 28.31 9.44 -4.55
C THR A 109 28.69 7.98 -4.27
N ASP A 110 28.13 7.42 -3.20
CA ASP A 110 28.31 6.00 -2.88
C ASP A 110 27.51 5.19 -3.87
N MET A 111 26.28 5.63 -4.09
CA MET A 111 25.37 4.90 -4.98
C MET A 111 25.54 5.23 -6.46
N GLN A 112 25.32 6.48 -6.79
CA GLN A 112 25.20 7.00 -8.15
C GLN A 112 26.46 6.82 -8.97
N LYS A 113 27.59 6.88 -8.34
CA LYS A 113 28.81 6.83 -9.11
C LYS A 113 29.28 5.38 -9.25
N ALA A 114 28.64 4.47 -8.52
CA ALA A 114 28.99 3.04 -8.53
C ALA A 114 28.48 2.34 -9.80
N GLY A 115 28.09 3.15 -10.79
CA GLY A 115 27.50 2.66 -12.02
C GLY A 115 26.22 1.86 -11.78
N MET A 116 25.55 2.18 -10.69
CA MET A 116 24.37 1.46 -10.29
C MET A 116 23.14 2.14 -10.91
N SER A 117 22.06 1.40 -11.00
CA SER A 117 20.82 1.86 -11.61
C SER A 117 20.28 3.15 -10.95
N ALA A 118 20.51 4.29 -11.64
CA ALA A 118 20.10 5.64 -11.21
C ALA A 118 18.63 5.70 -10.83
N GLU A 119 17.83 4.92 -11.53
CA GLU A 119 16.39 4.79 -11.30
C GLU A 119 16.09 4.47 -9.82
N GLN A 120 16.90 3.58 -9.24
CA GLN A 120 16.70 3.17 -7.88
C GLN A 120 17.24 4.27 -6.97
N ILE A 121 18.43 4.74 -7.32
CA ILE A 121 19.19 5.73 -6.53
C ILE A 121 18.40 6.99 -6.25
N GLU A 122 17.70 7.48 -7.25
CA GLU A 122 16.93 8.71 -7.12
C GLU A 122 15.77 8.49 -6.13
N TYR A 123 15.30 7.25 -6.05
CA TYR A 123 14.27 6.90 -5.10
C TYR A 123 14.88 6.80 -3.71
N VAL A 124 16.04 6.15 -3.65
CA VAL A 124 16.77 5.94 -2.39
C VAL A 124 17.02 7.28 -1.69
N LYS A 125 17.42 8.28 -2.47
CA LYS A 125 17.69 9.61 -1.94
C LYS A 125 16.43 10.29 -1.37
N ALA A 126 15.27 9.86 -1.80
CA ALA A 126 14.03 10.45 -1.34
C ALA A 126 13.38 9.59 -0.26
N ASN A 127 13.75 8.33 -0.21
CA ASN A 127 13.14 7.39 0.72
C ASN A 127 13.97 7.21 1.99
N LEU A 128 15.27 7.12 1.84
CA LEU A 128 16.12 6.89 3.00
C LEU A 128 16.48 8.22 3.66
N PRO A 129 16.36 8.30 4.99
CA PRO A 129 16.65 9.53 5.71
C PRO A 129 18.15 9.71 5.89
N GLN A 130 18.54 10.86 6.40
CA GLN A 130 19.93 11.15 6.62
C GLN A 130 20.24 11.06 8.09
N LYS A 131 21.37 10.48 8.41
CA LYS A 131 21.81 10.28 9.77
C LYS A 131 23.29 9.98 9.72
N GLY A 132 24.05 10.50 10.67
CA GLY A 132 25.49 10.31 10.64
C GLY A 132 26.06 10.96 9.41
N ASP A 133 26.39 10.16 8.45
CA ASP A 133 26.80 10.64 7.15
C ASP A 133 25.97 9.95 6.09
N GLY A 134 25.57 10.72 5.11
CA GLY A 134 24.78 10.21 4.03
C GLY A 134 23.39 9.73 4.45
N TYR A 135 22.93 8.72 3.77
CA TYR A 135 21.62 8.17 3.97
C TYR A 135 21.69 6.96 4.90
N ASP A 136 20.55 6.54 5.36
CA ASP A 136 20.46 5.40 6.25
C ASP A 136 19.92 4.18 5.54
N TYR A 137 20.82 3.27 5.17
CA TYR A 137 20.39 2.04 4.51
C TYR A 137 19.64 1.14 5.48
N ALA A 138 19.79 1.43 6.76
CA ALA A 138 19.14 0.67 7.79
C ALA A 138 17.68 1.08 7.91
N ALA A 139 17.26 2.08 7.12
CA ALA A 139 15.86 2.49 7.07
C ALA A 139 15.03 1.36 6.52
N TRP A 140 15.62 0.63 5.61
CA TRP A 140 15.00 -0.51 4.98
C TRP A 140 14.82 -1.64 6.01
N VAL A 141 15.70 -1.65 7.00
CA VAL A 141 15.70 -2.68 8.03
C VAL A 141 14.78 -2.27 9.19
N LYS A 142 14.80 -1.00 9.55
CA LYS A 142 14.03 -0.49 10.67
C LYS A 142 12.62 -0.06 10.26
N THR A 143 12.32 -0.15 8.96
CA THR A 143 11.05 0.31 8.34
C THR A 143 10.85 1.85 8.44
N ASN A 144 11.92 2.51 8.82
CA ASN A 144 12.09 3.93 8.97
C ASN A 144 13.49 4.05 9.45
N GLY A 1 -23.62 3.38 -4.08
CA GLY A 1 -24.56 4.03 -4.98
C GLY A 1 -24.35 3.57 -6.41
N SER A 2 -23.35 4.12 -7.06
CA SER A 2 -23.01 3.83 -8.45
C SER A 2 -21.56 4.26 -8.67
N SER A 3 -20.76 3.39 -9.27
CA SER A 3 -19.37 3.68 -9.49
C SER A 3 -19.17 4.68 -10.65
N SER A 4 -19.17 5.94 -10.33
CA SER A 4 -18.96 6.96 -11.29
C SER A 4 -17.47 7.30 -11.42
N GLY A 5 -16.92 7.11 -12.61
CA GLY A 5 -15.55 7.51 -12.85
C GLY A 5 -14.55 6.43 -12.60
N VAL A 6 -14.95 5.22 -12.80
CA VAL A 6 -14.04 4.10 -12.63
C VAL A 6 -13.78 3.53 -14.01
N THR A 7 -12.67 2.87 -14.17
CA THR A 7 -12.29 2.38 -15.45
C THR A 7 -12.57 0.86 -15.51
N ALA A 8 -12.58 0.31 -16.72
CA ALA A 8 -12.88 -1.09 -16.90
C ALA A 8 -11.68 -1.91 -16.48
N GLU A 9 -10.52 -1.34 -16.71
CA GLU A 9 -9.26 -1.92 -16.33
C GLU A 9 -9.19 -1.96 -14.82
N GLN A 10 -9.68 -0.89 -14.17
CA GLN A 10 -9.67 -0.84 -12.73
C GLN A 10 -10.50 -1.92 -12.21
N MET A 11 -11.66 -2.08 -12.80
CA MET A 11 -12.59 -3.13 -12.43
C MET A 11 -11.94 -4.52 -12.49
N GLN A 12 -10.84 -4.63 -13.22
CA GLN A 12 -10.10 -5.87 -13.26
C GLN A 12 -8.98 -5.87 -12.19
N GLU A 13 -8.29 -4.72 -12.00
CA GLU A 13 -7.12 -4.68 -11.13
C GLU A 13 -7.55 -4.58 -9.67
N PHE A 14 -8.43 -3.66 -9.43
CA PHE A 14 -8.90 -3.36 -8.11
C PHE A 14 -9.68 -4.57 -7.59
N LYS A 15 -10.20 -5.33 -8.52
CA LYS A 15 -10.90 -6.52 -8.24
C LYS A 15 -9.98 -7.54 -7.60
N GLN A 16 -8.75 -7.66 -8.09
CA GLN A 16 -7.82 -8.60 -7.50
C GLN A 16 -7.19 -8.01 -6.25
N SER A 17 -7.16 -6.68 -6.19
CA SER A 17 -6.67 -5.97 -5.03
C SER A 17 -7.54 -6.27 -3.79
N PHE A 18 -8.89 -6.24 -3.95
CA PHE A 18 -9.75 -6.59 -2.82
C PHE A 18 -9.72 -8.08 -2.59
N ASP A 19 -9.67 -8.80 -3.70
CA ASP A 19 -9.82 -10.26 -3.79
C ASP A 19 -8.81 -10.97 -2.93
N ALA A 20 -7.58 -10.49 -3.00
CA ALA A 20 -6.48 -11.02 -2.20
C ALA A 20 -6.84 -11.04 -0.72
N PHE A 21 -7.54 -10.03 -0.28
CA PHE A 21 -7.95 -9.88 1.10
C PHE A 21 -9.42 -10.24 1.34
N ASP A 22 -10.10 -10.82 0.37
CA ASP A 22 -11.55 -11.03 0.53
C ASP A 22 -11.94 -12.50 0.49
N GLY A 23 -13.11 -12.80 1.05
CA GLY A 23 -13.58 -14.14 1.10
C GLY A 23 -14.81 -14.41 0.21
N ASN A 24 -15.36 -13.40 -0.46
CA ASN A 24 -16.59 -13.64 -1.24
C ASN A 24 -16.40 -13.33 -2.75
N HIS A 25 -15.40 -12.48 -3.07
CA HIS A 25 -14.89 -12.28 -4.47
C HIS A 25 -15.98 -11.80 -5.52
N ASP A 26 -17.09 -11.27 -5.06
CA ASP A 26 -18.24 -10.91 -5.95
C ASP A 26 -18.14 -9.47 -6.46
N GLY A 27 -17.09 -8.79 -6.10
CA GLY A 27 -16.96 -7.40 -6.48
C GLY A 27 -17.06 -6.50 -5.29
N ILE A 28 -17.18 -7.09 -4.13
CA ILE A 28 -17.13 -6.33 -2.91
C ILE A 28 -16.08 -6.97 -2.00
N LEU A 29 -15.77 -6.29 -0.93
CA LEU A 29 -14.93 -6.79 0.12
C LEU A 29 -15.70 -6.51 1.40
N ASP A 30 -15.76 -7.47 2.29
CA ASP A 30 -16.47 -7.27 3.55
C ASP A 30 -15.71 -6.33 4.50
N LYS A 31 -16.42 -5.75 5.47
CA LYS A 31 -15.87 -4.83 6.45
C LYS A 31 -14.74 -5.52 7.21
N LEU A 32 -15.04 -6.72 7.70
CA LEU A 32 -14.14 -7.46 8.53
C LEU A 32 -12.83 -7.70 7.85
N GLU A 33 -12.84 -8.13 6.64
CA GLU A 33 -11.58 -8.40 6.02
C GLU A 33 -10.92 -7.18 5.36
N PHE A 34 -11.70 -6.15 5.05
CA PHE A 34 -11.11 -4.91 4.52
C PHE A 34 -10.28 -4.28 5.62
N ARG A 35 -10.67 -4.56 6.84
CA ARG A 35 -9.92 -4.22 8.03
C ARG A 35 -8.49 -4.79 7.91
N SER A 36 -8.39 -6.05 7.49
CA SER A 36 -7.10 -6.72 7.38
C SER A 36 -6.31 -6.12 6.22
N CYS A 37 -7.05 -5.81 5.15
CA CYS A 37 -6.50 -5.19 3.97
C CYS A 37 -5.83 -3.86 4.33
N LEU A 38 -6.53 -3.04 5.11
CA LEU A 38 -6.03 -1.74 5.50
C LEU A 38 -4.86 -1.84 6.48
N SER A 39 -4.72 -2.95 7.14
CA SER A 39 -3.59 -3.16 7.99
C SER A 39 -2.36 -3.50 7.14
N SER A 40 -2.50 -4.45 6.23
CA SER A 40 -1.41 -4.86 5.38
C SER A 40 -1.03 -3.78 4.35
N MET A 41 -1.97 -2.86 4.09
CA MET A 41 -1.73 -1.77 3.16
C MET A 41 -0.96 -0.63 3.85
N GLY A 42 -0.96 -0.63 5.18
CA GLY A 42 -0.23 0.38 5.91
C GLY A 42 -1.09 1.53 6.39
N LEU A 43 -2.38 1.30 6.52
CA LEU A 43 -3.28 2.34 7.02
C LEU A 43 -3.49 2.21 8.50
N ILE A 44 -3.94 1.05 8.92
CA ILE A 44 -4.34 0.87 10.29
C ILE A 44 -3.55 -0.28 10.92
N ASP A 45 -3.06 -0.08 12.13
CA ASP A 45 -2.30 -1.11 12.80
C ASP A 45 -2.63 -1.07 14.30
N ILE A 46 -2.04 -1.91 15.10
CA ILE A 46 -2.38 -2.04 16.51
C ILE A 46 -1.60 -1.08 17.38
N ASP A 47 -1.46 0.13 16.89
CA ASP A 47 -0.74 1.21 17.59
C ASP A 47 -1.32 1.40 18.98
N PHE A 48 -2.53 1.84 19.04
CA PHE A 48 -3.23 1.90 20.27
C PHE A 48 -4.22 0.76 20.32
N THR A 49 -3.89 -0.22 21.14
CA THR A 49 -4.71 -1.39 21.34
C THR A 49 -6.10 -0.96 21.85
N GLY A 50 -7.11 -1.46 21.20
CA GLY A 50 -8.46 -1.05 21.49
C GLY A 50 -9.00 -0.23 20.33
N GLY A 51 -8.16 -0.03 19.33
CA GLY A 51 -8.54 0.72 18.17
C GLY A 51 -8.77 -0.19 17.00
N GLU A 52 -8.69 -1.48 17.26
CA GLU A 52 -8.91 -2.52 16.30
C GLU A 52 -10.28 -2.38 15.67
N ASP A 53 -10.29 -2.25 14.34
CA ASP A 53 -11.51 -2.03 13.50
C ASP A 53 -12.08 -0.62 13.66
N ALA A 54 -12.04 -0.07 14.86
CA ALA A 54 -12.53 1.31 15.14
C ALA A 54 -11.77 2.36 14.31
N GLN A 55 -10.43 2.19 14.22
CA GLN A 55 -9.56 3.07 13.40
C GLN A 55 -10.06 3.07 11.96
N TYR A 56 -10.48 1.91 11.54
CA TYR A 56 -11.03 1.71 10.24
C TYR A 56 -12.41 2.28 10.19
N ASP A 57 -13.21 2.00 11.18
CA ASP A 57 -14.62 2.38 11.19
C ASP A 57 -14.79 3.87 10.93
N ALA A 58 -13.91 4.67 11.50
CA ALA A 58 -13.90 6.13 11.24
C ALA A 58 -13.65 6.44 9.74
N ILE A 59 -12.92 5.56 9.07
CA ILE A 59 -12.60 5.68 7.65
C ILE A 59 -13.70 5.00 6.81
N TYR A 60 -14.28 3.94 7.39
CA TYR A 60 -15.38 3.16 6.81
C TYR A 60 -16.52 4.08 6.64
N ASN A 61 -16.62 4.95 7.58
CA ASN A 61 -17.65 6.01 7.62
C ASN A 61 -17.56 6.92 6.37
N ASN A 62 -16.35 7.11 5.86
CA ASN A 62 -16.13 7.92 4.66
C ASN A 62 -16.38 7.09 3.39
N VAL A 63 -15.95 5.84 3.42
CA VAL A 63 -16.16 4.96 2.28
C VAL A 63 -17.65 4.50 2.09
N THR A 64 -18.24 3.93 3.10
CA THR A 64 -19.62 3.51 3.06
C THR A 64 -20.56 4.59 3.55
N LYS A 65 -21.54 4.93 2.76
CA LYS A 65 -22.50 5.97 3.12
C LYS A 65 -23.89 5.40 3.27
N GLY A 66 -24.23 4.43 2.45
CA GLY A 66 -25.51 3.78 2.55
C GLY A 66 -25.38 2.33 2.20
N GLU A 67 -24.16 1.88 2.14
CA GLU A 67 -23.85 0.54 1.76
C GLU A 67 -23.13 -0.13 2.90
N ASN A 68 -23.18 -1.44 2.94
CA ASN A 68 -22.46 -2.19 3.94
C ASN A 68 -21.39 -3.01 3.25
N GLY A 69 -20.18 -2.59 3.38
CA GLY A 69 -19.11 -3.30 2.76
C GLY A 69 -18.55 -2.49 1.65
N VAL A 70 -17.33 -2.71 1.33
CA VAL A 70 -16.70 -1.93 0.34
C VAL A 70 -16.86 -2.60 -1.03
N SER A 71 -17.80 -2.12 -1.75
CA SER A 71 -18.15 -2.68 -3.00
C SER A 71 -17.41 -1.99 -4.13
N PHE A 72 -17.74 -2.33 -5.36
CA PHE A 72 -17.17 -1.67 -6.54
C PHE A 72 -17.45 -0.16 -6.54
N ASP A 73 -18.44 0.24 -5.78
CA ASP A 73 -18.73 1.66 -5.54
C ASP A 73 -17.79 2.18 -4.46
N ASN A 74 -17.99 1.64 -3.27
CA ASN A 74 -17.36 2.09 -2.05
C ASN A 74 -15.85 1.94 -2.05
N TYR A 75 -15.39 0.78 -2.42
CA TYR A 75 -13.96 0.47 -2.40
C TYR A 75 -13.25 1.39 -3.36
N VAL A 76 -13.78 1.53 -4.56
CA VAL A 76 -13.17 2.39 -5.56
C VAL A 76 -13.22 3.83 -5.13
N GLN A 77 -14.30 4.21 -4.43
CA GLN A 77 -14.39 5.55 -3.89
C GLN A 77 -13.21 5.80 -2.99
N TYR A 78 -12.78 4.77 -2.27
CA TYR A 78 -11.70 4.89 -1.34
C TYR A 78 -10.37 4.90 -2.09
N MET A 79 -10.19 3.93 -2.95
CA MET A 79 -8.93 3.76 -3.66
C MET A 79 -8.66 4.86 -4.62
N LYS A 80 -9.66 5.23 -5.39
CA LYS A 80 -9.45 6.22 -6.39
C LYS A 80 -9.51 7.63 -5.77
N GLU A 81 -9.91 7.70 -4.50
CA GLU A 81 -9.83 8.93 -3.73
C GLU A 81 -8.35 9.20 -3.50
N LYS A 82 -7.67 8.19 -2.96
CA LYS A 82 -6.27 8.32 -2.57
C LYS A 82 -5.38 8.31 -3.81
N ASN A 83 -5.88 7.70 -4.87
CA ASN A 83 -5.20 7.62 -6.17
C ASN A 83 -4.94 9.01 -6.74
N ASP A 84 -5.97 9.81 -6.77
CA ASP A 84 -5.91 11.15 -7.37
C ASP A 84 -5.32 12.15 -6.36
N GLU A 85 -5.11 11.67 -5.16
CA GLU A 85 -4.62 12.44 -4.04
C GLU A 85 -3.07 12.39 -3.94
N ASN A 86 -2.46 11.32 -4.44
CA ASN A 86 -1.03 11.11 -4.21
C ASN A 86 -0.19 11.54 -5.42
N PRO A 87 1.09 11.97 -5.16
CA PRO A 87 2.06 12.34 -6.22
C PRO A 87 2.39 11.23 -7.20
N SER A 88 3.22 11.59 -8.14
CA SER A 88 3.74 10.70 -9.08
C SER A 88 4.82 9.81 -8.38
N PRO A 89 5.12 8.62 -8.94
CA PRO A 89 6.00 7.63 -8.31
C PRO A 89 7.46 8.06 -8.06
N GLU A 90 7.86 9.27 -8.46
CA GLU A 90 9.27 9.72 -8.31
C GLU A 90 9.65 9.76 -6.84
N GLN A 91 8.64 9.93 -6.00
CA GLN A 91 8.80 10.03 -4.57
C GLN A 91 9.45 8.76 -3.97
N LEU A 92 9.40 7.63 -4.69
CA LEU A 92 10.00 6.39 -4.20
C LEU A 92 11.52 6.51 -4.08
N ASN A 93 12.10 7.48 -4.76
CA ASN A 93 13.53 7.73 -4.70
C ASN A 93 13.87 8.44 -3.39
N GLU A 94 12.93 9.26 -2.92
CA GLU A 94 13.19 10.14 -1.79
C GLU A 94 13.16 9.37 -0.48
N ILE A 95 12.32 8.35 -0.41
CA ILE A 95 12.14 7.56 0.80
C ILE A 95 13.49 6.94 1.25
N PHE A 96 14.36 6.62 0.29
CA PHE A 96 15.66 6.02 0.59
C PHE A 96 16.52 6.96 1.42
N SER A 97 16.32 8.24 1.23
CA SER A 97 17.08 9.24 1.95
C SER A 97 16.59 9.34 3.40
N THR A 98 15.39 8.84 3.64
CA THR A 98 14.82 8.80 4.97
C THR A 98 15.20 7.47 5.65
N ILE A 99 15.17 6.40 4.87
CA ILE A 99 15.45 5.05 5.35
C ILE A 99 16.92 4.87 5.67
N ALA A 100 17.76 4.99 4.65
CA ALA A 100 19.19 4.67 4.74
C ALA A 100 19.97 5.80 5.35
N ALA A 101 19.25 6.72 5.92
CA ALA A 101 19.79 7.89 6.55
C ALA A 101 20.67 7.52 7.74
N GLY A 102 21.98 7.62 7.54
CA GLY A 102 22.91 7.33 8.61
C GLY A 102 23.48 5.94 8.51
N LYS A 103 23.21 5.27 7.41
CA LYS A 103 23.71 3.93 7.17
C LYS A 103 24.81 3.98 6.12
N ASP A 104 25.49 2.89 5.94
CA ASP A 104 26.41 2.72 4.81
C ASP A 104 25.72 1.77 3.83
N SER A 105 25.03 0.81 4.39
CA SER A 105 24.33 -0.18 3.69
C SER A 105 22.90 -0.24 4.16
N ILE A 106 22.02 -0.47 3.25
CA ILE A 106 20.62 -0.60 3.55
C ILE A 106 20.24 -2.08 3.45
N THR A 107 19.81 -2.65 4.54
CA THR A 107 19.52 -4.08 4.61
C THR A 107 18.08 -4.37 4.19
N GLU A 108 17.75 -5.64 3.94
CA GLU A 108 16.37 -6.00 3.59
C GLU A 108 15.43 -5.55 4.66
N THR A 109 15.77 -5.80 5.90
CA THR A 109 14.92 -5.41 6.99
C THR A 109 14.80 -3.88 7.10
N ASP A 110 15.74 -3.17 6.51
CA ASP A 110 15.71 -1.71 6.52
C ASP A 110 14.77 -1.24 5.39
N MET A 111 14.78 -2.00 4.27
CA MET A 111 13.94 -1.70 3.09
C MET A 111 12.52 -2.22 3.25
N GLN A 112 12.42 -3.55 3.32
CA GLN A 112 11.16 -4.32 3.39
C GLN A 112 10.25 -3.75 4.45
N LYS A 113 10.81 -3.58 5.63
CA LYS A 113 10.03 -3.06 6.76
C LYS A 113 9.59 -1.60 6.58
N ALA A 114 10.26 -0.82 5.74
CA ALA A 114 9.95 0.61 5.55
C ALA A 114 8.69 0.83 4.69
N GLY A 115 7.88 -0.20 4.58
CA GLY A 115 6.66 -0.13 3.77
C GLY A 115 6.94 -0.08 2.28
N MET A 116 8.09 -0.58 1.89
CA MET A 116 8.49 -0.60 0.50
C MET A 116 8.01 -1.89 -0.13
N SER A 117 7.53 -1.82 -1.35
CA SER A 117 6.98 -2.99 -1.98
C SER A 117 8.03 -3.74 -2.81
N ALA A 118 7.75 -5.00 -3.13
CA ALA A 118 8.69 -5.90 -3.79
C ALA A 118 9.11 -5.39 -5.15
N GLU A 119 8.17 -4.75 -5.84
CA GLU A 119 8.40 -4.17 -7.17
C GLU A 119 9.53 -3.15 -7.09
N GLN A 120 9.64 -2.50 -5.96
CA GLN A 120 10.63 -1.49 -5.73
C GLN A 120 11.90 -2.16 -5.22
N ILE A 121 11.72 -3.02 -4.23
CA ILE A 121 12.81 -3.72 -3.57
C ILE A 121 13.65 -4.56 -4.54
N GLU A 122 13.02 -5.19 -5.52
CA GLU A 122 13.79 -5.95 -6.50
C GLU A 122 14.58 -5.04 -7.40
N TYR A 123 14.13 -3.81 -7.57
CA TYR A 123 14.89 -2.89 -8.37
C TYR A 123 16.12 -2.51 -7.57
N VAL A 124 15.90 -2.33 -6.28
CA VAL A 124 16.97 -2.03 -5.36
C VAL A 124 18.01 -3.16 -5.39
N LYS A 125 17.54 -4.41 -5.45
CA LYS A 125 18.44 -5.57 -5.53
C LYS A 125 19.12 -5.63 -6.90
N ALA A 126 18.52 -5.01 -7.88
CA ALA A 126 18.99 -5.09 -9.23
C ALA A 126 19.93 -3.92 -9.55
N ASN A 127 19.91 -2.91 -8.70
CA ASN A 127 20.78 -1.75 -8.86
C ASN A 127 21.86 -1.70 -7.77
N LEU A 128 21.49 -2.00 -6.55
CA LEU A 128 22.39 -1.91 -5.41
C LEU A 128 23.01 -3.27 -5.10
N PRO A 129 24.34 -3.36 -5.02
CA PRO A 129 25.03 -4.59 -4.70
C PRO A 129 24.92 -4.94 -3.20
N GLN A 130 24.64 -6.18 -2.90
CA GLN A 130 24.58 -6.63 -1.53
C GLN A 130 25.81 -7.47 -1.22
N LYS A 131 26.17 -7.52 0.02
CA LYS A 131 27.28 -8.31 0.48
C LYS A 131 26.77 -9.17 1.61
N GLY A 132 26.27 -10.32 1.24
CA GLY A 132 25.48 -11.12 2.14
C GLY A 132 24.06 -10.54 2.10
N ASP A 133 23.96 -9.35 2.62
CA ASP A 133 22.79 -8.48 2.59
C ASP A 133 23.42 -7.08 2.70
N GLY A 134 22.72 -6.08 3.16
CA GLY A 134 23.32 -4.77 3.29
C GLY A 134 23.69 -4.19 1.94
N TYR A 135 22.69 -3.74 1.25
CA TYR A 135 22.80 -3.19 -0.06
C TYR A 135 23.55 -1.88 0.00
N ASP A 136 24.56 -1.77 -0.83
CA ASP A 136 25.38 -0.56 -0.90
C ASP A 136 24.61 0.56 -1.57
N TYR A 137 23.92 1.38 -0.75
CA TYR A 137 23.13 2.46 -1.31
C TYR A 137 24.06 3.56 -1.74
N ALA A 138 25.29 3.44 -1.33
CA ALA A 138 26.29 4.35 -1.73
C ALA A 138 26.60 4.13 -3.22
N ALA A 139 26.18 2.99 -3.80
CA ALA A 139 26.34 2.73 -5.25
C ALA A 139 25.53 3.74 -6.02
N TRP A 140 24.42 4.12 -5.43
CA TRP A 140 23.51 5.10 -5.97
C TRP A 140 24.21 6.45 -6.08
N VAL A 141 24.99 6.80 -5.06
CA VAL A 141 25.71 8.08 -5.08
C VAL A 141 27.08 7.92 -5.80
N LYS A 142 27.48 6.67 -6.06
CA LYS A 142 28.68 6.39 -6.87
C LYS A 142 28.35 6.57 -8.35
N THR A 143 27.08 6.70 -8.64
CA THR A 143 26.61 6.83 -9.99
C THR A 143 26.27 8.30 -10.28
N ASN A 144 27.07 8.91 -11.11
CA ASN A 144 26.89 10.28 -11.53
C ASN A 144 27.41 10.41 -12.93
N GLY A 1 -0.64 -2.22 -14.45
CA GLY A 1 -1.84 -3.09 -14.43
C GLY A 1 -3.01 -2.28 -14.87
N SER A 2 -4.22 -2.73 -14.60
CA SER A 2 -5.40 -1.93 -14.90
C SER A 2 -5.42 -0.80 -13.88
N SER A 3 -5.66 -1.14 -12.64
CA SER A 3 -5.51 -0.21 -11.57
C SER A 3 -4.10 -0.42 -11.06
N SER A 4 -3.21 0.46 -11.46
CA SER A 4 -1.83 0.31 -11.08
C SER A 4 -1.60 0.78 -9.66
N GLY A 5 -1.15 -0.15 -8.86
CA GLY A 5 -0.92 0.06 -7.46
C GLY A 5 -1.23 -1.22 -6.78
N VAL A 6 -2.21 -1.91 -7.34
CA VAL A 6 -2.60 -3.19 -6.88
C VAL A 6 -2.22 -4.21 -7.92
N THR A 7 -1.85 -5.35 -7.45
CA THR A 7 -1.36 -6.39 -8.25
C THR A 7 -2.37 -7.57 -8.32
N ALA A 8 -2.07 -8.54 -9.17
CA ALA A 8 -2.93 -9.67 -9.42
C ALA A 8 -3.06 -10.55 -8.20
N GLU A 9 -1.96 -10.69 -7.49
CA GLU A 9 -1.91 -11.44 -6.24
C GLU A 9 -2.94 -10.87 -5.27
N GLN A 10 -2.99 -9.53 -5.14
CA GLN A 10 -3.91 -8.94 -4.21
C GLN A 10 -5.29 -9.16 -4.68
N MET A 11 -5.49 -9.10 -5.97
CA MET A 11 -6.80 -9.35 -6.53
C MET A 11 -7.33 -10.77 -6.18
N GLN A 12 -6.42 -11.65 -5.78
CA GLN A 12 -6.80 -12.96 -5.29
C GLN A 12 -6.96 -12.89 -3.75
N GLU A 13 -6.08 -12.12 -3.11
CA GLU A 13 -5.97 -12.00 -1.65
C GLU A 13 -7.17 -11.23 -1.06
N PHE A 14 -7.35 -10.04 -1.55
CA PHE A 14 -8.29 -9.09 -1.03
C PHE A 14 -9.67 -9.53 -1.40
N LYS A 15 -9.73 -10.21 -2.50
CA LYS A 15 -10.94 -10.70 -3.01
C LYS A 15 -11.39 -11.86 -2.17
N GLN A 16 -10.47 -12.50 -1.44
CA GLN A 16 -10.80 -13.62 -0.59
C GLN A 16 -11.15 -13.11 0.80
N SER A 17 -10.42 -12.09 1.26
CA SER A 17 -10.70 -11.51 2.55
C SER A 17 -12.09 -10.92 2.61
N PHE A 18 -12.54 -10.27 1.52
CA PHE A 18 -13.90 -9.79 1.54
C PHE A 18 -14.87 -10.93 1.20
N ASP A 19 -14.36 -11.91 0.41
CA ASP A 19 -15.12 -13.11 -0.10
C ASP A 19 -15.82 -13.79 1.02
N ALA A 20 -15.05 -14.06 2.07
CA ALA A 20 -15.53 -14.74 3.25
C ALA A 20 -16.76 -14.03 3.87
N PHE A 21 -16.79 -12.71 3.75
CA PHE A 21 -17.85 -11.92 4.33
C PHE A 21 -18.89 -11.44 3.30
N ASP A 22 -18.81 -11.90 2.07
CA ASP A 22 -19.71 -11.39 1.02
C ASP A 22 -20.49 -12.53 0.35
N GLY A 23 -21.57 -12.17 -0.32
CA GLY A 23 -22.43 -13.15 -0.93
C GLY A 23 -22.25 -13.33 -2.42
N ASN A 24 -21.56 -12.42 -3.11
CA ASN A 24 -21.43 -12.56 -4.57
C ASN A 24 -19.95 -12.67 -4.97
N HIS A 25 -19.07 -12.15 -4.10
CA HIS A 25 -17.59 -12.27 -4.13
C HIS A 25 -16.90 -12.21 -5.53
N ASP A 26 -17.47 -11.44 -6.43
CA ASP A 26 -16.99 -11.30 -7.83
C ASP A 26 -15.88 -10.28 -7.94
N GLY A 27 -15.51 -9.70 -6.84
CA GLY A 27 -14.50 -8.68 -6.84
C GLY A 27 -15.06 -7.33 -6.45
N ILE A 28 -16.35 -7.27 -6.22
CA ILE A 28 -16.96 -6.06 -5.68
C ILE A 28 -17.76 -6.45 -4.42
N LEU A 29 -17.86 -5.54 -3.47
CA LEU A 29 -18.62 -5.76 -2.26
C LEU A 29 -19.54 -4.54 -2.04
N ASP A 30 -20.70 -4.74 -1.46
CA ASP A 30 -21.59 -3.61 -1.14
C ASP A 30 -21.20 -2.99 0.22
N LYS A 31 -21.69 -1.80 0.49
CA LYS A 31 -21.45 -1.06 1.70
C LYS A 31 -21.91 -1.83 2.94
N LEU A 32 -23.11 -2.40 2.85
CA LEU A 32 -23.72 -3.09 3.96
C LEU A 32 -22.88 -4.25 4.43
N GLU A 33 -22.42 -5.06 3.53
CA GLU A 33 -21.67 -6.19 3.97
C GLU A 33 -20.17 -5.93 4.12
N PHE A 34 -19.66 -4.86 3.49
CA PHE A 34 -18.27 -4.49 3.74
C PHE A 34 -18.15 -4.07 5.18
N ARG A 35 -19.27 -3.54 5.71
CA ARG A 35 -19.41 -3.32 7.16
C ARG A 35 -19.09 -4.62 7.92
N SER A 36 -19.65 -5.73 7.48
CA SER A 36 -19.51 -6.99 8.19
C SER A 36 -18.07 -7.47 8.10
N CYS A 37 -17.46 -7.26 6.95
CA CYS A 37 -16.06 -7.58 6.74
C CYS A 37 -15.18 -6.75 7.70
N LEU A 38 -15.34 -5.42 7.64
CA LEU A 38 -14.55 -4.49 8.46
C LEU A 38 -14.77 -4.69 9.94
N SER A 39 -15.97 -5.02 10.32
CA SER A 39 -16.28 -5.16 11.71
C SER A 39 -15.72 -6.44 12.28
N SER A 40 -15.85 -7.54 11.54
CA SER A 40 -15.35 -8.82 11.98
C SER A 40 -13.82 -8.86 11.93
N MET A 41 -13.21 -8.04 11.07
CA MET A 41 -11.74 -7.96 11.03
C MET A 41 -11.20 -7.03 12.10
N GLY A 42 -12.09 -6.29 12.76
CA GLY A 42 -11.67 -5.34 13.77
C GLY A 42 -11.00 -4.13 13.13
N LEU A 43 -11.38 -3.86 11.90
CA LEU A 43 -10.82 -2.76 11.14
C LEU A 43 -11.87 -1.65 10.99
N ILE A 44 -13.05 -1.94 11.49
CA ILE A 44 -14.15 -1.00 11.50
C ILE A 44 -14.05 -0.07 12.75
N ASP A 45 -14.92 0.92 12.81
CA ASP A 45 -14.95 1.86 13.94
C ASP A 45 -16.09 1.41 14.89
N ILE A 46 -16.35 2.13 15.95
CA ILE A 46 -17.33 1.69 16.93
C ILE A 46 -18.80 1.90 16.52
N ASP A 47 -19.26 1.07 15.60
CA ASP A 47 -20.65 1.09 15.07
C ASP A 47 -21.65 0.49 16.04
N PHE A 48 -21.21 0.27 17.27
CA PHE A 48 -22.02 -0.30 18.34
C PHE A 48 -23.33 0.49 18.53
N THR A 49 -24.38 -0.25 18.90
CA THR A 49 -25.72 0.28 19.11
C THR A 49 -25.72 1.51 20.01
N GLY A 50 -26.22 2.58 19.48
CA GLY A 50 -26.22 3.85 20.12
C GLY A 50 -25.68 4.87 19.16
N GLY A 51 -24.72 4.44 18.38
CA GLY A 51 -24.16 5.28 17.34
C GLY A 51 -24.57 4.78 15.97
N GLU A 52 -24.93 3.49 15.94
CA GLU A 52 -25.38 2.76 14.74
C GLU A 52 -24.29 2.71 13.66
N ASP A 53 -24.67 2.30 12.46
CA ASP A 53 -23.78 2.09 11.26
C ASP A 53 -23.14 3.41 10.73
N ALA A 54 -23.04 4.44 11.54
CA ALA A 54 -22.55 5.74 11.08
C ALA A 54 -21.02 5.86 11.19
N GLN A 55 -20.44 5.04 12.04
CA GLN A 55 -19.03 5.14 12.31
C GLN A 55 -18.24 4.55 11.16
N TYR A 56 -18.68 3.41 10.66
CA TYR A 56 -18.06 2.85 9.51
C TYR A 56 -18.44 3.69 8.33
N ASP A 57 -19.65 4.29 8.40
CA ASP A 57 -20.21 5.11 7.34
C ASP A 57 -19.21 6.15 6.94
N ALA A 58 -18.72 6.89 7.93
CA ALA A 58 -17.70 7.92 7.68
C ALA A 58 -16.43 7.35 6.97
N ILE A 59 -16.07 6.11 7.29
CA ILE A 59 -14.91 5.44 6.69
C ILE A 59 -15.22 5.05 5.23
N TYR A 60 -16.33 4.35 5.06
CA TYR A 60 -16.73 3.84 3.77
C TYR A 60 -17.00 4.98 2.84
N ASN A 61 -17.70 5.94 3.36
CA ASN A 61 -18.01 7.20 2.63
C ASN A 61 -16.76 7.94 2.17
N ASN A 62 -15.64 7.64 2.80
CA ASN A 62 -14.36 8.19 2.39
C ASN A 62 -13.77 7.30 1.29
N VAL A 63 -13.99 5.98 1.40
CA VAL A 63 -13.47 5.04 0.38
C VAL A 63 -14.19 5.26 -0.99
N THR A 64 -15.50 5.42 -0.93
CA THR A 64 -16.28 5.64 -2.11
C THR A 64 -16.42 7.11 -2.43
N LYS A 65 -15.91 7.49 -3.59
CA LYS A 65 -15.93 8.88 -4.08
C LYS A 65 -17.38 9.38 -4.42
N GLY A 66 -18.25 9.42 -3.42
CA GLY A 66 -19.66 9.83 -3.61
C GLY A 66 -20.43 8.78 -4.39
N GLU A 67 -19.85 7.61 -4.40
CA GLU A 67 -20.30 6.49 -5.16
C GLU A 67 -20.56 5.37 -4.11
N ASN A 68 -20.97 4.18 -4.49
CA ASN A 68 -21.29 3.15 -3.48
C ASN A 68 -20.92 1.78 -3.96
N GLY A 69 -20.20 1.05 -3.14
CA GLY A 69 -19.81 -0.28 -3.51
C GLY A 69 -18.33 -0.36 -3.72
N VAL A 70 -17.71 -1.11 -2.86
CA VAL A 70 -16.29 -1.28 -2.91
C VAL A 70 -15.94 -2.29 -3.97
N SER A 71 -15.60 -1.77 -5.07
CA SER A 71 -15.31 -2.48 -6.22
C SER A 71 -13.80 -2.52 -6.45
N PHE A 72 -13.36 -2.99 -7.61
CA PHE A 72 -11.93 -3.04 -7.94
C PHE A 72 -11.26 -1.68 -7.73
N ASP A 73 -11.96 -0.61 -8.05
CA ASP A 73 -11.46 0.72 -7.79
C ASP A 73 -11.70 1.14 -6.33
N ASN A 74 -12.97 1.20 -5.88
CA ASN A 74 -13.32 1.71 -4.52
C ASN A 74 -12.71 0.90 -3.37
N TYR A 75 -12.71 -0.42 -3.49
CA TYR A 75 -12.23 -1.29 -2.41
C TYR A 75 -10.74 -1.13 -2.29
N VAL A 76 -10.09 -1.19 -3.41
CA VAL A 76 -8.65 -1.13 -3.45
C VAL A 76 -8.17 0.30 -3.18
N GLN A 77 -9.06 1.25 -3.35
CA GLN A 77 -8.77 2.62 -2.99
C GLN A 77 -8.79 2.77 -1.45
N TYR A 78 -9.40 1.80 -0.78
CA TYR A 78 -9.31 1.75 0.66
C TYR A 78 -8.08 0.91 1.07
N MET A 79 -7.95 -0.25 0.43
CA MET A 79 -6.97 -1.27 0.83
C MET A 79 -5.53 -0.97 0.40
N LYS A 80 -5.36 -0.46 -0.80
CA LYS A 80 -4.02 -0.23 -1.33
C LYS A 80 -3.37 0.97 -0.63
N GLU A 81 -4.19 1.88 -0.17
CA GLU A 81 -3.73 2.99 0.64
C GLU A 81 -3.37 2.46 2.04
N LYS A 82 -4.17 1.49 2.53
CA LYS A 82 -3.89 0.79 3.79
C LYS A 82 -2.55 0.07 3.74
N ASN A 83 -2.17 -0.36 2.55
CA ASN A 83 -0.84 -0.94 2.32
C ASN A 83 0.26 0.02 2.77
N ASP A 84 0.17 1.26 2.33
CA ASP A 84 1.19 2.27 2.60
C ASP A 84 0.99 2.96 3.95
N GLU A 85 0.01 2.48 4.71
CA GLU A 85 -0.22 2.96 6.08
C GLU A 85 0.63 2.14 7.06
N ASN A 86 1.41 1.23 6.51
CA ASN A 86 2.32 0.39 7.27
C ASN A 86 3.69 1.05 7.28
N PRO A 87 4.65 0.61 8.15
CA PRO A 87 6.01 1.15 8.16
C PRO A 87 6.64 1.19 6.76
N SER A 88 7.27 2.29 6.47
CA SER A 88 7.84 2.55 5.20
C SER A 88 9.32 2.03 5.12
N PRO A 89 10.04 2.21 3.96
CA PRO A 89 11.45 1.75 3.82
C PRO A 89 12.49 2.47 4.75
N GLU A 90 12.19 2.57 6.04
CA GLU A 90 13.14 3.14 7.04
C GLU A 90 14.47 2.40 7.02
N GLN A 91 14.41 1.10 6.73
CA GLN A 91 15.61 0.25 6.65
C GLN A 91 16.56 0.72 5.55
N LEU A 92 16.08 1.55 4.64
CA LEU A 92 16.91 2.13 3.58
C LEU A 92 18.15 2.79 4.24
N ASN A 93 17.92 3.37 5.43
CA ASN A 93 18.99 4.01 6.22
C ASN A 93 20.01 2.95 6.68
N GLU A 94 19.49 1.79 6.99
CA GLU A 94 20.25 0.65 7.46
C GLU A 94 21.13 0.13 6.32
N ILE A 95 20.48 -0.29 5.26
CA ILE A 95 21.15 -0.88 4.11
C ILE A 95 22.15 0.07 3.48
N PHE A 96 21.81 1.34 3.35
CA PHE A 96 22.77 2.30 2.80
C PHE A 96 23.96 2.51 3.73
N SER A 97 23.78 2.27 5.01
CA SER A 97 24.88 2.40 5.94
C SER A 97 25.73 1.12 5.89
N THR A 98 25.16 0.10 5.26
CA THR A 98 25.82 -1.15 5.10
C THR A 98 26.61 -1.15 3.77
N ILE A 99 25.92 -0.85 2.68
CA ILE A 99 26.54 -0.93 1.35
C ILE A 99 27.20 0.31 0.84
N ALA A 100 26.65 1.46 1.11
CA ALA A 100 27.16 2.69 0.52
C ALA A 100 28.32 3.24 1.34
N ALA A 101 28.77 2.40 2.23
CA ALA A 101 29.85 2.61 3.12
C ALA A 101 31.14 2.99 2.37
N GLY A 102 31.49 4.27 2.43
CA GLY A 102 32.72 4.75 1.83
C GLY A 102 32.55 5.09 0.36
N LYS A 103 31.33 5.08 -0.10
CA LYS A 103 31.03 5.35 -1.48
C LYS A 103 30.32 6.71 -1.59
N ASP A 104 29.99 7.07 -2.80
CA ASP A 104 29.11 8.22 -3.11
C ASP A 104 28.31 7.81 -4.28
N SER A 105 29.02 7.23 -5.21
CA SER A 105 28.45 6.73 -6.38
C SER A 105 28.02 5.30 -6.13
N ILE A 106 26.74 5.11 -5.98
CA ILE A 106 26.21 3.80 -5.80
C ILE A 106 25.45 3.41 -7.07
N THR A 107 25.74 2.27 -7.61
CA THR A 107 25.09 1.86 -8.82
C THR A 107 23.96 0.92 -8.48
N GLU A 108 22.98 0.78 -9.36
CA GLU A 108 21.91 -0.16 -9.11
C GLU A 108 22.44 -1.55 -9.00
N THR A 109 23.40 -1.84 -9.80
CA THR A 109 24.05 -3.09 -9.79
C THR A 109 24.63 -3.42 -8.39
N ASP A 110 24.95 -2.37 -7.61
CA ASP A 110 25.40 -2.48 -6.22
C ASP A 110 24.15 -2.66 -5.33
N MET A 111 23.21 -1.72 -5.50
CA MET A 111 21.88 -1.66 -4.78
C MET A 111 21.08 -2.96 -4.87
N GLN A 112 20.66 -3.31 -6.08
CA GLN A 112 19.78 -4.46 -6.38
C GLN A 112 20.47 -5.75 -5.91
N LYS A 113 21.78 -5.69 -5.90
CA LYS A 113 22.59 -6.84 -5.54
C LYS A 113 22.58 -7.07 -4.03
N ALA A 114 22.39 -6.01 -3.27
CA ALA A 114 22.44 -6.05 -1.80
C ALA A 114 21.17 -6.64 -1.17
N GLY A 115 20.46 -7.45 -1.93
CA GLY A 115 19.24 -8.06 -1.44
C GLY A 115 18.10 -7.07 -1.30
N MET A 116 18.17 -5.98 -2.04
CA MET A 116 17.13 -4.98 -2.00
C MET A 116 16.03 -5.38 -2.93
N SER A 117 14.82 -5.42 -2.43
CA SER A 117 13.70 -5.85 -3.21
C SER A 117 13.20 -4.71 -4.15
N ALA A 118 12.28 -5.05 -5.04
CA ALA A 118 11.80 -4.19 -6.11
C ALA A 118 11.31 -2.82 -5.63
N GLU A 119 10.53 -2.83 -4.55
CA GLU A 119 9.94 -1.59 -3.98
C GLU A 119 11.06 -0.66 -3.55
N GLN A 120 12.14 -1.26 -3.10
CA GLN A 120 13.24 -0.52 -2.55
C GLN A 120 14.01 0.09 -3.69
N ILE A 121 14.40 -0.79 -4.63
CA ILE A 121 15.19 -0.40 -5.81
C ILE A 121 14.48 0.72 -6.55
N GLU A 122 13.19 0.55 -6.78
CA GLU A 122 12.41 1.50 -7.53
C GLU A 122 12.31 2.84 -6.78
N TYR A 123 12.38 2.81 -5.46
CA TYR A 123 12.29 4.05 -4.72
C TYR A 123 13.60 4.80 -4.88
N VAL A 124 14.69 4.07 -4.65
CA VAL A 124 16.02 4.63 -4.75
C VAL A 124 16.27 5.17 -6.16
N LYS A 125 15.82 4.42 -7.13
CA LYS A 125 15.97 4.75 -8.53
C LYS A 125 15.13 5.98 -8.94
N ALA A 126 14.16 6.34 -8.11
CA ALA A 126 13.33 7.50 -8.40
C ALA A 126 13.78 8.72 -7.57
N ASN A 127 14.34 8.45 -6.40
CA ASN A 127 14.73 9.52 -5.47
C ASN A 127 16.17 9.95 -5.72
N LEU A 128 17.02 9.02 -6.08
CA LEU A 128 18.42 9.32 -6.27
C LEU A 128 18.72 9.60 -7.72
N PRO A 129 19.21 10.82 -8.03
CA PRO A 129 19.58 11.20 -9.38
C PRO A 129 20.73 10.35 -9.91
N GLN A 130 20.61 9.95 -11.13
CA GLN A 130 21.61 9.15 -11.78
C GLN A 130 22.68 10.07 -12.36
N LYS A 131 23.87 9.99 -11.83
CA LYS A 131 24.98 10.71 -12.40
C LYS A 131 25.66 9.71 -13.35
N GLY A 132 26.73 10.13 -14.00
CA GLY A 132 27.45 9.22 -14.87
C GLY A 132 28.15 8.13 -14.07
N ASP A 133 28.41 8.44 -12.82
CA ASP A 133 29.05 7.54 -11.86
C ASP A 133 28.01 6.73 -11.07
N GLY A 134 26.75 6.90 -11.41
CA GLY A 134 25.71 6.16 -10.73
C GLY A 134 24.84 7.04 -9.88
N TYR A 135 24.17 6.44 -8.93
CA TYR A 135 23.19 7.13 -8.11
C TYR A 135 23.84 7.99 -7.06
N ASP A 136 23.37 9.20 -6.99
CA ASP A 136 23.80 10.18 -6.01
C ASP A 136 23.10 9.88 -4.69
N TYR A 137 23.72 9.07 -3.81
CA TYR A 137 23.02 8.75 -2.56
C TYR A 137 23.10 9.90 -1.60
N ALA A 138 23.85 10.90 -2.00
CA ALA A 138 23.93 12.11 -1.28
C ALA A 138 22.56 12.80 -1.31
N ALA A 139 21.73 12.46 -2.33
CA ALA A 139 20.35 12.96 -2.46
C ALA A 139 19.55 12.56 -1.25
N TRP A 140 19.84 11.38 -0.77
CA TRP A 140 19.17 10.83 0.38
C TRP A 140 19.50 11.68 1.64
N VAL A 141 20.66 12.29 1.63
CA VAL A 141 21.12 13.11 2.73
C VAL A 141 20.68 14.58 2.52
N LYS A 142 20.82 15.07 1.30
CA LYS A 142 20.58 16.47 0.99
C LYS A 142 19.16 16.71 0.48
N THR A 143 18.31 15.69 0.61
CA THR A 143 16.89 15.72 0.20
C THR A 143 16.75 15.58 -1.35
N ASN A 144 17.48 16.38 -2.06
CA ASN A 144 17.50 16.35 -3.49
C ASN A 144 18.93 16.52 -4.00
N GLY A 1 -10.38 -2.52 -17.34
CA GLY A 1 -11.23 -3.48 -16.61
C GLY A 1 -12.54 -2.83 -16.35
N SER A 2 -13.34 -3.37 -15.46
CA SER A 2 -14.58 -2.73 -15.08
C SER A 2 -14.21 -1.44 -14.33
N SER A 3 -13.54 -1.60 -13.21
CA SER A 3 -13.06 -0.49 -12.48
C SER A 3 -11.69 -0.11 -13.03
N SER A 4 -11.67 0.75 -14.00
CA SER A 4 -10.42 1.15 -14.57
C SER A 4 -9.85 2.31 -13.78
N GLY A 5 -8.68 2.08 -13.23
CA GLY A 5 -8.05 3.03 -12.38
C GLY A 5 -7.35 2.29 -11.28
N VAL A 6 -7.79 1.06 -11.07
CA VAL A 6 -7.16 0.18 -10.13
C VAL A 6 -6.47 -0.93 -10.90
N THR A 7 -5.51 -1.51 -10.26
CA THR A 7 -4.75 -2.57 -10.81
C THR A 7 -5.51 -3.91 -10.73
N ALA A 8 -5.25 -4.76 -11.71
CA ALA A 8 -5.82 -6.09 -11.78
C ALA A 8 -5.33 -6.91 -10.59
N GLU A 9 -4.20 -6.49 -10.03
CA GLU A 9 -3.66 -7.12 -8.85
C GLU A 9 -4.59 -6.86 -7.67
N GLN A 10 -5.14 -5.64 -7.58
CA GLN A 10 -6.07 -5.36 -6.49
C GLN A 10 -7.28 -6.12 -6.71
N MET A 11 -7.63 -6.25 -7.97
CA MET A 11 -8.79 -7.01 -8.32
C MET A 11 -8.67 -8.47 -7.81
N GLN A 12 -7.44 -8.91 -7.50
CA GLN A 12 -7.20 -10.17 -6.85
C GLN A 12 -7.16 -9.95 -5.31
N GLU A 13 -6.49 -8.85 -4.86
CA GLU A 13 -6.36 -8.51 -3.42
C GLU A 13 -7.74 -8.38 -2.79
N PHE A 14 -8.43 -7.35 -3.24
CA PHE A 14 -9.68 -6.90 -2.69
C PHE A 14 -10.73 -7.96 -2.84
N LYS A 15 -10.63 -8.71 -3.91
CA LYS A 15 -11.51 -9.81 -4.19
C LYS A 15 -11.48 -10.82 -3.07
N GLN A 16 -10.32 -11.14 -2.56
CA GLN A 16 -10.29 -12.16 -1.56
C GLN A 16 -10.44 -11.54 -0.18
N SER A 17 -10.14 -10.26 -0.11
CA SER A 17 -10.27 -9.51 1.13
C SER A 17 -11.75 -9.36 1.51
N PHE A 18 -12.63 -9.13 0.53
CA PHE A 18 -14.04 -9.09 0.86
C PHE A 18 -14.52 -10.48 1.13
N ASP A 19 -14.04 -11.39 0.28
CA ASP A 19 -14.48 -12.79 0.19
C ASP A 19 -14.38 -13.50 1.50
N ALA A 20 -13.28 -13.29 2.19
CA ALA A 20 -13.06 -13.89 3.50
C ALA A 20 -14.19 -13.51 4.48
N PHE A 21 -14.62 -12.28 4.39
CA PHE A 21 -15.64 -11.74 5.28
C PHE A 21 -17.02 -11.64 4.59
N ASP A 22 -17.17 -12.23 3.42
CA ASP A 22 -18.40 -12.08 2.64
C ASP A 22 -18.99 -13.42 2.27
N GLY A 23 -20.29 -13.45 2.11
CA GLY A 23 -20.97 -14.67 1.79
C GLY A 23 -21.54 -14.70 0.39
N ASN A 24 -21.24 -13.72 -0.45
CA ASN A 24 -21.85 -13.71 -1.77
C ASN A 24 -20.79 -13.89 -2.87
N HIS A 25 -19.51 -13.52 -2.57
CA HIS A 25 -18.34 -13.76 -3.48
C HIS A 25 -18.60 -13.15 -4.91
N ASP A 26 -19.50 -12.17 -4.95
CA ASP A 26 -20.04 -11.57 -6.20
C ASP A 26 -19.05 -10.61 -6.86
N GLY A 27 -18.18 -10.05 -6.09
CA GLY A 27 -17.32 -9.00 -6.60
C GLY A 27 -17.66 -7.69 -5.94
N ILE A 28 -18.84 -7.64 -5.37
CA ILE A 28 -19.25 -6.51 -4.60
C ILE A 28 -19.51 -6.98 -3.16
N LEU A 29 -19.60 -6.06 -2.24
CA LEU A 29 -19.92 -6.39 -0.88
C LEU A 29 -21.06 -5.48 -0.38
N ASP A 30 -21.93 -6.06 0.41
CA ASP A 30 -23.05 -5.34 1.04
C ASP A 30 -22.53 -4.49 2.22
N LYS A 31 -23.35 -3.54 2.65
CA LYS A 31 -23.05 -2.62 3.75
C LYS A 31 -22.78 -3.41 5.03
N LEU A 32 -23.71 -4.30 5.36
CA LEU A 32 -23.66 -4.99 6.62
C LEU A 32 -22.47 -5.89 6.73
N GLU A 33 -22.13 -6.58 5.70
CA GLU A 33 -21.03 -7.46 5.84
C GLU A 33 -19.67 -6.83 5.56
N PHE A 34 -19.64 -5.74 4.78
CA PHE A 34 -18.37 -4.99 4.60
C PHE A 34 -18.02 -4.39 5.94
N ARG A 35 -19.05 -4.10 6.68
CA ARG A 35 -18.94 -3.69 8.05
C ARG A 35 -18.23 -4.78 8.88
N SER A 36 -18.56 -6.04 8.64
CA SER A 36 -17.98 -7.13 9.39
C SER A 36 -16.54 -7.33 8.93
N CYS A 37 -16.30 -7.06 7.65
CA CYS A 37 -15.00 -7.11 7.05
C CYS A 37 -14.04 -6.16 7.80
N LEU A 38 -14.39 -4.88 7.86
CA LEU A 38 -13.55 -3.88 8.53
C LEU A 38 -13.41 -4.13 10.03
N SER A 39 -14.42 -4.73 10.61
CA SER A 39 -14.39 -5.07 12.02
C SER A 39 -13.38 -6.19 12.28
N SER A 40 -13.57 -7.32 11.61
CA SER A 40 -12.74 -8.47 11.85
C SER A 40 -11.36 -8.35 11.17
N MET A 41 -11.20 -7.32 10.33
CA MET A 41 -9.90 -7.03 9.72
C MET A 41 -9.00 -6.34 10.74
N GLY A 42 -9.63 -5.76 11.76
CA GLY A 42 -8.89 -5.06 12.77
C GLY A 42 -8.84 -3.57 12.52
N LEU A 43 -9.78 -3.08 11.72
CA LEU A 43 -9.84 -1.66 11.44
C LEU A 43 -10.73 -0.97 12.40
N ILE A 44 -11.93 -1.43 12.47
CA ILE A 44 -12.89 -0.80 13.29
C ILE A 44 -13.24 -1.73 14.46
N ASP A 45 -12.90 -1.29 15.65
CA ASP A 45 -13.16 -2.06 16.86
C ASP A 45 -14.30 -1.40 17.64
N ILE A 46 -14.88 -2.14 18.55
CA ILE A 46 -16.08 -1.74 19.30
C ILE A 46 -15.73 -0.71 20.43
N ASP A 47 -14.58 -0.08 20.28
CA ASP A 47 -14.09 0.95 21.21
C ASP A 47 -14.93 2.21 21.06
N PHE A 48 -14.94 2.71 19.86
CA PHE A 48 -15.70 3.87 19.53
C PHE A 48 -17.17 3.53 19.51
N THR A 49 -17.96 4.31 20.22
CA THR A 49 -19.39 4.12 20.31
C THR A 49 -20.05 4.15 18.94
N GLY A 50 -20.40 3.00 18.45
CA GLY A 50 -20.99 2.85 17.16
C GLY A 50 -20.33 1.71 16.42
N GLY A 51 -20.25 0.59 17.10
CA GLY A 51 -19.53 -0.55 16.57
C GLY A 51 -20.44 -1.48 15.82
N GLU A 52 -21.69 -1.30 16.04
CA GLU A 52 -22.73 -2.08 15.45
C GLU A 52 -22.85 -1.78 13.95
N ASP A 53 -22.65 -0.50 13.58
CA ASP A 53 -22.67 -0.05 12.18
C ASP A 53 -22.33 1.45 12.04
N ALA A 54 -22.60 2.24 13.07
CA ALA A 54 -22.44 3.72 13.00
C ALA A 54 -21.03 4.24 12.65
N GLN A 55 -19.98 3.77 13.35
CA GLN A 55 -18.62 4.26 13.08
C GLN A 55 -18.17 3.82 11.70
N TYR A 56 -18.70 2.71 11.29
CA TYR A 56 -18.49 2.20 9.97
C TYR A 56 -19.19 3.08 8.99
N ASP A 57 -20.43 3.45 9.32
CA ASP A 57 -21.26 4.20 8.44
C ASP A 57 -20.62 5.48 8.09
N ALA A 58 -20.06 6.17 9.07
CA ALA A 58 -19.36 7.44 8.83
C ALA A 58 -18.23 7.31 7.77
N ILE A 59 -17.71 6.10 7.63
CA ILE A 59 -16.68 5.80 6.63
C ILE A 59 -17.37 5.39 5.31
N TYR A 60 -18.17 4.34 5.40
CA TYR A 60 -18.90 3.76 4.27
C TYR A 60 -19.78 4.77 3.58
N ASN A 61 -20.59 5.44 4.38
CA ASN A 61 -21.49 6.57 3.91
C ASN A 61 -20.71 7.45 2.92
N ASN A 62 -19.51 7.84 3.35
CA ASN A 62 -18.61 8.71 2.58
C ASN A 62 -18.07 8.00 1.33
N VAL A 63 -17.77 6.69 1.42
CA VAL A 63 -17.23 5.97 0.24
C VAL A 63 -18.28 5.93 -0.88
N THR A 64 -19.55 5.80 -0.49
CA THR A 64 -20.62 5.65 -1.43
C THR A 64 -21.15 6.97 -1.96
N LYS A 65 -20.77 7.25 -3.18
CA LYS A 65 -21.09 8.48 -3.85
C LYS A 65 -22.53 8.46 -4.42
N GLY A 66 -22.82 7.52 -5.30
CA GLY A 66 -24.15 7.44 -5.89
C GLY A 66 -24.64 6.00 -6.01
N GLU A 67 -23.83 5.11 -5.53
CA GLU A 67 -24.10 3.70 -5.55
C GLU A 67 -24.08 3.27 -4.11
N ASN A 68 -25.11 2.61 -3.66
CA ASN A 68 -25.14 2.18 -2.28
C ASN A 68 -24.62 0.78 -2.22
N GLY A 69 -23.62 0.56 -1.41
CA GLY A 69 -22.99 -0.71 -1.35
C GLY A 69 -21.64 -0.58 -1.93
N VAL A 70 -20.77 -1.45 -1.56
CA VAL A 70 -19.47 -1.34 -2.09
C VAL A 70 -19.33 -2.30 -3.22
N SER A 71 -19.50 -1.74 -4.35
CA SER A 71 -19.53 -2.44 -5.57
C SER A 71 -18.28 -2.10 -6.36
N PHE A 72 -18.23 -2.49 -7.62
CA PHE A 72 -17.06 -2.29 -8.48
C PHE A 72 -16.51 -0.87 -8.41
N ASP A 73 -17.39 0.09 -8.31
CA ASP A 73 -16.96 1.45 -8.13
C ASP A 73 -16.62 1.74 -6.66
N ASN A 74 -17.64 1.75 -5.82
CA ASN A 74 -17.52 2.22 -4.41
C ASN A 74 -16.65 1.38 -3.50
N TYR A 75 -16.49 0.11 -3.79
CA TYR A 75 -15.63 -0.72 -2.98
C TYR A 75 -14.21 -0.34 -3.29
N VAL A 76 -13.91 -0.39 -4.57
CA VAL A 76 -12.59 -0.16 -5.08
C VAL A 76 -12.10 1.25 -4.77
N GLN A 77 -13.03 2.20 -4.72
CA GLN A 77 -12.70 3.56 -4.32
C GLN A 77 -12.12 3.56 -2.92
N TYR A 78 -12.71 2.75 -2.02
CA TYR A 78 -12.25 2.71 -0.65
C TYR A 78 -10.99 1.89 -0.53
N MET A 79 -10.94 0.80 -1.26
CA MET A 79 -9.83 -0.11 -1.15
C MET A 79 -8.58 0.47 -1.77
N LYS A 80 -8.70 1.03 -2.98
CA LYS A 80 -7.52 1.57 -3.61
C LYS A 80 -7.04 2.78 -2.86
N GLU A 81 -7.97 3.51 -2.23
CA GLU A 81 -7.64 4.64 -1.33
C GLU A 81 -6.57 4.19 -0.33
N LYS A 82 -6.87 3.08 0.33
CA LYS A 82 -5.98 2.49 1.33
C LYS A 82 -4.69 1.95 0.70
N ASN A 83 -4.78 1.46 -0.53
CA ASN A 83 -3.58 1.03 -1.27
C ASN A 83 -2.72 2.25 -1.69
N ASP A 84 -3.37 3.36 -2.00
CA ASP A 84 -2.68 4.60 -2.44
C ASP A 84 -1.90 5.21 -1.27
N GLU A 85 -2.42 5.01 -0.07
CA GLU A 85 -1.83 5.52 1.19
C GLU A 85 -0.58 4.71 1.62
N ASN A 86 -0.09 3.85 0.74
CA ASN A 86 1.09 3.02 1.04
C ASN A 86 2.31 3.90 1.30
N PRO A 87 3.07 3.62 2.39
CA PRO A 87 4.29 4.34 2.67
C PRO A 87 5.32 4.15 1.59
N SER A 88 5.85 5.22 1.12
CA SER A 88 6.89 5.19 0.16
C SER A 88 8.18 4.72 0.89
N PRO A 89 9.11 4.05 0.17
CA PRO A 89 10.37 3.53 0.76
C PRO A 89 11.36 4.63 1.17
N GLU A 90 10.85 5.73 1.73
CA GLU A 90 11.68 6.88 2.07
C GLU A 90 12.74 6.53 3.13
N GLN A 91 12.38 5.63 4.04
CA GLN A 91 13.31 5.21 5.10
C GLN A 91 14.55 4.51 4.51
N LEU A 92 14.44 4.03 3.27
CA LEU A 92 15.56 3.43 2.57
C LEU A 92 16.69 4.45 2.52
N ASN A 93 16.32 5.70 2.29
CA ASN A 93 17.25 6.82 2.16
C ASN A 93 17.88 7.18 3.49
N GLU A 94 17.24 6.77 4.59
CA GLU A 94 17.71 7.05 5.93
C GLU A 94 19.02 6.29 6.17
N ILE A 95 18.90 4.97 6.28
CA ILE A 95 20.06 4.12 6.50
C ILE A 95 21.11 4.30 5.37
N PHE A 96 20.60 4.49 4.17
CA PHE A 96 21.39 4.66 2.97
C PHE A 96 22.34 5.86 3.11
N SER A 97 21.89 6.92 3.77
CA SER A 97 22.70 8.11 3.87
C SER A 97 23.68 8.00 5.03
N THR A 98 23.48 6.99 5.86
CA THR A 98 24.38 6.72 6.96
C THR A 98 25.52 5.83 6.44
N ILE A 99 25.17 4.99 5.51
CA ILE A 99 26.10 4.05 4.90
C ILE A 99 27.00 4.75 3.89
N ALA A 100 26.38 5.38 2.87
CA ALA A 100 27.10 6.01 1.73
C ALA A 100 27.77 7.30 2.14
N ALA A 101 27.60 7.64 3.38
CA ALA A 101 28.11 8.83 4.00
C ALA A 101 29.62 9.01 3.76
N GLY A 102 29.96 10.03 2.98
CA GLY A 102 31.36 10.37 2.76
C GLY A 102 31.91 9.79 1.47
N LYS A 103 31.09 9.07 0.77
CA LYS A 103 31.48 8.43 -0.48
C LYS A 103 30.79 9.10 -1.66
N ASP A 104 31.08 8.64 -2.84
CA ASP A 104 30.41 9.10 -4.04
C ASP A 104 29.52 7.96 -4.54
N SER A 105 30.09 6.78 -4.54
CA SER A 105 29.45 5.60 -4.99
C SER A 105 29.23 4.66 -3.81
N ILE A 106 28.07 4.09 -3.77
CA ILE A 106 27.74 3.10 -2.78
C ILE A 106 27.61 1.74 -3.48
N THR A 107 28.35 0.77 -3.05
CA THR A 107 28.36 -0.52 -3.71
C THR A 107 27.30 -1.46 -3.12
N GLU A 108 26.98 -2.57 -3.83
CA GLU A 108 26.03 -3.55 -3.33
C GLU A 108 26.47 -4.00 -1.99
N THR A 109 27.65 -4.52 -1.93
CA THR A 109 28.27 -5.00 -0.73
C THR A 109 28.38 -3.91 0.33
N ASP A 110 28.25 -2.65 -0.04
CA ASP A 110 28.26 -1.58 0.94
C ASP A 110 26.87 -1.52 1.62
N MET A 111 25.80 -1.71 0.83
CA MET A 111 24.39 -1.77 1.39
C MET A 111 24.07 -3.14 1.98
N GLN A 112 24.25 -4.17 1.14
CA GLN A 112 24.03 -5.61 1.44
C GLN A 112 24.63 -5.95 2.79
N LYS A 113 25.80 -5.42 2.96
CA LYS A 113 26.58 -5.45 4.22
C LYS A 113 25.69 -5.18 5.45
N ALA A 114 24.91 -4.10 5.41
CA ALA A 114 24.11 -3.64 6.54
C ALA A 114 22.84 -4.48 6.73
N GLY A 115 22.82 -5.67 6.15
CA GLY A 115 21.66 -6.54 6.23
C GLY A 115 20.43 -5.96 5.55
N MET A 116 20.65 -5.29 4.44
CA MET A 116 19.54 -4.68 3.73
C MET A 116 18.89 -5.69 2.79
N SER A 117 17.61 -5.59 2.65
CA SER A 117 16.82 -6.53 1.89
C SER A 117 17.06 -6.39 0.37
N ALA A 118 16.97 -7.52 -0.32
CA ALA A 118 17.29 -7.64 -1.74
C ALA A 118 16.49 -6.67 -2.61
N GLU A 119 15.22 -6.51 -2.32
CA GLU A 119 14.35 -5.66 -3.13
C GLU A 119 14.71 -4.18 -2.95
N GLN A 120 15.39 -3.87 -1.86
CA GLN A 120 15.84 -2.53 -1.61
C GLN A 120 17.08 -2.32 -2.46
N ILE A 121 17.98 -3.29 -2.34
CA ILE A 121 19.25 -3.29 -3.06
C ILE A 121 19.01 -3.16 -4.57
N GLU A 122 18.09 -3.96 -5.10
CA GLU A 122 17.79 -3.91 -6.52
C GLU A 122 17.10 -2.61 -6.89
N TYR A 123 16.46 -1.94 -5.92
CA TYR A 123 15.84 -0.68 -6.23
C TYR A 123 16.94 0.31 -6.48
N VAL A 124 17.91 0.32 -5.60
CA VAL A 124 19.04 1.22 -5.71
C VAL A 124 19.77 0.98 -7.04
N LYS A 125 19.91 -0.29 -7.42
CA LYS A 125 20.51 -0.67 -8.72
C LYS A 125 19.66 -0.19 -9.89
N ALA A 126 18.37 -0.10 -9.69
CA ALA A 126 17.47 0.20 -10.77
C ALA A 126 17.12 1.69 -10.82
N ASN A 127 17.49 2.40 -9.77
CA ASN A 127 17.20 3.83 -9.70
C ASN A 127 18.46 4.69 -9.77
N LEU A 128 19.57 4.20 -9.23
CA LEU A 128 20.81 4.96 -9.23
C LEU A 128 21.76 4.46 -10.31
N PRO A 129 22.62 5.35 -10.86
CA PRO A 129 23.61 4.97 -11.86
C PRO A 129 24.61 3.95 -11.31
N GLN A 130 24.87 2.93 -12.09
CA GLN A 130 25.76 1.87 -11.70
C GLN A 130 27.03 1.98 -12.53
N LYS A 131 28.11 2.43 -11.94
CA LYS A 131 29.37 2.43 -12.67
C LYS A 131 30.08 1.15 -12.33
N GLY A 132 29.79 0.10 -13.09
CA GLY A 132 30.27 -1.24 -12.74
C GLY A 132 29.44 -1.74 -11.58
N ASP A 133 29.80 -1.27 -10.42
CA ASP A 133 29.04 -1.38 -9.19
C ASP A 133 29.46 -0.17 -8.42
N GLY A 134 28.62 0.34 -7.60
CA GLY A 134 28.88 1.61 -7.02
C GLY A 134 27.92 2.59 -7.58
N TYR A 135 26.87 2.75 -6.85
CA TYR A 135 25.72 3.51 -7.22
C TYR A 135 25.91 4.95 -6.83
N ASP A 136 25.76 5.84 -7.79
CA ASP A 136 25.93 7.28 -7.57
C ASP A 136 24.78 7.85 -6.80
N TYR A 137 24.95 8.00 -5.48
CA TYR A 137 23.86 8.52 -4.66
C TYR A 137 23.67 10.00 -4.87
N ALA A 138 24.54 10.59 -5.66
CA ALA A 138 24.42 11.97 -6.01
C ALA A 138 23.26 12.16 -7.00
N ALA A 139 22.79 11.05 -7.59
CA ALA A 139 21.63 11.10 -8.48
C ALA A 139 20.39 11.44 -7.69
N TRP A 140 20.41 11.06 -6.44
CA TRP A 140 19.32 11.28 -5.53
C TRP A 140 19.15 12.79 -5.25
N VAL A 141 20.28 13.48 -5.09
CA VAL A 141 20.25 14.92 -4.83
C VAL A 141 20.32 15.81 -6.10
N LYS A 142 21.15 15.43 -7.05
CA LYS A 142 21.43 16.28 -8.20
C LYS A 142 20.85 15.71 -9.50
N THR A 143 19.97 14.69 -9.37
CA THR A 143 19.30 14.00 -10.49
C THR A 143 20.22 12.94 -11.14
N ASN A 144 21.47 13.31 -11.31
CA ASN A 144 22.52 12.47 -11.82
C ASN A 144 23.77 13.29 -11.64
N GLY A 1 -6.22 -5.17 -17.33
CA GLY A 1 -6.95 -5.45 -18.55
C GLY A 1 -7.50 -4.20 -19.12
N SER A 2 -8.09 -4.26 -20.29
CA SER A 2 -8.67 -3.10 -20.89
C SER A 2 -10.10 -2.96 -20.39
N SER A 3 -10.26 -2.15 -19.39
CA SER A 3 -11.55 -1.92 -18.78
C SER A 3 -11.58 -0.47 -18.28
N SER A 4 -12.75 0.09 -18.14
CA SER A 4 -12.88 1.47 -17.75
C SER A 4 -12.98 1.62 -16.22
N GLY A 5 -12.03 2.34 -15.64
CA GLY A 5 -12.04 2.67 -14.22
C GLY A 5 -11.55 1.54 -13.34
N VAL A 6 -12.10 0.39 -13.52
CA VAL A 6 -11.67 -0.78 -12.80
C VAL A 6 -11.05 -1.69 -13.81
N THR A 7 -10.20 -2.55 -13.39
CA THR A 7 -9.59 -3.46 -14.27
C THR A 7 -10.11 -4.90 -13.98
N ALA A 8 -9.98 -5.76 -14.99
CA ALA A 8 -10.43 -7.15 -14.92
C ALA A 8 -9.76 -7.88 -13.77
N GLU A 9 -8.48 -7.64 -13.58
CA GLU A 9 -7.70 -8.22 -12.48
C GLU A 9 -8.35 -7.85 -11.14
N GLN A 10 -8.83 -6.61 -11.02
CA GLN A 10 -9.40 -6.19 -9.78
C GLN A 10 -10.64 -6.92 -9.56
N MET A 11 -11.41 -7.06 -10.61
CA MET A 11 -12.67 -7.81 -10.54
C MET A 11 -12.44 -9.24 -10.04
N GLN A 12 -11.20 -9.72 -10.15
CA GLN A 12 -10.83 -11.00 -9.64
C GLN A 12 -10.42 -10.90 -8.17
N GLU A 13 -9.57 -9.91 -7.81
CA GLU A 13 -9.02 -9.94 -6.46
C GLU A 13 -9.85 -9.21 -5.46
N PHE A 14 -10.43 -8.15 -5.90
CA PHE A 14 -11.27 -7.33 -5.05
C PHE A 14 -12.50 -8.11 -4.69
N LYS A 15 -12.89 -8.97 -5.62
CA LYS A 15 -13.95 -9.89 -5.38
C LYS A 15 -13.55 -10.86 -4.31
N GLN A 16 -12.30 -11.31 -4.35
CA GLN A 16 -11.78 -12.28 -3.40
C GLN A 16 -11.80 -11.67 -2.00
N SER A 17 -11.40 -10.40 -1.93
CA SER A 17 -11.37 -9.65 -0.72
C SER A 17 -12.78 -9.48 -0.12
N PHE A 18 -13.81 -9.22 -0.94
CA PHE A 18 -15.14 -9.15 -0.35
C PHE A 18 -15.75 -10.52 -0.12
N ASP A 19 -15.54 -11.44 -1.08
CA ASP A 19 -16.07 -12.82 -1.07
C ASP A 19 -15.75 -13.55 0.18
N ALA A 20 -14.53 -13.34 0.68
CA ALA A 20 -14.12 -13.95 1.94
C ALA A 20 -15.11 -13.61 3.08
N PHE A 21 -15.59 -12.39 3.06
CA PHE A 21 -16.52 -11.89 4.06
C PHE A 21 -17.97 -11.83 3.55
N ASP A 22 -18.19 -12.32 2.34
CA ASP A 22 -19.51 -12.21 1.68
C ASP A 22 -20.35 -13.42 2.07
N GLY A 23 -21.61 -13.36 1.83
CA GLY A 23 -22.50 -14.40 2.18
C GLY A 23 -23.02 -15.13 0.96
N ASN A 24 -23.29 -14.40 -0.10
CA ASN A 24 -23.87 -15.01 -1.30
C ASN A 24 -22.98 -14.81 -2.55
N HIS A 25 -21.94 -13.96 -2.40
CA HIS A 25 -20.84 -13.70 -3.38
C HIS A 25 -21.30 -12.91 -4.64
N ASP A 26 -22.36 -12.13 -4.46
CA ASP A 26 -23.02 -11.36 -5.56
C ASP A 26 -22.15 -10.24 -6.10
N GLY A 27 -21.21 -9.81 -5.30
CA GLY A 27 -20.33 -8.77 -5.76
C GLY A 27 -20.49 -7.46 -5.06
N ILE A 28 -21.34 -7.41 -4.07
CA ILE A 28 -21.49 -6.20 -3.30
C ILE A 28 -21.67 -6.58 -1.84
N LEU A 29 -21.41 -5.64 -0.97
CA LEU A 29 -21.48 -5.85 0.47
C LEU A 29 -22.29 -4.74 1.11
N ASP A 30 -22.95 -4.98 2.20
CA ASP A 30 -23.60 -3.88 2.91
C ASP A 30 -22.64 -3.41 4.05
N LYS A 31 -23.12 -2.52 4.89
CA LYS A 31 -22.33 -1.89 5.92
C LYS A 31 -21.89 -2.92 6.97
N LEU A 32 -22.77 -3.86 7.25
CA LEU A 32 -22.56 -4.85 8.30
C LEU A 32 -21.41 -5.81 7.98
N GLU A 33 -21.36 -6.25 6.75
CA GLU A 33 -20.30 -7.15 6.30
C GLU A 33 -19.02 -6.38 6.10
N PHE A 34 -19.13 -5.17 5.55
CA PHE A 34 -17.94 -4.37 5.30
C PHE A 34 -17.27 -3.98 6.63
N ARG A 35 -18.09 -3.93 7.67
CA ARG A 35 -17.65 -3.74 9.03
C ARG A 35 -16.68 -4.87 9.43
N SER A 36 -16.98 -6.08 8.98
CA SER A 36 -16.17 -7.25 9.29
C SER A 36 -14.87 -7.17 8.50
N CYS A 37 -15.00 -6.79 7.23
CA CYS A 37 -13.86 -6.64 6.33
C CYS A 37 -12.81 -5.69 6.91
N LEU A 38 -13.20 -4.48 7.22
CA LEU A 38 -12.26 -3.46 7.70
C LEU A 38 -11.72 -3.72 9.08
N SER A 39 -12.41 -4.51 9.87
CA SER A 39 -11.89 -4.82 11.17
C SER A 39 -10.80 -5.88 11.05
N SER A 40 -11.09 -6.95 10.34
CA SER A 40 -10.13 -8.04 10.19
C SER A 40 -8.97 -7.66 9.24
N MET A 41 -9.20 -6.66 8.38
CA MET A 41 -8.18 -6.20 7.42
C MET A 41 -7.15 -5.31 8.13
N GLY A 42 -7.47 -4.87 9.34
CA GLY A 42 -6.54 -4.07 10.10
C GLY A 42 -6.77 -2.57 9.96
N LEU A 43 -7.99 -2.18 9.65
CA LEU A 43 -8.32 -0.76 9.58
C LEU A 43 -8.86 -0.31 10.91
N ILE A 44 -9.89 -1.00 11.33
CA ILE A 44 -10.61 -0.63 12.51
C ILE A 44 -10.62 -1.79 13.51
N ASP A 45 -9.91 -1.65 14.59
CA ASP A 45 -9.85 -2.73 15.56
C ASP A 45 -10.39 -2.29 16.90
N ILE A 46 -11.15 -3.17 17.51
CA ILE A 46 -11.89 -2.81 18.68
C ILE A 46 -11.10 -3.17 19.93
N ASP A 47 -10.02 -2.45 20.12
CA ASP A 47 -9.20 -2.60 21.33
C ASP A 47 -9.88 -1.89 22.49
N PHE A 48 -9.86 -0.59 22.44
CA PHE A 48 -10.55 0.21 23.39
C PHE A 48 -11.71 0.85 22.68
N THR A 49 -12.87 0.27 22.87
CA THR A 49 -14.06 0.70 22.19
C THR A 49 -14.41 2.16 22.52
N GLY A 50 -14.80 2.89 21.50
CA GLY A 50 -15.15 4.27 21.64
C GLY A 50 -14.28 5.13 20.75
N GLY A 51 -13.30 4.52 20.12
CA GLY A 51 -12.46 5.24 19.19
C GLY A 51 -12.66 4.79 17.77
N GLU A 52 -12.98 3.54 17.64
CA GLU A 52 -13.11 2.85 16.37
C GLU A 52 -14.43 3.16 15.65
N ASP A 53 -15.39 3.71 16.38
CA ASP A 53 -16.73 3.97 15.82
C ASP A 53 -16.65 5.06 14.74
N ALA A 54 -16.15 6.22 15.11
CA ALA A 54 -16.01 7.30 14.16
C ALA A 54 -14.84 7.07 13.25
N GLN A 55 -13.90 6.25 13.71
CA GLN A 55 -12.75 5.85 12.89
C GLN A 55 -13.27 5.13 11.66
N TYR A 56 -14.17 4.19 11.90
CA TYR A 56 -14.88 3.45 10.89
C TYR A 56 -15.69 4.38 10.05
N ASP A 57 -16.65 5.02 10.67
CA ASP A 57 -17.61 5.79 9.96
C ASP A 57 -17.09 6.99 9.23
N ALA A 58 -15.91 7.47 9.59
CA ALA A 58 -15.27 8.52 8.80
C ALA A 58 -14.80 7.96 7.46
N ILE A 59 -14.32 6.71 7.48
CA ILE A 59 -13.88 6.01 6.28
C ILE A 59 -15.09 5.64 5.45
N TYR A 60 -16.09 5.09 6.13
CA TYR A 60 -17.32 4.67 5.49
C TYR A 60 -18.01 5.87 4.88
N ASN A 61 -17.97 6.95 5.60
CA ASN A 61 -18.50 8.28 5.13
C ASN A 61 -17.88 8.70 3.78
N ASN A 62 -16.65 8.28 3.50
CA ASN A 62 -16.01 8.68 2.26
C ASN A 62 -16.32 7.67 1.15
N VAL A 63 -16.34 6.38 1.49
CA VAL A 63 -16.72 5.35 0.50
C VAL A 63 -18.18 5.51 0.04
N THR A 64 -19.10 5.55 0.96
CA THR A 64 -20.47 5.80 0.62
C THR A 64 -20.75 7.29 0.71
N LYS A 65 -21.15 7.87 -0.38
CA LYS A 65 -21.32 9.31 -0.47
C LYS A 65 -22.80 9.68 -0.42
N GLY A 66 -23.57 8.81 0.18
CA GLY A 66 -25.00 9.00 0.32
C GLY A 66 -25.70 7.67 0.28
N GLU A 67 -25.04 6.72 -0.31
CA GLU A 67 -25.55 5.36 -0.44
C GLU A 67 -25.29 4.60 0.85
N ASN A 68 -25.75 3.38 0.89
CA ASN A 68 -25.47 2.48 1.98
C ASN A 68 -25.06 1.19 1.36
N GLY A 69 -23.87 0.75 1.67
CA GLY A 69 -23.41 -0.46 1.13
C GLY A 69 -22.32 -0.23 0.15
N VAL A 70 -21.49 -1.18 0.03
CA VAL A 70 -20.39 -1.11 -0.86
C VAL A 70 -20.76 -1.78 -2.13
N SER A 71 -21.12 -0.96 -3.01
CA SER A 71 -21.51 -1.30 -4.32
C SER A 71 -20.27 -1.45 -5.19
N PHE A 72 -20.46 -1.76 -6.47
CA PHE A 72 -19.36 -1.96 -7.40
C PHE A 72 -18.56 -0.69 -7.55
N ASP A 73 -19.23 0.43 -7.47
CA ASP A 73 -18.58 1.70 -7.55
C ASP A 73 -17.94 2.04 -6.20
N ASN A 74 -18.73 1.94 -5.11
CA ASN A 74 -18.27 2.28 -3.76
C ASN A 74 -17.06 1.50 -3.31
N TYR A 75 -17.16 0.18 -3.41
CA TYR A 75 -16.12 -0.69 -2.92
C TYR A 75 -14.86 -0.46 -3.74
N VAL A 76 -14.99 -0.54 -5.05
CA VAL A 76 -13.85 -0.37 -5.91
C VAL A 76 -13.27 1.02 -5.81
N GLN A 77 -14.12 2.01 -5.52
CA GLN A 77 -13.68 3.35 -5.22
C GLN A 77 -12.74 3.28 -4.05
N TYR A 78 -13.16 2.59 -2.98
CA TYR A 78 -12.40 2.52 -1.74
C TYR A 78 -11.05 1.88 -1.99
N MET A 79 -11.03 0.90 -2.86
CA MET A 79 -9.77 0.25 -3.18
C MET A 79 -8.88 1.11 -4.09
N LYS A 80 -9.47 1.73 -5.13
CA LYS A 80 -8.66 2.57 -6.03
C LYS A 80 -8.24 3.87 -5.33
N GLU A 81 -9.00 4.23 -4.31
CA GLU A 81 -8.75 5.38 -3.47
C GLU A 81 -7.64 5.00 -2.48
N LYS A 82 -7.69 3.76 -2.01
CA LYS A 82 -6.68 3.23 -1.10
C LYS A 82 -5.35 3.08 -1.86
N ASN A 83 -5.44 2.96 -3.19
CA ASN A 83 -4.25 2.90 -4.05
C ASN A 83 -3.43 4.20 -4.03
N ASP A 84 -4.06 5.32 -3.64
CA ASP A 84 -3.37 6.66 -3.55
C ASP A 84 -2.32 6.64 -2.43
N GLU A 85 -2.53 5.73 -1.50
CA GLU A 85 -1.67 5.54 -0.34
C GLU A 85 -0.28 4.96 -0.74
N ASN A 86 -0.17 4.51 -1.99
CA ASN A 86 1.07 3.92 -2.50
C ASN A 86 2.03 5.04 -2.92
N PRO A 87 3.19 5.17 -2.25
CA PRO A 87 4.18 6.22 -2.53
C PRO A 87 4.70 6.24 -3.96
N SER A 88 5.17 7.39 -4.32
CA SER A 88 5.79 7.64 -5.55
C SER A 88 7.30 7.23 -5.45
N PRO A 89 8.08 7.26 -6.56
CA PRO A 89 9.50 6.82 -6.57
C PRO A 89 10.42 7.59 -5.58
N GLU A 90 9.92 8.68 -5.00
CA GLU A 90 10.69 9.50 -4.09
C GLU A 90 11.16 8.70 -2.89
N GLN A 91 10.40 7.65 -2.54
CA GLN A 91 10.72 6.76 -1.42
C GLN A 91 12.14 6.17 -1.57
N LEU A 92 12.55 5.94 -2.84
CA LEU A 92 13.87 5.39 -3.17
C LEU A 92 14.95 6.26 -2.53
N ASN A 93 14.72 7.55 -2.53
CA ASN A 93 15.68 8.52 -2.06
C ASN A 93 15.58 8.68 -0.55
N GLU A 94 14.45 8.33 0.00
CA GLU A 94 14.20 8.56 1.41
C GLU A 94 14.76 7.42 2.23
N ILE A 95 14.55 6.19 1.77
CA ILE A 95 14.92 4.98 2.54
C ILE A 95 16.43 4.99 2.98
N PHE A 96 17.28 5.71 2.23
CA PHE A 96 18.69 5.84 2.56
C PHE A 96 18.91 6.43 3.95
N SER A 97 17.97 7.27 4.41
CA SER A 97 18.08 7.92 5.71
C SER A 97 17.95 6.89 6.82
N THR A 98 17.25 5.81 6.54
CA THR A 98 17.03 4.78 7.50
C THR A 98 18.14 3.73 7.41
N ILE A 99 18.59 3.46 6.20
CA ILE A 99 19.56 2.39 5.97
C ILE A 99 21.00 2.86 6.19
N ALA A 100 21.45 3.73 5.29
CA ALA A 100 22.86 4.11 5.15
C ALA A 100 23.26 5.19 6.14
N ALA A 101 22.39 5.40 7.08
CA ALA A 101 22.54 6.37 8.12
C ALA A 101 23.84 6.17 8.92
N GLY A 102 24.73 7.15 8.83
CA GLY A 102 25.98 7.11 9.57
C GLY A 102 27.12 6.55 8.76
N LYS A 103 26.80 6.06 7.59
CA LYS A 103 27.77 5.46 6.69
C LYS A 103 27.94 6.37 5.49
N ASP A 104 29.00 6.16 4.73
CA ASP A 104 29.21 6.93 3.48
C ASP A 104 28.83 6.03 2.31
N SER A 105 29.02 4.76 2.49
CA SER A 105 28.73 3.78 1.50
C SER A 105 27.70 2.80 2.02
N ILE A 106 26.80 2.44 1.16
CA ILE A 106 25.80 1.47 1.49
C ILE A 106 26.12 0.15 0.77
N THR A 107 26.52 -0.86 1.51
CA THR A 107 26.92 -2.13 0.92
C THR A 107 25.68 -2.90 0.46
N GLU A 108 25.85 -3.89 -0.44
CA GLU A 108 24.69 -4.71 -0.89
C GLU A 108 23.98 -5.28 0.32
N THR A 109 24.74 -5.92 1.17
CA THR A 109 24.22 -6.52 2.34
C THR A 109 23.60 -5.48 3.30
N ASP A 110 23.95 -4.23 3.14
CA ASP A 110 23.30 -3.22 3.91
C ASP A 110 21.97 -2.85 3.26
N MET A 111 22.05 -2.64 1.97
CA MET A 111 20.98 -2.15 1.12
C MET A 111 19.86 -3.18 0.91
N GLN A 112 20.15 -4.33 0.27
CA GLN A 112 19.12 -5.33 -0.06
C GLN A 112 18.46 -5.82 1.21
N LYS A 113 19.28 -5.94 2.25
CA LYS A 113 18.81 -6.33 3.59
C LYS A 113 17.63 -5.47 4.08
N ALA A 114 17.59 -4.21 3.67
CA ALA A 114 16.55 -3.27 4.14
C ALA A 114 15.20 -3.46 3.43
N GLY A 115 14.97 -4.66 2.93
CA GLY A 115 13.71 -4.98 2.27
C GLY A 115 13.53 -4.28 0.93
N MET A 116 14.61 -3.99 0.27
CA MET A 116 14.53 -3.35 -1.03
C MET A 116 14.47 -4.42 -2.09
N SER A 117 13.53 -4.30 -3.01
CA SER A 117 13.34 -5.29 -4.04
C SER A 117 14.41 -5.11 -5.15
N ALA A 118 14.51 -6.10 -6.04
CA ALA A 118 15.58 -6.17 -7.06
C ALA A 118 15.57 -4.95 -7.97
N GLU A 119 14.38 -4.50 -8.31
CA GLU A 119 14.13 -3.31 -9.14
C GLU A 119 14.88 -2.11 -8.55
N GLN A 120 14.94 -2.06 -7.24
CA GLN A 120 15.60 -0.99 -6.55
C GLN A 120 17.08 -1.31 -6.48
N ILE A 121 17.37 -2.51 -5.98
CA ILE A 121 18.74 -3.00 -5.73
C ILE A 121 19.65 -2.76 -6.93
N GLU A 122 19.27 -3.30 -8.09
CA GLU A 122 20.12 -3.19 -9.27
C GLU A 122 20.21 -1.76 -9.76
N TYR A 123 19.24 -0.93 -9.42
CA TYR A 123 19.26 0.44 -9.87
C TYR A 123 20.32 1.20 -9.10
N VAL A 124 20.26 1.06 -7.79
CA VAL A 124 21.18 1.74 -6.91
C VAL A 124 22.61 1.28 -7.20
N LYS A 125 22.77 -0.01 -7.48
CA LYS A 125 24.08 -0.56 -7.80
C LYS A 125 24.55 -0.17 -9.19
N ALA A 126 23.65 0.32 -10.01
CA ALA A 126 24.01 0.70 -11.36
C ALA A 126 24.28 2.19 -11.45
N ASN A 127 23.71 2.94 -10.52
CA ASN A 127 23.89 4.40 -10.50
C ASN A 127 24.99 4.84 -9.51
N LEU A 128 25.19 4.08 -8.45
CA LEU A 128 26.17 4.45 -7.43
C LEU A 128 27.48 3.66 -7.62
N PRO A 129 28.64 4.35 -7.52
CA PRO A 129 29.95 3.73 -7.66
C PRO A 129 30.24 2.72 -6.55
N GLN A 130 30.98 1.70 -6.89
CA GLN A 130 31.33 0.63 -5.99
C GLN A 130 32.77 0.79 -5.58
N LYS A 131 33.03 1.13 -4.34
CA LYS A 131 34.39 1.15 -3.89
C LYS A 131 34.65 -0.03 -2.97
N GLY A 132 35.05 -1.15 -3.58
CA GLY A 132 35.16 -2.41 -2.89
C GLY A 132 33.79 -3.03 -2.78
N ASP A 133 33.10 -2.62 -1.77
CA ASP A 133 31.69 -2.88 -1.56
C ASP A 133 31.24 -1.67 -0.82
N GLY A 134 30.04 -1.30 -1.01
CA GLY A 134 29.63 -0.07 -0.49
C GLY A 134 29.38 0.89 -1.60
N TYR A 135 28.15 1.08 -1.87
CA TYR A 135 27.67 1.94 -2.88
C TYR A 135 27.72 3.36 -2.38
N ASP A 136 28.53 4.14 -3.02
CA ASP A 136 28.85 5.51 -2.61
C ASP A 136 27.67 6.46 -2.81
N TYR A 137 26.90 6.67 -1.75
CA TYR A 137 25.74 7.52 -1.88
C TYR A 137 26.11 8.99 -1.86
N ALA A 138 27.39 9.27 -1.72
CA ALA A 138 27.86 10.62 -1.83
C ALA A 138 27.80 11.03 -3.30
N ALA A 139 27.88 10.01 -4.19
CA ALA A 139 27.72 10.23 -5.62
C ALA A 139 26.27 10.55 -5.91
N TRP A 140 25.43 10.07 -5.06
CA TRP A 140 24.02 10.26 -5.16
C TRP A 140 23.63 11.64 -4.59
N VAL A 141 24.27 12.05 -3.51
CA VAL A 141 23.98 13.34 -2.89
C VAL A 141 24.55 14.50 -3.71
N LYS A 142 25.86 14.50 -3.94
CA LYS A 142 26.48 15.62 -4.64
C LYS A 142 26.94 15.23 -6.02
N THR A 143 27.21 13.93 -6.19
CA THR A 143 27.93 13.42 -7.36
C THR A 143 29.37 13.93 -7.25
N ASN A 144 30.25 13.04 -6.77
CA ASN A 144 31.67 13.35 -6.45
C ASN A 144 32.36 14.15 -7.55
N GLY A 1 -18.04 15.55 -7.96
CA GLY A 1 -19.48 15.84 -8.02
C GLY A 1 -20.18 14.79 -7.26
N SER A 2 -21.23 14.24 -7.82
CA SER A 2 -21.88 13.10 -7.25
C SER A 2 -20.97 11.89 -7.44
N SER A 3 -20.22 11.94 -8.51
CA SER A 3 -19.21 11.00 -8.81
C SER A 3 -17.88 11.51 -8.24
N SER A 4 -17.10 10.60 -7.71
CA SER A 4 -15.79 10.90 -7.19
C SER A 4 -14.83 11.27 -8.33
N GLY A 5 -13.87 12.14 -8.05
CA GLY A 5 -12.93 12.56 -9.06
C GLY A 5 -11.80 11.57 -9.23
N VAL A 6 -12.13 10.41 -9.75
CA VAL A 6 -11.18 9.38 -10.00
C VAL A 6 -11.00 9.19 -11.52
N THR A 7 -9.95 8.55 -11.88
CA THR A 7 -9.63 8.27 -13.24
C THR A 7 -10.35 7.01 -13.75
N ALA A 8 -10.69 7.02 -15.04
CA ALA A 8 -11.35 5.91 -15.71
C ALA A 8 -10.44 4.69 -15.73
N GLU A 9 -9.15 4.94 -15.61
CA GLU A 9 -8.15 3.92 -15.53
C GLU A 9 -8.33 3.18 -14.20
N GLN A 10 -8.57 3.94 -13.16
CA GLN A 10 -8.71 3.34 -11.88
C GLN A 10 -9.96 2.61 -11.84
N MET A 11 -10.96 3.10 -12.56
CA MET A 11 -12.23 2.41 -12.63
C MET A 11 -12.07 0.95 -13.11
N GLN A 12 -10.94 0.65 -13.75
CA GLN A 12 -10.64 -0.71 -14.11
C GLN A 12 -9.73 -1.32 -13.03
N GLU A 13 -8.77 -0.52 -12.50
CA GLU A 13 -7.75 -1.10 -11.62
C GLU A 13 -8.30 -1.32 -10.21
N PHE A 14 -8.94 -0.31 -9.69
CA PHE A 14 -9.53 -0.31 -8.37
C PHE A 14 -10.63 -1.33 -8.36
N LYS A 15 -11.26 -1.46 -9.53
CA LYS A 15 -12.24 -2.46 -9.76
C LYS A 15 -11.63 -3.79 -9.49
N GLN A 16 -10.46 -4.02 -10.07
CA GLN A 16 -9.85 -5.31 -10.05
C GLN A 16 -9.35 -5.63 -8.65
N SER A 17 -9.00 -4.60 -7.92
CA SER A 17 -8.56 -4.74 -6.55
C SER A 17 -9.71 -5.19 -5.65
N PHE A 18 -10.94 -4.64 -5.83
CA PHE A 18 -12.05 -5.21 -5.07
C PHE A 18 -12.42 -6.56 -5.65
N ASP A 19 -12.63 -6.57 -6.97
CA ASP A 19 -13.10 -7.71 -7.83
C ASP A 19 -12.44 -9.01 -7.44
N ALA A 20 -11.12 -8.97 -7.37
CA ALA A 20 -10.30 -10.13 -7.04
C ALA A 20 -10.70 -10.75 -5.69
N PHE A 21 -10.88 -9.90 -4.71
CA PHE A 21 -11.17 -10.29 -3.35
C PHE A 21 -12.65 -10.09 -2.99
N ASP A 22 -13.47 -9.83 -3.99
CA ASP A 22 -14.84 -9.39 -3.75
C ASP A 22 -15.81 -10.56 -3.67
N GLY A 23 -16.82 -10.40 -2.86
CA GLY A 23 -17.80 -11.42 -2.68
C GLY A 23 -19.14 -11.04 -3.29
N ASN A 24 -19.35 -9.75 -3.56
CA ASN A 24 -20.63 -9.31 -4.12
C ASN A 24 -20.44 -8.61 -5.48
N HIS A 25 -19.22 -8.10 -5.73
CA HIS A 25 -18.76 -7.49 -7.00
C HIS A 25 -19.76 -6.57 -7.75
N ASP A 26 -20.52 -5.78 -7.00
CA ASP A 26 -21.52 -4.82 -7.58
C ASP A 26 -20.81 -3.55 -8.06
N GLY A 27 -19.54 -3.46 -7.76
CA GLY A 27 -18.77 -2.26 -8.04
C GLY A 27 -18.44 -1.59 -6.74
N ILE A 28 -19.06 -2.11 -5.72
CA ILE A 28 -18.84 -1.69 -4.37
C ILE A 28 -18.57 -2.97 -3.59
N LEU A 29 -18.03 -2.87 -2.42
CA LEU A 29 -17.66 -4.04 -1.68
C LEU A 29 -18.28 -3.96 -0.27
N ASP A 30 -18.58 -5.09 0.32
CA ASP A 30 -19.10 -5.14 1.68
C ASP A 30 -17.90 -5.18 2.68
N LYS A 31 -18.17 -5.02 3.97
CA LYS A 31 -17.10 -5.03 4.97
C LYS A 31 -16.44 -6.40 5.06
N LEU A 32 -17.27 -7.44 5.03
CA LEU A 32 -16.85 -8.82 5.23
C LEU A 32 -15.76 -9.17 4.26
N GLU A 33 -16.00 -8.99 2.99
CA GLU A 33 -14.98 -9.32 2.03
C GLU A 33 -13.94 -8.22 1.81
N PHE A 34 -14.26 -6.96 2.18
CA PHE A 34 -13.23 -5.90 2.11
C PHE A 34 -12.10 -6.25 3.10
N ARG A 35 -12.46 -7.03 4.13
CA ARG A 35 -11.49 -7.64 5.04
C ARG A 35 -10.45 -8.43 4.22
N SER A 36 -10.93 -9.25 3.27
CA SER A 36 -10.07 -10.12 2.48
C SER A 36 -9.22 -9.27 1.55
N CYS A 37 -9.82 -8.23 1.01
CA CYS A 37 -9.12 -7.32 0.13
C CYS A 37 -7.93 -6.66 0.84
N LEU A 38 -8.17 -6.02 1.98
CA LEU A 38 -7.12 -5.29 2.69
C LEU A 38 -6.11 -6.21 3.39
N SER A 39 -6.47 -7.44 3.61
CA SER A 39 -5.54 -8.35 4.21
C SER A 39 -4.58 -8.88 3.16
N SER A 40 -5.11 -9.38 2.06
CA SER A 40 -4.28 -9.93 1.02
C SER A 40 -3.56 -8.82 0.24
N MET A 41 -4.01 -7.57 0.39
CA MET A 41 -3.34 -6.42 -0.20
C MET A 41 -2.05 -6.11 0.58
N GLY A 42 -2.00 -6.59 1.82
CA GLY A 42 -0.83 -6.38 2.64
C GLY A 42 -1.01 -5.30 3.69
N LEU A 43 -2.25 -4.99 4.03
CA LEU A 43 -2.50 -3.97 5.03
C LEU A 43 -2.75 -4.56 6.39
N ILE A 44 -3.78 -5.35 6.48
CA ILE A 44 -4.21 -5.88 7.77
C ILE A 44 -4.02 -7.39 7.83
N ASP A 45 -3.79 -7.93 9.00
CA ASP A 45 -3.57 -9.36 9.17
C ASP A 45 -4.79 -10.02 9.80
N ILE A 46 -5.20 -11.14 9.28
CA ILE A 46 -6.33 -11.86 9.88
C ILE A 46 -5.70 -12.87 10.83
N ASP A 47 -4.58 -12.47 11.36
CA ASP A 47 -3.71 -13.35 12.09
C ASP A 47 -3.87 -13.20 13.58
N PHE A 48 -3.55 -12.03 14.10
CA PHE A 48 -3.72 -11.86 15.52
C PHE A 48 -4.95 -11.05 15.87
N THR A 49 -5.99 -11.77 16.22
CA THR A 49 -7.24 -11.19 16.61
C THR A 49 -7.12 -10.61 18.01
N GLY A 50 -7.28 -9.33 18.09
CA GLY A 50 -7.15 -8.61 19.31
C GLY A 50 -6.19 -7.45 19.12
N GLY A 51 -5.57 -7.42 17.96
CA GLY A 51 -4.61 -6.40 17.65
C GLY A 51 -5.10 -5.45 16.59
N GLU A 52 -4.73 -5.73 15.35
CA GLU A 52 -5.00 -4.84 14.23
C GLU A 52 -6.44 -4.92 13.72
N ASP A 53 -7.28 -5.62 14.46
CA ASP A 53 -8.73 -5.68 14.20
C ASP A 53 -9.25 -4.27 14.35
N ALA A 54 -8.78 -3.59 15.39
CA ALA A 54 -9.21 -2.24 15.67
C ALA A 54 -8.54 -1.27 14.72
N GLN A 55 -7.35 -1.62 14.24
CA GLN A 55 -6.64 -0.84 13.25
C GLN A 55 -7.52 -0.78 12.01
N TYR A 56 -7.97 -1.97 11.61
CA TYR A 56 -8.90 -2.16 10.52
C TYR A 56 -10.12 -1.32 10.76
N ASP A 57 -10.81 -1.54 11.87
CA ASP A 57 -12.03 -0.81 12.12
C ASP A 57 -11.88 0.67 12.18
N ALA A 58 -10.74 1.17 12.60
CA ALA A 58 -10.48 2.60 12.59
C ALA A 58 -10.34 3.11 11.13
N ILE A 59 -9.60 2.36 10.32
CA ILE A 59 -9.40 2.68 8.90
C ILE A 59 -10.74 2.60 8.16
N TYR A 60 -11.47 1.53 8.42
CA TYR A 60 -12.73 1.27 7.79
C TYR A 60 -13.73 2.30 8.23
N ASN A 61 -13.71 2.59 9.52
CA ASN A 61 -14.57 3.67 10.10
C ASN A 61 -14.36 4.98 9.35
N ASN A 62 -13.11 5.27 9.01
CA ASN A 62 -12.75 6.48 8.28
C ASN A 62 -13.34 6.45 6.87
N VAL A 63 -13.24 5.30 6.19
CA VAL A 63 -13.84 5.19 4.86
C VAL A 63 -15.40 5.18 4.90
N THR A 64 -15.99 4.46 5.82
CA THR A 64 -17.41 4.48 5.93
C THR A 64 -17.89 5.56 6.88
N LYS A 65 -17.91 6.75 6.35
CA LYS A 65 -18.24 7.99 7.07
C LYS A 65 -19.75 8.22 7.24
N GLY A 66 -20.48 7.15 7.48
CA GLY A 66 -21.89 7.26 7.71
C GLY A 66 -22.61 6.06 7.15
N GLU A 67 -22.07 5.52 6.11
CA GLU A 67 -22.61 4.34 5.49
C GLU A 67 -21.86 3.15 6.04
N ASN A 68 -22.21 2.00 5.57
CA ASN A 68 -21.48 0.81 5.88
C ASN A 68 -21.37 0.06 4.60
N GLY A 69 -20.18 -0.29 4.23
CA GLY A 69 -19.95 -0.87 2.95
C GLY A 69 -19.19 0.12 2.15
N VAL A 70 -18.19 -0.34 1.49
CA VAL A 70 -17.40 0.54 0.70
C VAL A 70 -18.09 0.71 -0.62
N SER A 71 -18.79 1.78 -0.68
CA SER A 71 -19.63 2.11 -1.74
C SER A 71 -18.94 3.08 -2.70
N PHE A 72 -19.72 3.64 -3.62
CA PHE A 72 -19.27 4.49 -4.71
C PHE A 72 -18.21 5.51 -4.30
N ASP A 73 -18.56 6.44 -3.42
CA ASP A 73 -17.59 7.43 -3.03
C ASP A 73 -16.65 6.86 -1.99
N ASN A 74 -17.19 6.08 -1.05
CA ASN A 74 -16.41 5.49 0.08
C ASN A 74 -15.18 4.77 -0.41
N TYR A 75 -15.38 3.80 -1.27
CA TYR A 75 -14.31 2.94 -1.72
C TYR A 75 -13.32 3.75 -2.52
N VAL A 76 -13.81 4.40 -3.54
CA VAL A 76 -12.97 5.14 -4.46
C VAL A 76 -12.16 6.23 -3.76
N GLN A 77 -12.79 6.95 -2.86
CA GLN A 77 -12.14 7.99 -2.09
C GLN A 77 -11.07 7.40 -1.17
N TYR A 78 -11.24 6.13 -0.81
CA TYR A 78 -10.28 5.46 0.02
C TYR A 78 -9.09 5.02 -0.84
N MET A 79 -9.39 4.40 -1.96
CA MET A 79 -8.35 3.79 -2.78
C MET A 79 -7.55 4.78 -3.61
N LYS A 80 -8.17 5.85 -4.06
CA LYS A 80 -7.46 6.82 -4.90
C LYS A 80 -6.26 7.44 -4.17
N GLU A 81 -6.43 7.69 -2.88
CA GLU A 81 -5.33 8.20 -2.06
C GLU A 81 -4.49 7.05 -1.47
N LYS A 82 -5.02 5.84 -1.58
CA LYS A 82 -4.28 4.63 -1.21
C LYS A 82 -3.52 4.07 -2.39
N ASN A 83 -3.65 4.74 -3.51
CA ASN A 83 -2.86 4.44 -4.72
C ASN A 83 -1.40 4.97 -4.54
N ASP A 84 -1.14 5.62 -3.40
CA ASP A 84 0.17 6.26 -3.04
C ASP A 84 1.38 5.33 -3.27
N GLU A 85 1.28 4.08 -2.82
CA GLU A 85 2.37 3.11 -2.97
C GLU A 85 2.60 2.61 -4.43
N ASN A 86 1.91 3.21 -5.39
CA ASN A 86 2.13 2.89 -6.80
C ASN A 86 3.52 3.39 -7.18
N PRO A 87 4.35 2.50 -7.82
CA PRO A 87 5.79 2.60 -7.97
C PRO A 87 6.63 3.59 -7.11
N SER A 88 7.89 3.61 -7.34
CA SER A 88 8.75 4.35 -6.50
C SER A 88 9.31 5.52 -7.27
N PRO A 89 10.10 6.39 -6.63
CA PRO A 89 10.87 7.34 -7.39
C PRO A 89 12.00 6.59 -8.06
N GLU A 90 11.69 5.88 -9.16
CA GLU A 90 12.59 4.93 -9.91
C GLU A 90 14.06 5.34 -10.04
N GLN A 91 14.33 6.62 -10.03
CA GLN A 91 15.73 7.15 -10.04
C GLN A 91 16.52 6.70 -8.78
N LEU A 92 15.74 6.29 -7.81
CA LEU A 92 16.16 5.69 -6.56
C LEU A 92 17.10 4.52 -6.87
N ASN A 93 16.81 3.84 -7.97
CA ASN A 93 17.62 2.73 -8.44
C ASN A 93 19.05 3.18 -8.75
N GLU A 94 19.19 4.36 -9.34
CA GLU A 94 20.48 4.87 -9.73
C GLU A 94 21.35 5.12 -8.51
N ILE A 95 20.84 5.91 -7.56
CA ILE A 95 21.60 6.21 -6.35
C ILE A 95 21.88 4.92 -5.54
N PHE A 96 20.92 4.00 -5.53
CA PHE A 96 21.12 2.73 -4.88
C PHE A 96 22.15 1.87 -5.59
N SER A 97 22.39 2.12 -6.87
CA SER A 97 23.41 1.39 -7.58
C SER A 97 24.79 1.96 -7.22
N THR A 98 24.79 3.12 -6.60
CA THR A 98 26.01 3.73 -6.16
C THR A 98 26.33 3.27 -4.73
N ILE A 99 25.33 3.26 -3.86
CA ILE A 99 25.55 2.88 -2.46
C ILE A 99 25.43 1.41 -2.17
N ALA A 100 24.34 0.80 -2.59
CA ALA A 100 24.03 -0.60 -2.25
C ALA A 100 24.84 -1.56 -3.08
N ALA A 101 25.72 -0.97 -3.85
CA ALA A 101 26.65 -1.61 -4.72
C ALA A 101 27.48 -2.67 -3.99
N GLY A 102 27.30 -3.92 -4.40
CA GLY A 102 28.08 -5.02 -3.84
C GLY A 102 27.40 -5.66 -2.65
N LYS A 103 26.31 -5.08 -2.23
CA LYS A 103 25.56 -5.55 -1.11
C LYS A 103 24.23 -6.12 -1.59
N ASP A 104 23.57 -6.88 -0.74
CA ASP A 104 22.22 -7.39 -1.04
C ASP A 104 21.23 -6.66 -0.17
N SER A 105 21.69 -6.30 0.99
CA SER A 105 20.93 -5.59 1.94
C SER A 105 21.58 -4.25 2.21
N ILE A 106 20.78 -3.32 2.63
CA ILE A 106 21.22 -2.00 2.96
C ILE A 106 20.68 -1.65 4.34
N THR A 107 21.49 -1.08 5.18
CA THR A 107 21.04 -0.69 6.50
C THR A 107 20.73 0.80 6.47
N GLU A 108 19.93 1.29 7.42
CA GLU A 108 19.63 2.74 7.47
C GLU A 108 20.92 3.54 7.52
N THR A 109 21.79 3.12 8.40
CA THR A 109 23.07 3.73 8.58
C THR A 109 23.83 3.78 7.24
N ASP A 110 23.55 2.85 6.37
CA ASP A 110 24.12 2.91 5.07
C ASP A 110 23.33 3.85 4.17
N MET A 111 22.03 3.69 4.23
CA MET A 111 21.03 4.34 3.38
C MET A 111 20.88 5.86 3.60
N GLN A 112 20.43 6.32 4.81
CA GLN A 112 20.23 7.78 5.06
C GLN A 112 21.44 8.63 4.72
N LYS A 113 22.62 8.04 4.85
CA LYS A 113 23.90 8.73 4.46
C LYS A 113 23.88 9.29 3.02
N ALA A 114 23.05 8.71 2.15
CA ALA A 114 22.99 9.09 0.72
C ALA A 114 22.39 10.50 0.47
N GLY A 115 22.29 11.28 1.53
CA GLY A 115 21.76 12.64 1.43
C GLY A 115 20.30 12.68 1.05
N MET A 116 19.57 11.64 1.39
CA MET A 116 18.17 11.58 1.05
C MET A 116 17.35 12.21 2.16
N SER A 117 16.21 12.71 1.82
CA SER A 117 15.36 13.35 2.79
C SER A 117 14.36 12.33 3.41
N ALA A 118 13.96 12.60 4.66
CA ALA A 118 13.16 11.68 5.50
C ALA A 118 11.91 11.12 4.82
N GLU A 119 11.17 11.98 4.12
CA GLU A 119 9.91 11.60 3.43
C GLU A 119 10.19 10.47 2.47
N GLN A 120 11.35 10.54 1.86
CA GLN A 120 11.77 9.60 0.88
C GLN A 120 12.31 8.36 1.56
N ILE A 121 13.16 8.56 2.55
CA ILE A 121 13.80 7.45 3.28
C ILE A 121 12.75 6.54 3.92
N GLU A 122 11.70 7.13 4.48
CA GLU A 122 10.64 6.35 5.06
C GLU A 122 9.91 5.57 4.00
N TYR A 123 9.84 6.10 2.78
CA TYR A 123 9.17 5.38 1.73
C TYR A 123 9.99 4.16 1.36
N VAL A 124 11.29 4.36 1.33
CA VAL A 124 12.22 3.28 1.03
C VAL A 124 12.04 2.16 2.05
N LYS A 125 11.95 2.52 3.32
CA LYS A 125 11.75 1.54 4.38
C LYS A 125 10.31 1.02 4.42
N ALA A 126 9.44 1.63 3.66
CA ALA A 126 8.06 1.21 3.60
C ALA A 126 7.85 0.30 2.39
N ASN A 127 8.76 0.40 1.44
CA ASN A 127 8.76 -0.44 0.23
C ASN A 127 9.65 -1.66 0.44
N LEU A 128 10.83 -1.41 0.97
CA LEU A 128 11.80 -2.45 1.25
C LEU A 128 11.50 -3.08 2.59
N PRO A 129 11.42 -4.42 2.64
CA PRO A 129 11.07 -5.11 3.85
C PRO A 129 12.24 -5.23 4.80
N GLN A 130 11.92 -5.43 6.06
CA GLN A 130 12.92 -5.58 7.07
C GLN A 130 13.65 -6.90 6.85
N LYS A 131 14.89 -6.77 6.55
CA LYS A 131 15.78 -7.85 6.27
C LYS A 131 16.55 -8.08 7.57
N GLY A 132 17.05 -9.29 7.80
CA GLY A 132 17.81 -9.53 9.02
C GLY A 132 19.09 -8.71 9.02
N ASP A 133 19.53 -8.45 7.82
CA ASP A 133 20.72 -7.70 7.52
C ASP A 133 20.36 -6.21 7.29
N GLY A 134 19.20 -5.81 7.78
CA GLY A 134 18.75 -4.43 7.61
C GLY A 134 17.55 -4.28 6.68
N TYR A 135 17.78 -3.88 5.45
CA TYR A 135 16.70 -3.65 4.47
C TYR A 135 17.07 -4.26 3.15
N ASP A 136 16.18 -5.05 2.60
CA ASP A 136 16.45 -5.74 1.35
C ASP A 136 16.17 -4.81 0.17
N TYR A 137 17.23 -4.26 -0.43
CA TYR A 137 17.02 -3.28 -1.50
C TYR A 137 16.56 -3.96 -2.76
N ALA A 138 16.69 -5.27 -2.77
CA ALA A 138 16.27 -6.04 -3.88
C ALA A 138 14.74 -6.13 -3.93
N ALA A 139 14.07 -5.57 -2.89
CA ALA A 139 12.61 -5.48 -2.86
C ALA A 139 12.07 -4.95 -4.15
N TRP A 140 12.64 -3.83 -4.53
CA TRP A 140 12.28 -3.10 -5.72
C TRP A 140 12.41 -3.95 -6.99
N VAL A 141 13.47 -4.76 -7.06
CA VAL A 141 13.75 -5.53 -8.27
C VAL A 141 13.07 -6.92 -8.26
N LYS A 142 12.65 -7.40 -7.10
CA LYS A 142 11.97 -8.70 -7.04
C LYS A 142 10.47 -8.51 -7.25
N THR A 143 9.85 -7.92 -6.24
CA THR A 143 8.42 -7.65 -6.12
C THR A 143 8.29 -6.97 -4.77
N ASN A 144 8.90 -7.61 -3.82
CA ASN A 144 9.04 -7.19 -2.47
C ASN A 144 10.15 -8.05 -1.99
#